data_2KPM
#
_entry.id   2KPM
#
_entity_poly.entity_id   1
_entity_poly.type   'polypeptide(L)'
_entity_poly.pdbx_seq_one_letter_code
;MDQKSSSPQPAAQAPETKQAFPRKFVLAALEQSSDDAGWANLGNFGNYLNKLQPDFDSRLYGYKKLSDLVKARTDLFVTE
ERQVPGSTQKALYLRAKLEHHHHHH
;
_entity_poly.pdbx_strand_id   A
#
# COMPACT_ATOMS: atom_id res chain seq x y z
N MET A 1 3.19 11.13 12.63
CA MET A 1 3.04 11.60 14.04
C MET A 1 1.80 10.94 14.67
N ASP A 2 2.01 9.75 15.23
CA ASP A 2 0.92 8.88 15.62
C ASP A 2 1.35 7.85 16.68
N GLN A 3 0.44 6.96 17.05
CA GLN A 3 0.71 5.92 18.04
C GLN A 3 1.23 4.65 17.35
N LYS A 4 2.52 4.37 17.51
CA LYS A 4 3.15 3.22 16.85
C LYS A 4 2.68 1.89 17.48
N SER A 5 1.51 1.43 17.06
CA SER A 5 0.93 0.17 17.54
C SER A 5 1.18 -0.98 16.56
N SER A 6 1.02 -2.21 17.03
CA SER A 6 1.20 -3.41 16.19
C SER A 6 0.20 -4.52 16.56
N SER A 7 0.17 -5.58 15.77
CA SER A 7 -0.78 -6.68 15.98
C SER A 7 -0.32 -7.98 15.32
N PRO A 8 -0.37 -9.12 16.04
CA PRO A 8 0.02 -10.43 15.49
C PRO A 8 -0.91 -10.90 14.35
N GLN A 9 -2.22 -10.73 14.53
CA GLN A 9 -3.23 -11.13 13.54
C GLN A 9 -3.21 -12.64 13.27
N PRO A 10 -4.11 -13.40 13.93
CA PRO A 10 -4.20 -14.86 13.77
C PRO A 10 -4.69 -15.28 12.38
N ALA A 11 -3.90 -16.08 11.67
CA ALA A 11 -4.24 -16.55 10.32
C ALA A 11 -5.28 -17.68 10.36
N ALA A 12 -6.28 -17.58 11.24
CA ALA A 12 -7.33 -18.59 11.37
C ALA A 12 -8.37 -18.49 10.23
N GLN A 13 -8.32 -17.38 9.49
CA GLN A 13 -9.24 -17.17 8.36
C GLN A 13 -8.83 -18.04 7.16
N ALA A 14 -9.81 -18.54 6.41
CA ALA A 14 -9.54 -19.31 5.20
C ALA A 14 -8.97 -18.42 4.09
N PRO A 15 -7.83 -18.82 3.47
CA PRO A 15 -7.16 -18.03 2.43
C PRO A 15 -8.11 -17.60 1.29
N GLU A 16 -8.38 -16.30 1.20
CA GLU A 16 -9.22 -15.76 0.13
C GLU A 16 -8.36 -15.33 -1.08
N THR A 17 -8.91 -14.46 -1.93
CA THR A 17 -8.21 -14.01 -3.15
C THR A 17 -6.80 -13.48 -2.87
N LYS A 18 -5.80 -14.12 -3.49
CA LYS A 18 -4.41 -13.63 -3.43
C LYS A 18 -4.04 -12.92 -4.74
N GLN A 19 -3.83 -11.62 -4.69
CA GLN A 19 -3.42 -10.84 -5.87
C GLN A 19 -2.04 -10.20 -5.66
N ALA A 20 -1.33 -9.97 -6.75
CA ALA A 20 -0.02 -9.31 -6.70
C ALA A 20 -0.15 -7.79 -6.56
N PHE A 21 0.84 -7.17 -5.92
CA PHE A 21 0.87 -5.71 -5.75
C PHE A 21 1.66 -5.03 -6.88
N PRO A 22 0.98 -4.37 -7.83
CA PRO A 22 1.67 -3.57 -8.85
C PRO A 22 2.14 -2.23 -8.26
N ARG A 23 3.40 -2.17 -7.86
CA ARG A 23 3.90 -1.02 -7.09
C ARG A 23 4.31 0.15 -7.98
N LYS A 24 4.64 -0.13 -9.25
CA LYS A 24 5.09 0.92 -10.16
C LYS A 24 4.00 1.99 -10.38
N PHE A 25 2.79 1.55 -10.74
CA PHE A 25 1.66 2.45 -10.93
C PHE A 25 1.23 3.12 -9.62
N VAL A 26 1.18 2.34 -8.54
CA VAL A 26 0.76 2.86 -7.23
C VAL A 26 1.72 3.95 -6.72
N LEU A 27 3.03 3.66 -6.73
CA LEU A 27 4.03 4.65 -6.33
C LEU A 27 4.01 5.87 -7.25
N ALA A 28 3.76 5.64 -8.55
CA ALA A 28 3.62 6.73 -9.52
C ALA A 28 2.47 7.67 -9.15
N ALA A 29 1.32 7.10 -8.78
CA ALA A 29 0.18 7.89 -8.31
C ALA A 29 0.49 8.59 -6.98
N LEU A 30 1.13 7.84 -6.08
CA LEU A 30 1.51 8.31 -4.75
C LEU A 30 2.37 9.59 -4.83
N GLU A 31 3.49 9.52 -5.55
CA GLU A 31 4.41 10.66 -5.68
C GLU A 31 3.72 11.88 -6.34
N GLN A 32 2.91 11.63 -7.36
CA GLN A 32 2.17 12.70 -8.05
C GLN A 32 1.08 13.30 -7.14
N SER A 33 0.59 12.52 -6.19
CA SER A 33 -0.41 13.00 -5.23
C SER A 33 0.24 13.57 -3.95
N SER A 34 1.57 13.70 -3.96
CA SER A 34 2.31 14.19 -2.80
C SER A 34 2.47 15.71 -2.80
N ASP A 35 2.54 16.29 -1.61
CA ASP A 35 2.88 17.71 -1.46
C ASP A 35 4.39 17.93 -1.67
N ASP A 36 4.82 19.18 -1.59
CA ASP A 36 6.22 19.55 -1.87
C ASP A 36 7.25 18.73 -1.06
N ALA A 37 6.92 18.39 0.19
CA ALA A 37 7.86 17.68 1.07
C ALA A 37 7.90 16.15 0.81
N GLY A 38 7.06 15.66 -0.09
CA GLY A 38 7.07 14.23 -0.42
C GLY A 38 6.13 13.40 0.45
N TRP A 39 4.94 13.93 0.72
CA TRP A 39 3.88 13.20 1.45
C TRP A 39 2.52 13.35 0.76
N ALA A 40 1.84 12.23 0.53
CA ALA A 40 0.53 12.25 -0.15
C ALA A 40 -0.62 11.95 0.81
N ASN A 41 -1.61 12.84 0.86
CA ASN A 41 -2.78 12.66 1.72
C ASN A 41 -3.64 11.46 1.24
N LEU A 42 -4.01 10.59 2.18
CA LEU A 42 -4.78 9.37 1.90
C LEU A 42 -5.93 9.60 0.90
N GLY A 43 -6.73 10.63 1.13
CA GLY A 43 -7.86 10.94 0.24
C GLY A 43 -7.44 11.18 -1.20
N ASN A 44 -6.48 12.08 -1.39
CA ASN A 44 -5.98 12.41 -2.73
C ASN A 44 -5.27 11.21 -3.37
N PHE A 45 -4.59 10.41 -2.55
CA PHE A 45 -3.92 9.19 -3.01
C PHE A 45 -4.94 8.19 -3.56
N GLY A 46 -5.95 7.86 -2.76
CA GLY A 46 -7.01 6.96 -3.21
C GLY A 46 -7.75 7.47 -4.44
N ASN A 47 -7.75 8.78 -4.62
CA ASN A 47 -8.37 9.42 -5.78
C ASN A 47 -7.49 9.24 -7.04
N TYR A 48 -6.26 9.77 -6.99
CA TYR A 48 -5.36 9.75 -8.14
C TYR A 48 -4.91 8.33 -8.50
N LEU A 49 -4.80 7.46 -7.49
CA LEU A 49 -4.46 6.07 -7.70
C LEU A 49 -5.46 5.37 -8.63
N ASN A 50 -6.75 5.57 -8.35
CA ASN A 50 -7.81 4.95 -9.15
C ASN A 50 -7.82 5.48 -10.59
N LYS A 51 -7.30 6.69 -10.79
CA LYS A 51 -7.16 7.27 -12.13
C LYS A 51 -6.17 6.46 -12.98
N LEU A 52 -5.08 6.02 -12.36
CA LEU A 52 -4.07 5.22 -13.05
C LEU A 52 -4.44 3.72 -13.06
N GLN A 53 -4.93 3.22 -11.93
CA GLN A 53 -5.32 1.82 -11.79
C GLN A 53 -6.75 1.66 -11.25
N PRO A 54 -7.76 1.65 -12.16
CA PRO A 54 -9.16 1.40 -11.76
C PRO A 54 -9.41 -0.06 -11.35
N ASP A 55 -8.51 -0.94 -11.81
CA ASP A 55 -8.57 -2.38 -11.53
C ASP A 55 -8.05 -2.70 -10.12
N PHE A 56 -7.40 -1.74 -9.48
CA PHE A 56 -6.77 -1.96 -8.17
C PHE A 56 -7.82 -1.88 -7.04
N ASP A 57 -8.28 -3.05 -6.59
CA ASP A 57 -9.33 -3.13 -5.55
C ASP A 57 -8.81 -3.83 -4.28
N SER A 58 -9.15 -3.26 -3.12
CA SER A 58 -8.65 -3.77 -1.83
C SER A 58 -9.24 -5.14 -1.46
N ARG A 59 -10.47 -5.42 -1.91
CA ARG A 59 -11.11 -6.71 -1.60
C ARG A 59 -10.45 -7.86 -2.38
N LEU A 60 -9.78 -7.51 -3.49
CA LEU A 60 -8.98 -8.48 -4.24
C LEU A 60 -7.78 -8.97 -3.40
N TYR A 61 -7.39 -8.16 -2.42
CA TYR A 61 -6.29 -8.50 -1.51
C TYR A 61 -6.82 -8.94 -0.13
N GLY A 62 -8.10 -8.69 0.13
CA GLY A 62 -8.73 -9.13 1.37
C GLY A 62 -8.85 -8.04 2.44
N TYR A 63 -8.69 -6.79 2.04
CA TYR A 63 -8.76 -5.66 3.00
C TYR A 63 -10.09 -4.91 2.90
N LYS A 64 -10.58 -4.43 4.05
CA LYS A 64 -11.84 -3.69 4.12
C LYS A 64 -11.80 -2.41 3.26
N LYS A 65 -10.67 -1.73 3.26
CA LYS A 65 -10.51 -0.47 2.52
C LYS A 65 -9.02 -0.21 2.19
N LEU A 66 -8.78 0.57 1.14
CA LEU A 66 -7.42 0.94 0.72
C LEU A 66 -6.57 1.46 1.89
N SER A 67 -7.18 2.25 2.76
CA SER A 67 -6.50 2.79 3.96
C SER A 67 -5.84 1.68 4.77
N ASP A 68 -6.59 0.62 5.07
CA ASP A 68 -6.09 -0.48 5.90
C ASP A 68 -4.98 -1.24 5.16
N LEU A 69 -5.14 -1.37 3.84
CA LEU A 69 -4.13 -2.01 2.97
C LEU A 69 -2.76 -1.33 3.11
N VAL A 70 -2.73 -0.01 3.03
CA VAL A 70 -1.48 0.75 3.10
C VAL A 70 -0.82 0.66 4.48
N LYS A 71 -1.58 0.91 5.54
CA LYS A 71 -1.06 0.85 6.93
C LYS A 71 -0.64 -0.58 7.32
N ALA A 72 -1.18 -1.59 6.63
CA ALA A 72 -0.76 -2.97 6.85
C ALA A 72 0.53 -3.28 6.08
N ARG A 73 0.54 -2.95 4.79
CA ARG A 73 1.69 -3.21 3.91
C ARG A 73 2.74 -2.09 3.99
N THR A 74 3.09 -1.70 5.21
CA THR A 74 4.09 -0.63 5.44
C THR A 74 5.46 -0.96 4.81
N ASP A 75 5.67 -2.23 4.46
CA ASP A 75 6.89 -2.63 3.75
C ASP A 75 7.02 -1.89 2.41
N LEU A 76 5.90 -1.76 1.71
CA LEU A 76 5.86 -1.05 0.41
C LEU A 76 5.65 0.46 0.59
N PHE A 77 4.85 0.85 1.58
CA PHE A 77 4.47 2.26 1.77
C PHE A 77 4.82 2.78 3.18
N VAL A 78 5.37 3.98 3.24
CA VAL A 78 5.67 4.63 4.52
C VAL A 78 4.43 5.40 5.02
N THR A 79 3.94 5.05 6.20
CA THR A 79 2.68 5.60 6.71
C THR A 79 2.85 6.43 7.98
N GLU A 80 2.28 7.64 7.98
CA GLU A 80 2.18 8.47 9.17
C GLU A 80 0.87 9.26 9.21
N GLU A 81 0.33 9.44 10.41
CA GLU A 81 -0.75 10.40 10.62
C GLU A 81 -0.14 11.77 10.91
N ARG A 82 -0.45 12.76 10.10
CA ARG A 82 0.08 14.11 10.29
C ARG A 82 -1.05 15.11 10.59
N GLN A 83 -0.81 16.04 11.50
CA GLN A 83 -1.84 17.01 11.88
C GLN A 83 -1.94 18.14 10.85
N VAL A 84 -3.15 18.47 10.43
CA VAL A 84 -3.37 19.50 9.42
C VAL A 84 -3.53 20.89 10.08
N PRO A 85 -2.69 21.86 9.69
CA PRO A 85 -2.69 23.21 10.30
C PRO A 85 -4.08 23.88 10.26
N GLY A 86 -4.67 24.06 11.45
CA GLY A 86 -5.97 24.73 11.55
C GLY A 86 -7.16 23.77 11.57
N SER A 87 -6.88 22.47 11.40
CA SER A 87 -7.95 21.45 11.39
C SER A 87 -8.01 20.70 12.74
N THR A 88 -9.19 20.19 13.10
CA THR A 88 -9.37 19.46 14.36
C THR A 88 -8.88 18.00 14.24
N GLN A 89 -9.05 17.41 13.07
CA GLN A 89 -8.63 16.02 12.84
C GLN A 89 -7.24 15.96 12.18
N LYS A 90 -6.57 14.82 12.31
CA LYS A 90 -5.29 14.58 11.64
C LYS A 90 -5.51 13.78 10.34
N ALA A 91 -4.67 14.01 9.34
CA ALA A 91 -4.80 13.32 8.05
C ALA A 91 -3.67 12.31 7.84
N LEU A 92 -4.00 11.16 7.28
CA LEU A 92 -3.00 10.11 7.02
C LEU A 92 -2.18 10.42 5.74
N TYR A 93 -0.90 10.71 5.92
CA TYR A 93 0.00 10.97 4.79
C TYR A 93 0.86 9.72 4.47
N LEU A 94 1.08 9.49 3.18
CA LEU A 94 1.77 8.28 2.71
C LEU A 94 2.92 8.66 1.74
N ARG A 95 4.00 7.89 1.77
CA ARG A 95 5.09 8.08 0.79
C ARG A 95 5.78 6.74 0.46
N ALA A 96 6.60 6.73 -0.59
CA ALA A 96 7.19 5.50 -1.11
C ALA A 96 8.35 4.95 -0.24
N LYS A 97 8.36 3.63 -0.05
CA LYS A 97 9.47 2.96 0.63
C LYS A 97 10.52 2.49 -0.39
N LEU A 98 11.75 2.98 -0.26
CA LEU A 98 12.83 2.59 -1.18
C LEU A 98 14.01 1.95 -0.44
N GLU A 99 14.71 1.06 -1.15
CA GLU A 99 15.90 0.38 -0.61
C GLU A 99 17.08 1.34 -0.43
N HIS A 100 18.23 0.78 -0.04
CA HIS A 100 19.48 1.54 0.07
C HIS A 100 20.63 0.73 -0.55
N HIS A 101 21.51 1.41 -1.28
CA HIS A 101 22.62 0.75 -2.00
C HIS A 101 23.38 -0.28 -1.15
N HIS A 102 23.17 -1.55 -1.48
CA HIS A 102 23.84 -2.67 -0.80
C HIS A 102 24.72 -3.46 -1.78
N HIS A 103 25.80 -4.05 -1.27
CA HIS A 103 26.79 -4.74 -2.14
C HIS A 103 27.49 -5.90 -1.41
N HIS A 104 28.25 -6.69 -2.17
CA HIS A 104 29.00 -7.81 -1.60
C HIS A 104 30.51 -7.52 -1.58
N HIS A 105 31.05 -7.30 -0.39
CA HIS A 105 32.48 -6.97 -0.20
C HIS A 105 32.82 -5.59 -0.81
N MET A 1 7.07 -54.43 -6.37
CA MET A 1 7.97 -53.30 -5.98
C MET A 1 7.18 -52.24 -5.19
N ASP A 2 7.36 -52.23 -3.88
CA ASP A 2 6.62 -51.33 -3.00
C ASP A 2 7.30 -49.96 -2.87
N GLN A 3 6.59 -48.91 -3.30
CA GLN A 3 7.13 -47.55 -3.26
C GLN A 3 6.50 -46.72 -2.14
N LYS A 4 7.35 -46.09 -1.32
CA LYS A 4 6.90 -45.16 -0.29
C LYS A 4 7.71 -43.85 -0.36
N SER A 5 7.26 -42.92 -1.19
CA SER A 5 7.93 -41.63 -1.36
C SER A 5 7.54 -40.63 -0.26
N SER A 6 8.16 -39.44 -0.27
CA SER A 6 7.89 -38.42 0.75
C SER A 6 7.15 -37.20 0.17
N SER A 7 6.26 -36.63 0.99
CA SER A 7 5.58 -35.37 0.69
C SER A 7 4.75 -35.40 -0.60
N PRO A 8 3.55 -36.02 -0.55
CA PRO A 8 2.60 -36.01 -1.67
C PRO A 8 1.54 -34.89 -1.54
N GLN A 9 1.27 -34.20 -2.64
CA GLN A 9 0.24 -33.15 -2.65
C GLN A 9 -1.13 -33.73 -3.04
N PRO A 10 -2.07 -33.84 -2.09
CA PRO A 10 -3.42 -34.39 -2.35
C PRO A 10 -4.27 -33.48 -3.26
N ALA A 11 -4.87 -34.06 -4.29
CA ALA A 11 -5.70 -33.31 -5.26
C ALA A 11 -6.89 -32.60 -4.59
N ALA A 12 -7.22 -33.01 -3.36
CA ALA A 12 -8.31 -32.39 -2.60
C ALA A 12 -7.93 -30.97 -2.10
N GLN A 13 -6.68 -30.57 -2.30
CA GLN A 13 -6.20 -29.24 -1.89
C GLN A 13 -6.52 -28.17 -2.95
N ALA A 14 -7.11 -27.07 -2.51
CA ALA A 14 -7.40 -25.93 -3.40
C ALA A 14 -6.16 -25.06 -3.62
N PRO A 15 -5.98 -24.51 -4.85
CA PRO A 15 -4.81 -23.68 -5.17
C PRO A 15 -4.82 -22.31 -4.45
N GLU A 16 -3.65 -21.84 -4.05
CA GLU A 16 -3.50 -20.52 -3.43
C GLU A 16 -3.99 -19.40 -4.37
N THR A 17 -5.23 -18.97 -4.17
CA THR A 17 -5.81 -17.86 -4.95
C THR A 17 -5.25 -16.52 -4.45
N LYS A 18 -4.30 -15.96 -5.19
CA LYS A 18 -3.64 -14.71 -4.79
C LYS A 18 -3.40 -13.77 -6.00
N GLN A 19 -3.53 -12.47 -5.75
CA GLN A 19 -3.18 -11.44 -6.74
C GLN A 19 -1.81 -10.83 -6.42
N ALA A 20 -1.13 -10.31 -7.44
CA ALA A 20 0.19 -9.70 -7.26
C ALA A 20 0.10 -8.17 -7.22
N PHE A 21 0.57 -7.57 -6.12
CA PHE A 21 0.56 -6.10 -5.95
C PHE A 21 1.42 -5.42 -7.02
N PRO A 22 0.83 -4.61 -7.93
CA PRO A 22 1.59 -3.81 -8.87
C PRO A 22 2.00 -2.45 -8.26
N ARG A 23 3.24 -2.37 -7.76
CA ARG A 23 3.70 -1.16 -7.07
C ARG A 23 4.13 -0.07 -8.06
N LYS A 24 4.49 -0.47 -9.27
CA LYS A 24 4.92 0.47 -10.32
C LYS A 24 3.91 1.62 -10.49
N PHE A 25 2.63 1.26 -10.65
CA PHE A 25 1.57 2.25 -10.87
C PHE A 25 1.15 2.93 -9.56
N VAL A 26 1.06 2.17 -8.47
CA VAL A 26 0.66 2.72 -7.17
C VAL A 26 1.62 3.83 -6.70
N LEU A 27 2.91 3.52 -6.68
CA LEU A 27 3.93 4.49 -6.28
C LEU A 27 3.95 5.70 -7.23
N ALA A 28 3.70 5.45 -8.51
CA ALA A 28 3.59 6.52 -9.51
C ALA A 28 2.41 7.47 -9.20
N ALA A 29 1.27 6.89 -8.82
CA ALA A 29 0.11 7.68 -8.43
C ALA A 29 0.41 8.49 -7.16
N LEU A 30 1.15 7.88 -6.24
CA LEU A 30 1.55 8.51 -4.98
C LEU A 30 2.41 9.77 -5.24
N GLU A 31 3.53 9.59 -5.93
CA GLU A 31 4.46 10.69 -6.19
C GLU A 31 3.81 11.85 -6.97
N GLN A 32 2.92 11.51 -7.91
CA GLN A 32 2.21 12.51 -8.71
C GLN A 32 1.24 13.36 -7.86
N SER A 33 0.94 12.90 -6.65
CA SER A 33 0.06 13.64 -5.73
C SER A 33 0.80 14.02 -4.44
N SER A 34 2.13 13.89 -4.44
CA SER A 34 2.94 14.18 -3.24
C SER A 34 3.50 15.61 -3.24
N ASP A 35 3.73 16.16 -2.05
CA ASP A 35 4.40 17.44 -1.90
C ASP A 35 5.85 17.40 -2.40
N ASP A 36 6.52 18.55 -2.40
CA ASP A 36 7.91 18.65 -2.84
C ASP A 36 8.82 17.70 -2.02
N ALA A 37 8.51 17.55 -0.73
CA ALA A 37 9.27 16.66 0.17
C ALA A 37 8.86 15.18 0.02
N GLY A 38 7.80 14.93 -0.75
CA GLY A 38 7.33 13.56 -0.96
C GLY A 38 6.30 13.09 0.07
N TRP A 39 5.19 13.81 0.18
CA TRP A 39 4.08 13.42 1.07
C TRP A 39 2.72 13.61 0.38
N ALA A 40 1.94 12.54 0.27
CA ALA A 40 0.61 12.61 -0.36
C ALA A 40 -0.50 12.24 0.62
N ASN A 41 -1.51 13.10 0.73
CA ASN A 41 -2.67 12.82 1.58
C ASN A 41 -3.46 11.60 1.05
N LEU A 42 -3.85 10.70 1.97
CA LEU A 42 -4.60 9.49 1.63
C LEU A 42 -5.77 9.76 0.66
N GLY A 43 -6.47 10.87 0.88
CA GLY A 43 -7.59 11.24 0.02
C GLY A 43 -7.19 11.45 -1.44
N ASN A 44 -6.23 12.36 -1.65
CA ASN A 44 -5.75 12.66 -3.01
C ASN A 44 -5.06 11.43 -3.65
N PHE A 45 -4.30 10.70 -2.84
CA PHE A 45 -3.65 9.46 -3.29
C PHE A 45 -4.68 8.44 -3.77
N GLY A 46 -5.66 8.14 -2.91
CA GLY A 46 -6.70 7.19 -3.27
C GLY A 46 -7.46 7.58 -4.54
N ASN A 47 -7.76 8.87 -4.68
CA ASN A 47 -8.44 9.40 -5.86
C ASN A 47 -7.59 9.18 -7.13
N TYR A 48 -6.35 9.69 -7.11
CA TYR A 48 -5.47 9.62 -8.28
C TYR A 48 -5.06 8.16 -8.58
N LEU A 49 -4.97 7.33 -7.54
CA LEU A 49 -4.59 5.93 -7.70
C LEU A 49 -5.57 5.18 -8.62
N ASN A 50 -6.87 5.29 -8.32
CA ASN A 50 -7.89 4.59 -9.10
C ASN A 50 -7.93 5.09 -10.56
N LYS A 51 -7.44 6.31 -10.79
CA LYS A 51 -7.34 6.85 -12.15
C LYS A 51 -6.33 6.04 -12.99
N LEU A 52 -5.24 5.61 -12.35
CA LEU A 52 -4.20 4.85 -13.04
C LEU A 52 -4.52 3.33 -13.03
N GLN A 53 -5.05 2.83 -11.92
CA GLN A 53 -5.39 1.41 -11.79
C GLN A 53 -6.81 1.20 -11.25
N PRO A 54 -7.84 1.27 -12.13
CA PRO A 54 -9.23 0.95 -11.74
C PRO A 54 -9.40 -0.55 -11.45
N ASP A 55 -8.48 -1.35 -12.00
CA ASP A 55 -8.46 -2.80 -11.79
C ASP A 55 -7.98 -3.16 -10.37
N PHE A 56 -7.30 -2.21 -9.72
CA PHE A 56 -6.72 -2.44 -8.39
C PHE A 56 -7.74 -2.16 -7.26
N ASP A 57 -8.22 -3.23 -6.64
CA ASP A 57 -9.22 -3.12 -5.58
C ASP A 57 -8.73 -3.80 -4.27
N SER A 58 -8.93 -3.10 -3.15
CA SER A 58 -8.50 -3.60 -1.84
C SER A 58 -9.27 -4.86 -1.40
N ARG A 59 -10.56 -4.92 -1.74
CA ARG A 59 -11.41 -6.05 -1.33
C ARG A 59 -10.91 -7.37 -1.94
N LEU A 60 -10.36 -7.31 -3.16
CA LEU A 60 -9.76 -8.47 -3.82
C LEU A 60 -8.68 -9.13 -2.94
N TYR A 61 -7.89 -8.30 -2.26
CA TYR A 61 -6.76 -8.76 -1.46
C TYR A 61 -7.16 -9.07 -0.01
N GLY A 62 -8.46 -9.01 0.29
CA GLY A 62 -8.93 -9.31 1.64
C GLY A 62 -8.89 -8.10 2.58
N TYR A 63 -8.78 -6.90 2.00
CA TYR A 63 -8.79 -5.66 2.78
C TYR A 63 -10.11 -4.90 2.62
N LYS A 64 -10.47 -4.11 3.64
CA LYS A 64 -11.73 -3.36 3.62
C LYS A 64 -11.61 -2.04 2.85
N LYS A 65 -10.47 -1.38 2.98
CA LYS A 65 -10.26 -0.10 2.29
C LYS A 65 -8.78 0.10 1.90
N LEU A 66 -8.47 1.22 1.27
CA LEU A 66 -7.11 1.50 0.83
C LEU A 66 -6.15 1.69 2.02
N SER A 67 -6.55 2.51 3.00
CA SER A 67 -5.72 2.76 4.19
C SER A 67 -5.38 1.46 4.91
N ASP A 68 -6.39 0.60 5.11
CA ASP A 68 -6.21 -0.74 5.69
C ASP A 68 -5.03 -1.46 4.99
N LEU A 69 -5.02 -1.39 3.66
CA LEU A 69 -3.96 -2.00 2.84
C LEU A 69 -2.62 -1.26 3.01
N VAL A 70 -2.66 0.07 2.92
CA VAL A 70 -1.44 0.89 2.99
C VAL A 70 -0.70 0.73 4.33
N LYS A 71 -1.38 1.00 5.44
CA LYS A 71 -0.75 0.93 6.76
C LYS A 71 -0.37 -0.51 7.13
N ALA A 72 -1.01 -1.48 6.48
CA ALA A 72 -0.66 -2.89 6.66
C ALA A 72 0.61 -3.25 5.87
N ARG A 73 0.71 -2.75 4.64
CA ARG A 73 1.87 -3.00 3.79
C ARG A 73 2.95 -1.91 3.95
N THR A 74 3.43 -1.74 5.18
CA THR A 74 4.53 -0.80 5.46
C THR A 74 5.77 -1.15 4.63
N ASP A 75 5.81 -2.41 4.17
CA ASP A 75 6.84 -2.89 3.25
C ASP A 75 6.99 -1.96 2.03
N LEU A 76 5.86 -1.51 1.50
CA LEU A 76 5.83 -0.65 0.31
C LEU A 76 5.57 0.83 0.67
N PHE A 77 4.76 1.06 1.68
CA PHE A 77 4.29 2.43 1.99
C PHE A 77 4.69 2.88 3.41
N VAL A 78 5.19 4.11 3.51
CA VAL A 78 5.49 4.73 4.81
C VAL A 78 4.32 5.62 5.24
N THR A 79 3.77 5.37 6.42
CA THR A 79 2.56 6.09 6.89
C THR A 79 2.82 6.95 8.14
N GLU A 80 2.39 8.21 8.10
CA GLU A 80 2.38 9.09 9.28
C GLU A 80 1.13 9.97 9.31
N GLU A 81 0.41 9.95 10.43
CA GLU A 81 -0.79 10.77 10.60
C GLU A 81 -0.41 12.16 11.14
N ARG A 82 -0.80 13.20 10.43
CA ARG A 82 -0.42 14.58 10.78
C ARG A 82 -1.67 15.40 11.13
N GLN A 83 -1.60 16.21 12.18
CA GLN A 83 -2.75 17.00 12.62
C GLN A 83 -2.93 18.24 11.73
N VAL A 84 -4.17 18.53 11.35
CA VAL A 84 -4.48 19.61 10.41
C VAL A 84 -4.69 20.96 11.11
N PRO A 85 -3.90 22.00 10.73
CA PRO A 85 -4.04 23.35 11.32
C PRO A 85 -5.47 23.91 11.24
N GLY A 86 -6.00 24.36 12.37
CA GLY A 86 -7.38 24.87 12.41
C GLY A 86 -8.41 23.78 12.68
N SER A 87 -8.03 22.52 12.45
CA SER A 87 -8.91 21.37 12.67
C SER A 87 -8.41 20.49 13.82
N THR A 88 -9.32 19.88 14.55
CA THR A 88 -8.94 19.00 15.67
C THR A 88 -8.68 17.55 15.19
N GLN A 89 -8.93 17.30 13.91
CA GLN A 89 -8.70 15.97 13.33
C GLN A 89 -7.30 15.85 12.71
N LYS A 90 -6.84 14.61 12.54
CA LYS A 90 -5.55 14.33 11.90
C LYS A 90 -5.76 13.69 10.51
N ALA A 91 -4.91 14.07 9.55
CA ALA A 91 -4.96 13.49 8.19
C ALA A 91 -3.76 12.58 7.93
N LEU A 92 -4.01 11.43 7.30
CA LEU A 92 -2.96 10.45 7.01
C LEU A 92 -2.18 10.82 5.74
N TYR A 93 -0.86 11.05 5.89
CA TYR A 93 0.01 11.32 4.74
C TYR A 93 0.93 10.13 4.46
N LEU A 94 1.15 9.84 3.18
CA LEU A 94 1.87 8.64 2.75
C LEU A 94 3.08 8.99 1.86
N ARG A 95 4.13 8.17 1.92
CA ARG A 95 5.26 8.29 1.00
C ARG A 95 5.83 6.91 0.65
N ALA A 96 6.46 6.81 -0.51
CA ALA A 96 6.97 5.52 -1.01
C ALA A 96 8.18 5.00 -0.23
N LYS A 97 8.26 3.68 -0.07
CA LYS A 97 9.40 3.04 0.57
C LYS A 97 10.58 2.94 -0.42
N LEU A 98 11.57 3.82 -0.26
CA LEU A 98 12.73 3.83 -1.14
C LEU A 98 13.85 2.92 -0.60
N GLU A 99 14.11 1.82 -1.30
CA GLU A 99 15.14 0.83 -0.88
C GLU A 99 16.57 1.33 -1.18
N HIS A 100 16.82 2.62 -0.96
CA HIS A 100 18.13 3.25 -1.19
C HIS A 100 18.50 3.31 -2.68
N HIS A 101 17.74 2.62 -3.53
CA HIS A 101 17.95 2.72 -4.98
C HIS A 101 17.44 4.06 -5.51
N HIS A 102 18.30 5.08 -5.41
CA HIS A 102 17.97 6.43 -5.86
C HIS A 102 18.34 6.62 -7.34
N HIS A 103 17.33 6.84 -8.19
CA HIS A 103 17.57 7.05 -9.62
C HIS A 103 18.47 8.29 -9.84
N HIS A 104 19.71 8.03 -10.22
CA HIS A 104 20.74 9.05 -10.38
C HIS A 104 20.39 10.11 -11.44
N HIS A 105 20.62 11.38 -11.11
CA HIS A 105 20.44 12.49 -12.06
C HIS A 105 21.74 13.30 -12.21
N MET A 1 9.83 -15.30 26.25
CA MET A 1 8.74 -14.33 25.98
C MET A 1 8.30 -14.38 24.52
N ASP A 2 6.99 -14.49 24.30
CA ASP A 2 6.40 -14.49 22.95
C ASP A 2 5.37 -13.36 22.82
N GLN A 3 4.90 -13.11 21.59
CA GLN A 3 3.93 -12.03 21.35
C GLN A 3 2.51 -12.57 21.15
N LYS A 4 2.35 -13.56 20.26
CA LYS A 4 1.02 -14.14 19.93
C LYS A 4 0.15 -13.13 19.16
N SER A 5 -0.10 -11.96 19.76
CA SER A 5 -0.75 -10.84 19.07
C SER A 5 0.03 -10.43 17.81
N SER A 6 1.34 -10.67 17.82
CA SER A 6 2.20 -10.43 16.67
C SER A 6 2.91 -11.72 16.25
N SER A 7 2.25 -12.50 15.40
CA SER A 7 2.77 -13.83 14.99
C SER A 7 2.23 -14.22 13.60
N PRO A 8 2.90 -15.18 12.92
CA PRO A 8 2.45 -15.68 11.60
C PRO A 8 1.22 -16.61 11.70
N GLN A 9 0.81 -17.16 10.57
CA GLN A 9 -0.34 -18.07 10.52
C GLN A 9 0.04 -19.44 9.91
N PRO A 10 -0.24 -20.54 10.63
CA PRO A 10 0.09 -21.90 10.16
C PRO A 10 -0.79 -22.38 8.98
N ALA A 11 -0.43 -23.53 8.41
CA ALA A 11 -1.09 -24.05 7.20
C ALA A 11 -2.58 -24.40 7.40
N ALA A 12 -3.11 -24.16 8.59
CA ALA A 12 -4.54 -24.40 8.88
C ALA A 12 -5.46 -23.49 8.04
N GLN A 13 -4.92 -22.35 7.58
CA GLN A 13 -5.71 -21.38 6.81
C GLN A 13 -5.99 -21.86 5.38
N ALA A 14 -7.21 -21.60 4.89
CA ALA A 14 -7.65 -22.03 3.56
C ALA A 14 -6.87 -21.33 2.42
N PRO A 15 -6.79 -21.97 1.23
CA PRO A 15 -6.07 -21.42 0.07
C PRO A 15 -6.54 -20.00 -0.32
N GLU A 16 -5.65 -19.02 -0.14
CA GLU A 16 -5.95 -17.62 -0.44
C GLU A 16 -5.86 -17.30 -1.94
N THR A 17 -6.68 -16.36 -2.39
CA THR A 17 -6.64 -15.88 -3.78
C THR A 17 -5.48 -14.90 -3.98
N LYS A 18 -4.44 -15.34 -4.66
CA LYS A 18 -3.18 -14.61 -4.72
C LYS A 18 -3.07 -13.67 -5.93
N GLN A 19 -2.90 -12.38 -5.65
CA GLN A 19 -2.59 -11.37 -6.67
C GLN A 19 -1.37 -10.53 -6.25
N ALA A 20 -0.53 -10.19 -7.21
CA ALA A 20 0.68 -9.40 -6.94
C ALA A 20 0.39 -7.89 -6.99
N PHE A 21 0.76 -7.16 -5.93
CA PHE A 21 0.59 -5.70 -5.87
C PHE A 21 1.39 -4.99 -6.98
N PRO A 22 0.71 -4.36 -7.96
CA PRO A 22 1.42 -3.60 -9.00
C PRO A 22 1.90 -2.24 -8.47
N ARG A 23 3.17 -2.18 -8.05
CA ARG A 23 3.72 -0.98 -7.43
C ARG A 23 4.19 0.05 -8.46
N LYS A 24 4.47 -0.39 -9.69
CA LYS A 24 4.86 0.51 -10.78
C LYS A 24 3.86 1.67 -10.92
N PHE A 25 2.57 1.34 -11.00
CA PHE A 25 1.51 2.35 -11.13
C PHE A 25 1.17 3.00 -9.78
N VAL A 26 1.08 2.19 -8.72
CA VAL A 26 0.72 2.71 -7.38
C VAL A 26 1.71 3.79 -6.90
N LEU A 27 3.01 3.47 -6.91
CA LEU A 27 4.05 4.43 -6.51
C LEU A 27 4.01 5.68 -7.40
N ALA A 28 3.70 5.48 -8.69
CA ALA A 28 3.56 6.58 -9.65
C ALA A 28 2.41 7.52 -9.27
N ALA A 29 1.29 6.95 -8.84
CA ALA A 29 0.14 7.74 -8.40
C ALA A 29 0.42 8.45 -7.06
N LEU A 30 1.22 7.79 -6.23
CA LEU A 30 1.60 8.33 -4.91
C LEU A 30 2.52 9.56 -5.07
N GLU A 31 3.58 9.43 -5.87
CA GLU A 31 4.51 10.54 -6.09
C GLU A 31 3.83 11.74 -6.78
N GLN A 32 2.94 11.46 -7.73
CA GLN A 32 2.24 12.51 -8.49
C GLN A 32 1.17 13.22 -7.66
N SER A 33 0.97 12.78 -6.41
CA SER A 33 0.05 13.44 -5.47
C SER A 33 0.79 13.94 -4.21
N SER A 34 2.09 13.66 -4.14
CA SER A 34 2.91 14.04 -2.98
C SER A 34 3.20 15.55 -2.95
N ASP A 35 3.02 16.16 -1.77
CA ASP A 35 3.30 17.58 -1.58
C ASP A 35 4.81 17.83 -1.39
N ASP A 36 5.17 19.07 -1.04
CA ASP A 36 6.58 19.48 -0.96
C ASP A 36 7.42 18.60 -0.01
N ALA A 37 6.84 18.15 1.09
CA ALA A 37 7.57 17.33 2.07
C ALA A 37 7.72 15.86 1.61
N GLY A 38 7.19 15.55 0.43
CA GLY A 38 7.27 14.19 -0.11
C GLY A 38 6.13 13.28 0.34
N TRP A 39 5.24 13.82 1.16
CA TRP A 39 4.08 13.07 1.66
C TRP A 39 2.82 13.35 0.84
N ALA A 40 2.03 12.32 0.58
CA ALA A 40 0.77 12.46 -0.15
C ALA A 40 -0.44 12.10 0.73
N ASN A 41 -1.40 13.01 0.82
CA ASN A 41 -2.61 12.79 1.62
C ASN A 41 -3.43 11.61 1.06
N LEU A 42 -3.89 10.72 1.95
CA LEU A 42 -4.66 9.52 1.57
C LEU A 42 -5.77 9.85 0.55
N GLY A 43 -6.46 10.96 0.74
CA GLY A 43 -7.53 11.37 -0.17
C GLY A 43 -7.02 11.64 -1.59
N ASN A 44 -5.86 12.29 -1.70
CA ASN A 44 -5.25 12.58 -3.00
C ASN A 44 -4.69 11.32 -3.66
N PHE A 45 -4.04 10.48 -2.83
CA PHE A 45 -3.49 9.20 -3.29
C PHE A 45 -4.59 8.31 -3.89
N GLY A 46 -5.64 8.04 -3.11
CA GLY A 46 -6.75 7.22 -3.58
C GLY A 46 -7.46 7.82 -4.80
N ASN A 47 -7.41 9.14 -4.92
CA ASN A 47 -7.99 9.85 -6.07
C ASN A 47 -7.26 9.49 -7.37
N TYR A 48 -5.98 9.84 -7.45
CA TYR A 48 -5.20 9.65 -8.68
C TYR A 48 -4.86 8.16 -8.93
N LEU A 49 -4.74 7.39 -7.86
CA LEU A 49 -4.44 5.96 -7.97
C LEU A 49 -5.49 5.23 -8.82
N ASN A 50 -6.76 5.41 -8.49
CA ASN A 50 -7.85 4.73 -9.22
C ASN A 50 -7.94 5.19 -10.67
N LYS A 51 -7.38 6.36 -10.98
CA LYS A 51 -7.30 6.83 -12.36
C LYS A 51 -6.35 5.95 -13.18
N LEU A 52 -5.19 5.64 -12.60
CA LEU A 52 -4.18 4.80 -13.27
C LEU A 52 -4.59 3.32 -13.23
N GLN A 53 -5.04 2.85 -12.07
CA GLN A 53 -5.44 1.44 -11.90
C GLN A 53 -6.89 1.31 -11.39
N PRO A 54 -7.87 1.27 -12.31
CA PRO A 54 -9.29 1.04 -11.95
C PRO A 54 -9.55 -0.42 -11.55
N ASP A 55 -8.64 -1.30 -11.94
CA ASP A 55 -8.74 -2.73 -11.65
C ASP A 55 -8.31 -3.06 -10.20
N PHE A 56 -7.57 -2.15 -9.58
CA PHE A 56 -6.96 -2.41 -8.26
C PHE A 56 -7.97 -2.26 -7.13
N ASP A 57 -8.43 -3.38 -6.59
CA ASP A 57 -9.40 -3.40 -5.51
C ASP A 57 -8.81 -4.02 -4.23
N SER A 58 -9.16 -3.44 -3.07
CA SER A 58 -8.64 -3.89 -1.77
C SER A 58 -9.36 -5.15 -1.27
N ARG A 59 -10.64 -5.30 -1.66
CA ARG A 59 -11.45 -6.44 -1.21
C ARG A 59 -10.87 -7.76 -1.74
N LEU A 60 -10.25 -7.70 -2.91
CA LEU A 60 -9.53 -8.86 -3.49
C LEU A 60 -8.54 -9.48 -2.48
N TYR A 61 -7.92 -8.63 -1.66
CA TYR A 61 -6.90 -9.08 -0.70
C TYR A 61 -7.48 -9.27 0.71
N GLY A 62 -8.77 -8.99 0.88
CA GLY A 62 -9.42 -9.17 2.17
C GLY A 62 -9.59 -7.87 2.96
N TYR A 63 -9.00 -6.78 2.46
CA TYR A 63 -9.10 -5.47 3.14
C TYR A 63 -10.37 -4.72 2.71
N LYS A 64 -11.08 -4.12 3.66
CA LYS A 64 -12.32 -3.39 3.36
C LYS A 64 -12.06 -2.14 2.51
N LYS A 65 -10.88 -1.54 2.67
CA LYS A 65 -10.50 -0.35 1.90
C LYS A 65 -8.98 -0.11 1.88
N LEU A 66 -8.55 0.83 1.03
CA LEU A 66 -7.13 1.11 0.79
C LEU A 66 -6.38 1.53 2.07
N SER A 67 -7.04 2.30 2.93
CA SER A 67 -6.40 2.83 4.15
C SER A 67 -5.74 1.73 5.01
N ASP A 68 -6.52 0.70 5.35
CA ASP A 68 -6.04 -0.40 6.17
C ASP A 68 -4.96 -1.23 5.42
N LEU A 69 -5.08 -1.28 4.10
CA LEU A 69 -4.11 -1.98 3.26
C LEU A 69 -2.72 -1.33 3.33
N VAL A 70 -2.67 -0.02 3.07
CA VAL A 70 -1.40 0.71 3.01
C VAL A 70 -0.61 0.63 4.33
N LYS A 71 -1.30 0.86 5.45
CA LYS A 71 -0.65 0.82 6.78
C LYS A 71 -0.08 -0.59 7.09
N ALA A 72 -0.69 -1.61 6.53
CA ALA A 72 -0.25 -3.00 6.75
C ALA A 72 0.89 -3.39 5.79
N ARG A 73 1.26 -2.48 4.90
CA ARG A 73 2.32 -2.74 3.91
C ARG A 73 3.47 -1.71 4.03
N THR A 74 3.94 -1.51 5.26
CA THR A 74 5.04 -0.55 5.55
C THR A 74 6.30 -0.85 4.71
N ASP A 75 6.47 -2.09 4.31
CA ASP A 75 7.56 -2.49 3.41
C ASP A 75 7.52 -1.67 2.11
N LEU A 76 6.32 -1.49 1.58
CA LEU A 76 6.12 -0.79 0.30
C LEU A 76 5.84 0.71 0.51
N PHE A 77 5.02 1.03 1.51
CA PHE A 77 4.56 2.42 1.72
C PHE A 77 4.88 2.92 3.14
N VAL A 78 5.39 4.15 3.23
CA VAL A 78 5.65 4.80 4.53
C VAL A 78 4.39 5.53 5.02
N THR A 79 3.85 5.11 6.16
CA THR A 79 2.55 5.61 6.65
C THR A 79 2.68 6.37 7.99
N GLU A 80 2.09 7.57 8.04
CA GLU A 80 2.01 8.37 9.28
C GLU A 80 0.76 9.25 9.30
N GLU A 81 0.06 9.28 10.43
CA GLU A 81 -1.09 10.18 10.61
C GLU A 81 -0.60 11.53 11.15
N ARG A 82 -0.89 12.61 10.42
CA ARG A 82 -0.41 13.95 10.80
C ARG A 82 -1.62 14.87 11.10
N GLN A 83 -1.47 15.77 12.07
CA GLN A 83 -2.55 16.70 12.43
C GLN A 83 -2.60 17.88 11.44
N VAL A 84 -3.82 18.30 11.07
CA VAL A 84 -3.99 19.38 10.10
C VAL A 84 -4.01 20.75 10.79
N PRO A 85 -3.06 21.65 10.45
CA PRO A 85 -2.94 22.98 11.08
C PRO A 85 -4.24 23.81 10.99
N GLY A 86 -4.58 24.49 12.08
CA GLY A 86 -5.82 25.27 12.13
C GLY A 86 -7.07 24.40 12.19
N SER A 87 -6.89 23.09 12.36
CA SER A 87 -8.00 22.14 12.39
C SER A 87 -7.82 21.11 13.52
N THR A 88 -8.91 20.44 13.89
CA THR A 88 -8.88 19.43 14.97
C THR A 88 -8.64 18.01 14.42
N GLN A 89 -9.14 17.75 13.20
CA GLN A 89 -8.99 16.43 12.58
C GLN A 89 -7.53 16.14 12.17
N LYS A 90 -7.21 14.86 12.01
CA LYS A 90 -5.87 14.44 11.58
C LYS A 90 -5.94 13.63 10.27
N ALA A 91 -5.02 13.91 9.35
CA ALA A 91 -5.03 13.28 8.03
C ALA A 91 -3.88 12.27 7.87
N LEU A 92 -4.17 11.15 7.22
CA LEU A 92 -3.17 10.11 6.97
C LEU A 92 -2.31 10.45 5.75
N TYR A 93 -1.02 10.68 5.96
CA TYR A 93 -0.08 10.96 4.87
C TYR A 93 0.75 9.72 4.50
N LEU A 94 0.86 9.47 3.20
CA LEU A 94 1.54 8.29 2.66
C LEU A 94 2.66 8.71 1.71
N ARG A 95 3.81 8.04 1.76
CA ARG A 95 4.89 8.31 0.80
C ARG A 95 5.60 7.02 0.38
N ALA A 96 6.14 7.02 -0.83
CA ALA A 96 6.85 5.86 -1.38
C ALA A 96 8.06 5.47 -0.53
N LYS A 97 8.36 4.17 -0.45
CA LYS A 97 9.47 3.71 0.38
C LYS A 97 10.82 3.93 -0.32
N LEU A 98 11.48 5.02 0.04
CA LEU A 98 12.88 5.25 -0.33
C LEU A 98 13.77 4.68 0.78
N GLU A 99 14.30 3.48 0.56
CA GLU A 99 14.96 2.73 1.63
C GLU A 99 16.48 2.69 1.43
N HIS A 100 17.22 3.16 2.44
CA HIS A 100 18.68 3.17 2.37
C HIS A 100 19.23 1.73 2.45
N HIS A 101 19.74 1.24 1.32
CA HIS A 101 20.12 -0.18 1.19
C HIS A 101 21.64 -0.38 1.26
N HIS A 102 22.16 -0.53 2.47
CA HIS A 102 23.56 -0.93 2.73
C HIS A 102 24.58 -0.11 1.91
N HIS A 103 24.76 1.17 2.25
CA HIS A 103 25.74 2.03 1.57
C HIS A 103 26.20 3.20 2.45
N HIS A 104 27.52 3.40 2.51
CA HIS A 104 28.11 4.51 3.27
C HIS A 104 29.04 5.35 2.38
N HIS A 105 28.80 6.67 2.34
CA HIS A 105 29.61 7.56 1.48
C HIS A 105 31.09 7.62 1.94
N MET A 1 -43.88 -18.75 14.50
CA MET A 1 -43.95 -17.39 15.10
C MET A 1 -43.00 -16.42 14.37
N ASP A 2 -41.70 -16.63 14.51
CA ASP A 2 -40.69 -15.80 13.85
C ASP A 2 -39.92 -16.58 12.77
N GLN A 3 -39.89 -16.06 11.55
CA GLN A 3 -39.21 -16.73 10.43
C GLN A 3 -37.74 -16.32 10.34
N LYS A 4 -36.85 -17.23 10.72
CA LYS A 4 -35.40 -16.99 10.66
C LYS A 4 -34.80 -17.53 9.35
N SER A 5 -34.78 -16.70 8.31
CA SER A 5 -34.22 -17.09 7.01
C SER A 5 -32.68 -17.04 7.03
N SER A 6 -32.07 -17.99 7.73
CA SER A 6 -30.62 -18.03 7.92
C SER A 6 -30.18 -19.35 8.55
N SER A 7 -29.03 -19.87 8.10
CA SER A 7 -28.46 -21.10 8.66
C SER A 7 -27.66 -20.79 9.94
N PRO A 8 -27.94 -21.49 11.06
CA PRO A 8 -27.22 -21.27 12.33
C PRO A 8 -25.69 -21.37 12.17
N GLN A 9 -25.23 -22.23 11.25
CA GLN A 9 -23.81 -22.34 10.92
C GLN A 9 -23.57 -22.17 9.41
N PRO A 10 -23.39 -20.92 8.94
CA PRO A 10 -23.12 -20.65 7.52
C PRO A 10 -21.72 -21.12 7.09
N ALA A 11 -21.61 -21.62 5.86
CA ALA A 11 -20.33 -22.14 5.34
C ALA A 11 -19.22 -21.08 5.39
N ALA A 12 -18.26 -21.26 6.30
CA ALA A 12 -17.16 -20.31 6.47
C ALA A 12 -16.27 -20.25 5.22
N GLN A 13 -16.15 -19.05 4.63
CA GLN A 13 -15.35 -18.88 3.41
C GLN A 13 -13.89 -18.55 3.74
N ALA A 14 -13.01 -19.54 3.57
CA ALA A 14 -11.57 -19.34 3.79
C ALA A 14 -10.94 -18.57 2.61
N PRO A 15 -9.96 -17.68 2.87
CA PRO A 15 -9.33 -16.88 1.81
C PRO A 15 -8.65 -17.74 0.74
N GLU A 16 -9.35 -17.92 -0.38
CA GLU A 16 -8.85 -18.71 -1.51
C GLU A 16 -8.54 -17.80 -2.72
N THR A 17 -7.50 -18.16 -3.47
CA THR A 17 -7.02 -17.36 -4.61
C THR A 17 -6.33 -16.07 -4.14
N LYS A 18 -5.00 -16.03 -4.24
CA LYS A 18 -4.21 -14.90 -3.76
C LYS A 18 -3.97 -13.85 -4.86
N GLN A 19 -4.04 -12.58 -4.48
CA GLN A 19 -3.77 -11.46 -5.40
C GLN A 19 -2.30 -11.02 -5.34
N ALA A 20 -1.81 -10.46 -6.44
CA ALA A 20 -0.45 -9.89 -6.50
C ALA A 20 -0.48 -8.36 -6.59
N PHE A 21 0.41 -7.70 -5.85
CA PHE A 21 0.47 -6.23 -5.81
C PHE A 21 1.19 -5.64 -7.04
N PRO A 22 0.51 -4.77 -7.82
CA PRO A 22 1.18 -3.94 -8.82
C PRO A 22 1.67 -2.61 -8.22
N ARG A 23 2.96 -2.55 -7.87
CA ARG A 23 3.49 -1.40 -7.13
C ARG A 23 3.87 -0.22 -8.04
N LYS A 24 4.22 -0.50 -9.30
CA LYS A 24 4.64 0.57 -10.22
C LYS A 24 3.57 1.68 -10.34
N PHE A 25 2.38 1.31 -10.81
CA PHE A 25 1.29 2.28 -11.00
C PHE A 25 0.91 2.99 -9.69
N VAL A 26 0.98 2.25 -8.58
CA VAL A 26 0.66 2.81 -7.27
C VAL A 26 1.69 3.86 -6.83
N LEU A 27 2.98 3.53 -6.93
CA LEU A 27 4.05 4.47 -6.61
C LEU A 27 4.06 5.66 -7.58
N ALA A 28 3.66 5.42 -8.83
CA ALA A 28 3.51 6.48 -9.82
C ALA A 28 2.42 7.48 -9.40
N ALA A 29 1.27 6.95 -8.98
CA ALA A 29 0.18 7.78 -8.47
C ALA A 29 0.59 8.50 -7.19
N LEU A 30 1.33 7.81 -6.34
CA LEU A 30 1.82 8.35 -5.06
C LEU A 30 2.68 9.59 -5.27
N GLU A 31 3.78 9.45 -6.04
CA GLU A 31 4.71 10.57 -6.27
C GLU A 31 4.00 11.78 -6.93
N GLN A 32 3.07 11.50 -7.84
CA GLN A 32 2.33 12.55 -8.54
C GLN A 32 1.27 13.20 -7.63
N SER A 33 0.89 12.51 -6.55
CA SER A 33 -0.05 13.04 -5.56
C SER A 33 0.69 13.58 -4.33
N SER A 34 2.02 13.50 -4.35
CA SER A 34 2.85 13.93 -3.21
C SER A 34 2.95 15.45 -3.11
N ASP A 35 2.92 15.97 -1.88
CA ASP A 35 3.11 17.39 -1.62
C ASP A 35 4.59 17.77 -1.62
N ASP A 36 4.90 19.03 -1.30
CA ASP A 36 6.29 19.52 -1.28
C ASP A 36 7.21 18.65 -0.40
N ALA A 37 6.68 18.16 0.71
CA ALA A 37 7.46 17.33 1.65
C ALA A 37 7.65 15.89 1.16
N GLY A 38 7.05 15.55 0.02
CA GLY A 38 7.14 14.20 -0.52
C GLY A 38 6.04 13.27 0.01
N TRP A 39 5.24 13.75 0.94
CA TRP A 39 4.13 12.98 1.50
C TRP A 39 2.81 13.31 0.79
N ALA A 40 2.03 12.28 0.49
CA ALA A 40 0.73 12.44 -0.17
C ALA A 40 -0.43 12.12 0.79
N ASN A 41 -1.38 13.03 0.89
CA ASN A 41 -2.59 12.81 1.72
C ASN A 41 -3.42 11.65 1.16
N LEU A 42 -3.79 10.71 2.02
CA LEU A 42 -4.55 9.51 1.64
C LEU A 42 -5.71 9.83 0.66
N GLY A 43 -6.46 10.89 0.97
CA GLY A 43 -7.57 11.30 0.13
C GLY A 43 -7.16 11.67 -1.30
N ASN A 44 -5.99 12.29 -1.44
CA ASN A 44 -5.45 12.66 -2.75
C ASN A 44 -4.85 11.44 -3.46
N PHE A 45 -4.09 10.65 -2.70
CA PHE A 45 -3.46 9.42 -3.21
C PHE A 45 -4.50 8.46 -3.82
N GLY A 46 -5.54 8.13 -3.05
CA GLY A 46 -6.58 7.25 -3.54
C GLY A 46 -7.27 7.76 -4.79
N ASN A 47 -7.45 9.08 -4.87
CA ASN A 47 -8.08 9.72 -6.03
C ASN A 47 -7.27 9.46 -7.31
N TYR A 48 -6.01 9.89 -7.33
CA TYR A 48 -5.17 9.75 -8.53
C TYR A 48 -4.80 8.28 -8.79
N LEU A 49 -4.72 7.49 -7.73
CA LEU A 49 -4.42 6.05 -7.85
C LEU A 49 -5.46 5.34 -8.71
N ASN A 50 -6.74 5.56 -8.42
CA ASN A 50 -7.83 4.93 -9.17
C ASN A 50 -7.86 5.41 -10.64
N LYS A 51 -7.24 6.56 -10.91
CA LYS A 51 -7.14 7.07 -12.28
C LYS A 51 -6.15 6.24 -13.12
N LEU A 52 -5.12 5.71 -12.46
CA LEU A 52 -4.12 4.88 -13.13
C LEU A 52 -4.53 3.40 -13.13
N GLN A 53 -5.05 2.92 -12.00
CA GLN A 53 -5.51 1.53 -11.86
C GLN A 53 -6.89 1.44 -11.20
N PRO A 54 -7.98 1.65 -11.96
CA PRO A 54 -9.35 1.45 -11.44
C PRO A 54 -9.64 -0.04 -11.14
N ASP A 55 -8.78 -0.92 -11.68
CA ASP A 55 -8.86 -2.35 -11.40
C ASP A 55 -8.21 -2.71 -10.05
N PHE A 56 -7.51 -1.75 -9.45
CA PHE A 56 -6.82 -1.94 -8.18
C PHE A 56 -7.65 -1.42 -7.00
N ASP A 57 -8.33 -2.32 -6.29
CA ASP A 57 -9.14 -1.94 -5.13
C ASP A 57 -8.76 -2.76 -3.89
N SER A 58 -8.77 -2.11 -2.73
CA SER A 58 -8.40 -2.74 -1.46
C SER A 58 -9.19 -4.03 -1.16
N ARG A 59 -10.45 -4.08 -1.59
CA ARG A 59 -11.32 -5.24 -1.33
C ARG A 59 -10.72 -6.54 -1.91
N LEU A 60 -10.08 -6.44 -3.07
CA LEU A 60 -9.49 -7.60 -3.75
C LEU A 60 -8.44 -8.30 -2.87
N TYR A 61 -7.82 -7.54 -1.97
CA TYR A 61 -6.77 -8.08 -1.10
C TYR A 61 -7.28 -8.39 0.32
N GLY A 62 -8.61 -8.32 0.50
CA GLY A 62 -9.21 -8.66 1.79
C GLY A 62 -9.15 -7.53 2.83
N TYR A 63 -9.02 -6.29 2.36
CA TYR A 63 -9.00 -5.12 3.26
C TYR A 63 -10.30 -4.31 3.16
N LYS A 64 -10.66 -3.61 4.23
CA LYS A 64 -11.90 -2.83 4.27
C LYS A 64 -11.77 -1.50 3.50
N LYS A 65 -10.57 -0.93 3.51
CA LYS A 65 -10.29 0.28 2.73
C LYS A 65 -8.78 0.44 2.45
N LEU A 66 -8.44 1.43 1.62
CA LEU A 66 -7.05 1.64 1.18
C LEU A 66 -6.09 1.87 2.36
N SER A 67 -6.50 2.69 3.34
CA SER A 67 -5.65 3.00 4.49
C SER A 67 -5.17 1.75 5.22
N ASP A 68 -6.10 0.84 5.54
CA ASP A 68 -5.79 -0.42 6.21
C ASP A 68 -4.80 -1.27 5.39
N LEU A 69 -4.93 -1.20 4.07
CA LEU A 69 -4.00 -1.88 3.16
C LEU A 69 -2.58 -1.29 3.25
N VAL A 70 -2.49 0.02 3.07
CA VAL A 70 -1.19 0.73 3.05
C VAL A 70 -0.42 0.54 4.37
N LYS A 71 -1.09 0.76 5.50
CA LYS A 71 -0.44 0.64 6.82
C LYS A 71 -0.01 -0.81 7.11
N ALA A 72 -0.73 -1.78 6.52
CA ALA A 72 -0.38 -3.19 6.67
C ALA A 72 0.78 -3.60 5.74
N ARG A 73 1.13 -2.71 4.82
CA ARG A 73 2.22 -2.96 3.87
C ARG A 73 3.31 -1.88 3.96
N THR A 74 3.80 -1.62 5.19
CA THR A 74 4.91 -0.67 5.41
C THR A 74 6.17 -1.10 4.64
N ASP A 75 6.20 -2.36 4.24
CA ASP A 75 7.23 -2.88 3.33
C ASP A 75 7.31 -2.04 2.06
N LEU A 76 6.15 -1.73 1.49
CA LEU A 76 6.07 -0.97 0.22
C LEU A 76 5.93 0.54 0.45
N PHE A 77 5.13 0.93 1.45
CA PHE A 77 4.79 2.35 1.65
C PHE A 77 5.16 2.82 3.08
N VAL A 78 5.58 4.08 3.19
CA VAL A 78 5.84 4.70 4.50
C VAL A 78 4.63 5.54 4.93
N THR A 79 4.05 5.21 6.10
CA THR A 79 2.81 5.85 6.54
C THR A 79 2.98 6.66 7.84
N GLU A 80 2.49 7.90 7.84
CA GLU A 80 2.40 8.70 9.06
C GLU A 80 1.03 9.36 9.21
N GLU A 81 0.41 9.21 10.38
CA GLU A 81 -0.82 9.92 10.69
C GLU A 81 -0.49 11.29 11.29
N ARG A 82 -0.80 12.36 10.56
CA ARG A 82 -0.35 13.71 10.91
C ARG A 82 -1.53 14.64 11.25
N GLN A 83 -1.29 15.55 12.21
CA GLN A 83 -2.31 16.51 12.62
C GLN A 83 -2.39 17.69 11.62
N VAL A 84 -3.55 17.87 11.00
CA VAL A 84 -3.72 18.86 9.93
C VAL A 84 -4.22 20.23 10.46
N PRO A 85 -3.45 21.32 10.21
CA PRO A 85 -3.87 22.68 10.60
C PRO A 85 -5.23 23.08 10.00
N GLY A 86 -6.12 23.62 10.83
CA GLY A 86 -7.47 23.96 10.37
C GLY A 86 -8.45 22.81 10.58
N SER A 87 -7.94 21.59 10.60
CA SER A 87 -8.76 20.38 10.79
C SER A 87 -8.66 19.87 12.23
N THR A 88 -9.79 19.47 12.81
CA THR A 88 -9.80 18.93 14.18
C THR A 88 -9.33 17.47 14.21
N GLN A 89 -9.61 16.74 13.14
CA GLN A 89 -9.16 15.35 13.01
C GLN A 89 -7.83 15.25 12.25
N LYS A 90 -7.07 14.19 12.51
CA LYS A 90 -5.77 13.99 11.86
C LYS A 90 -5.92 13.15 10.57
N ALA A 91 -5.01 13.34 9.63
CA ALA A 91 -5.06 12.64 8.33
C ALA A 91 -3.86 11.71 8.14
N LEU A 92 -3.96 10.79 7.18
CA LEU A 92 -2.88 9.84 6.90
C LEU A 92 -2.08 10.23 5.64
N TYR A 93 -0.80 10.55 5.83
CA TYR A 93 0.10 10.88 4.71
C TYR A 93 1.01 9.70 4.35
N LEU A 94 1.20 9.48 3.06
CA LEU A 94 1.94 8.32 2.55
C LEU A 94 3.10 8.75 1.64
N ARG A 95 4.24 8.08 1.73
CA ARG A 95 5.34 8.30 0.78
C ARG A 95 6.01 6.98 0.38
N ALA A 96 6.84 7.03 -0.67
CA ALA A 96 7.45 5.83 -1.23
C ALA A 96 8.63 5.32 -0.38
N LYS A 97 8.72 4.00 -0.26
CA LYS A 97 9.82 3.35 0.48
C LYS A 97 11.11 3.30 -0.35
N LEU A 98 12.21 3.78 0.23
CA LEU A 98 13.52 3.67 -0.40
C LEU A 98 14.41 2.68 0.37
N GLU A 99 14.51 1.45 -0.15
CA GLU A 99 15.34 0.41 0.48
C GLU A 99 16.75 0.41 -0.13
N HIS A 100 17.72 0.94 0.61
CA HIS A 100 19.11 0.99 0.14
C HIS A 100 19.71 -0.42 0.08
N HIS A 101 19.12 -1.33 0.85
CA HIS A 101 19.48 -2.74 0.83
C HIS A 101 18.21 -3.60 0.92
N HIS A 102 17.74 -4.10 -0.24
CA HIS A 102 16.43 -4.77 -0.35
C HIS A 102 16.28 -5.94 0.64
N HIS A 103 17.17 -6.93 0.57
CA HIS A 103 17.13 -8.07 1.49
C HIS A 103 17.93 -7.79 2.77
N HIS A 104 17.25 -7.23 3.77
CA HIS A 104 17.89 -6.97 5.07
C HIS A 104 18.14 -8.30 5.81
N HIS A 105 19.25 -8.95 5.48
CA HIS A 105 19.60 -10.25 6.08
C HIS A 105 20.67 -10.09 7.18
N MET A 1 40.59 -20.02 -10.61
CA MET A 1 39.21 -19.49 -10.45
C MET A 1 38.18 -20.60 -10.70
N ASP A 2 37.05 -20.54 -9.99
CA ASP A 2 35.93 -21.46 -10.20
C ASP A 2 34.66 -20.95 -9.50
N GLN A 3 33.64 -20.64 -10.27
CA GLN A 3 32.40 -20.09 -9.73
C GLN A 3 31.17 -20.78 -10.36
N LYS A 4 30.76 -21.91 -9.78
CA LYS A 4 29.61 -22.66 -10.28
C LYS A 4 28.33 -22.31 -9.52
N SER A 5 27.38 -21.67 -10.20
CA SER A 5 26.07 -21.37 -9.62
C SER A 5 25.24 -22.65 -9.49
N SER A 6 25.08 -23.14 -8.26
CA SER A 6 24.37 -24.42 -8.03
C SER A 6 23.34 -24.30 -6.91
N SER A 7 22.07 -24.23 -7.31
CA SER A 7 20.95 -24.21 -6.36
C SER A 7 19.86 -25.21 -6.82
N PRO A 8 19.59 -26.26 -6.01
CA PRO A 8 18.65 -27.35 -6.38
C PRO A 8 17.27 -26.86 -6.87
N GLN A 9 16.74 -25.83 -6.21
CA GLN A 9 15.40 -25.28 -6.53
C GLN A 9 14.31 -26.39 -6.51
N PRO A 10 13.90 -26.82 -5.31
CA PRO A 10 12.89 -27.87 -5.14
C PRO A 10 11.45 -27.41 -5.47
N ALA A 11 10.60 -28.34 -5.90
CA ALA A 11 9.22 -28.04 -6.29
C ALA A 11 8.38 -27.53 -5.10
N ALA A 12 8.12 -26.22 -5.08
CA ALA A 12 7.34 -25.60 -4.00
C ALA A 12 5.83 -25.68 -4.27
N GLN A 13 5.04 -25.80 -3.21
CA GLN A 13 3.58 -25.88 -3.33
C GLN A 13 2.96 -24.48 -3.42
N ALA A 14 1.84 -24.38 -4.14
CA ALA A 14 1.18 -23.09 -4.36
C ALA A 14 0.17 -22.74 -3.26
N PRO A 15 0.29 -21.54 -2.66
CA PRO A 15 -0.69 -21.02 -1.70
C PRO A 15 -2.00 -20.56 -2.38
N GLU A 16 -2.86 -19.87 -1.61
CA GLU A 16 -4.11 -19.32 -2.16
C GLU A 16 -3.86 -18.30 -3.27
N THR A 17 -4.94 -17.82 -3.89
CA THR A 17 -4.84 -16.81 -4.96
C THR A 17 -4.16 -15.52 -4.47
N LYS A 18 -2.85 -15.44 -4.66
CA LYS A 18 -2.08 -14.27 -4.23
C LYS A 18 -1.95 -13.26 -5.37
N GLN A 19 -2.12 -11.97 -5.05
CA GLN A 19 -2.00 -10.91 -6.05
C GLN A 19 -0.78 -10.03 -5.77
N ALA A 20 0.04 -9.78 -6.80
CA ALA A 20 1.24 -8.96 -6.65
C ALA A 20 0.93 -7.46 -6.81
N PHE A 21 1.20 -6.69 -5.77
CA PHE A 21 0.96 -5.23 -5.78
C PHE A 21 1.80 -4.53 -6.88
N PRO A 22 1.14 -3.96 -7.91
CA PRO A 22 1.86 -3.23 -8.97
C PRO A 22 2.33 -1.85 -8.51
N ARG A 23 3.60 -1.74 -8.12
CA ARG A 23 4.14 -0.49 -7.60
C ARG A 23 4.45 0.52 -8.71
N LYS A 24 4.64 0.03 -9.93
CA LYS A 24 4.86 0.92 -11.10
C LYS A 24 3.76 1.99 -11.19
N PHE A 25 2.52 1.59 -10.90
CA PHE A 25 1.38 2.50 -10.96
C PHE A 25 1.11 3.17 -9.61
N VAL A 26 1.11 2.37 -8.54
CA VAL A 26 0.80 2.87 -7.19
C VAL A 26 1.80 3.95 -6.73
N LEU A 27 3.10 3.66 -6.84
CA LEU A 27 4.13 4.64 -6.47
C LEU A 27 4.09 5.87 -7.40
N ALA A 28 3.69 5.65 -8.65
CA ALA A 28 3.51 6.75 -9.61
C ALA A 28 2.40 7.70 -9.15
N ALA A 29 1.26 7.14 -8.77
CA ALA A 29 0.15 7.92 -8.24
C ALA A 29 0.55 8.63 -6.94
N LEU A 30 1.28 7.91 -6.10
CA LEU A 30 1.78 8.43 -4.83
C LEU A 30 2.65 9.68 -5.01
N GLU A 31 3.70 9.56 -5.82
CA GLU A 31 4.62 10.67 -6.05
C GLU A 31 3.93 11.87 -6.71
N GLN A 32 2.91 11.60 -7.53
CA GLN A 32 2.16 12.66 -8.22
C GLN A 32 1.05 13.27 -7.36
N SER A 33 0.88 12.75 -6.14
CA SER A 33 -0.11 13.30 -5.18
C SER A 33 0.55 13.74 -3.88
N SER A 34 1.89 13.77 -3.86
CA SER A 34 2.65 14.15 -2.66
C SER A 34 3.05 15.63 -2.68
N ASP A 35 3.17 16.23 -1.50
CA ASP A 35 3.72 17.58 -1.36
C ASP A 35 5.20 17.62 -1.76
N ASP A 36 5.77 18.82 -1.85
CA ASP A 36 7.20 18.98 -2.17
C ASP A 36 8.09 18.20 -1.17
N ALA A 37 7.63 18.10 0.08
CA ALA A 37 8.38 17.37 1.12
C ALA A 37 8.22 15.85 0.98
N GLY A 38 7.42 15.40 0.01
CA GLY A 38 7.21 13.98 -0.22
C GLY A 38 6.18 13.35 0.72
N TRP A 39 4.99 13.96 0.81
CA TRP A 39 3.90 13.43 1.64
C TRP A 39 2.56 13.57 0.93
N ALA A 40 1.89 12.44 0.67
CA ALA A 40 0.63 12.43 -0.06
C ALA A 40 -0.57 12.13 0.85
N ASN A 41 -1.55 13.03 0.87
CA ASN A 41 -2.78 12.82 1.63
C ASN A 41 -3.55 11.61 1.07
N LEU A 42 -3.91 10.69 1.95
CA LEU A 42 -4.65 9.46 1.58
C LEU A 42 -5.83 9.77 0.63
N GLY A 43 -6.59 10.81 0.95
CA GLY A 43 -7.75 11.19 0.14
C GLY A 43 -7.39 11.57 -1.30
N ASN A 44 -6.21 12.15 -1.48
CA ASN A 44 -5.74 12.53 -2.82
C ASN A 44 -5.06 11.35 -3.52
N PHE A 45 -4.31 10.57 -2.75
CA PHE A 45 -3.62 9.37 -3.25
C PHE A 45 -4.61 8.39 -3.87
N GLY A 46 -5.61 7.97 -3.09
CA GLY A 46 -6.61 7.02 -3.58
C GLY A 46 -7.35 7.52 -4.82
N ASN A 47 -7.63 8.82 -4.86
CA ASN A 47 -8.35 9.42 -5.99
C ASN A 47 -7.55 9.29 -7.29
N TYR A 48 -6.30 9.75 -7.27
CA TYR A 48 -5.43 9.69 -8.45
C TYR A 48 -5.01 8.25 -8.79
N LEU A 49 -4.85 7.42 -7.76
CA LEU A 49 -4.48 6.01 -7.94
C LEU A 49 -5.49 5.28 -8.84
N ASN A 50 -6.79 5.47 -8.57
CA ASN A 50 -7.85 4.82 -9.34
C ASN A 50 -7.81 5.21 -10.83
N LYS A 51 -7.21 6.36 -11.14
CA LYS A 51 -7.06 6.80 -12.54
C LYS A 51 -6.06 5.92 -13.29
N LEU A 52 -5.05 5.43 -12.57
CA LEU A 52 -4.01 4.59 -13.16
C LEU A 52 -4.44 3.11 -13.13
N GLN A 53 -4.96 2.65 -12.00
CA GLN A 53 -5.43 1.26 -11.86
C GLN A 53 -6.87 1.20 -11.30
N PRO A 54 -7.88 1.37 -12.16
CA PRO A 54 -9.30 1.27 -11.74
C PRO A 54 -9.72 -0.17 -11.41
N ASP A 55 -8.89 -1.12 -11.84
CA ASP A 55 -9.14 -2.55 -11.61
C ASP A 55 -8.46 -3.03 -10.31
N PHE A 56 -7.83 -2.09 -9.59
CA PHE A 56 -7.15 -2.40 -8.32
C PHE A 56 -8.11 -2.23 -7.14
N ASP A 57 -8.58 -3.35 -6.59
CA ASP A 57 -9.58 -3.33 -5.52
C ASP A 57 -9.02 -3.89 -4.19
N SER A 58 -9.42 -3.26 -3.08
CA SER A 58 -8.96 -3.68 -1.74
C SER A 58 -9.66 -4.97 -1.28
N ARG A 59 -10.92 -5.15 -1.68
CA ARG A 59 -11.70 -6.33 -1.26
C ARG A 59 -11.07 -7.63 -1.78
N LEU A 60 -10.48 -7.58 -2.98
CA LEU A 60 -9.76 -8.73 -3.55
C LEU A 60 -8.70 -9.28 -2.57
N TYR A 61 -7.98 -8.38 -1.91
CA TYR A 61 -6.93 -8.76 -0.96
C TYR A 61 -7.48 -9.07 0.44
N GLY A 62 -8.80 -9.03 0.58
CA GLY A 62 -9.43 -9.31 1.88
C GLY A 62 -9.69 -8.07 2.72
N TYR A 63 -9.17 -6.92 2.28
CA TYR A 63 -9.32 -5.68 3.04
C TYR A 63 -10.68 -5.02 2.80
N LYS A 64 -11.01 -4.05 3.66
CA LYS A 64 -12.25 -3.27 3.51
C LYS A 64 -11.97 -1.93 2.82
N LYS A 65 -10.94 -1.22 3.26
CA LYS A 65 -10.61 0.11 2.71
C LYS A 65 -9.11 0.30 2.47
N LEU A 66 -8.77 1.17 1.53
CA LEU A 66 -7.38 1.44 1.13
C LEU A 66 -6.47 1.83 2.33
N SER A 67 -7.00 2.62 3.26
CA SER A 67 -6.22 3.10 4.42
C SER A 67 -5.53 1.94 5.15
N ASP A 68 -6.32 0.95 5.54
CA ASP A 68 -5.83 -0.24 6.25
C ASP A 68 -4.82 -1.02 5.37
N LEU A 69 -5.10 -1.12 4.08
CA LEU A 69 -4.19 -1.78 3.12
C LEU A 69 -2.78 -1.16 3.16
N VAL A 70 -2.73 0.16 3.03
CA VAL A 70 -1.46 0.89 2.99
C VAL A 70 -0.66 0.72 4.30
N LYS A 71 -1.33 0.96 5.44
CA LYS A 71 -0.66 0.88 6.75
C LYS A 71 -0.29 -0.57 7.12
N ALA A 72 -0.97 -1.54 6.51
CA ALA A 72 -0.62 -2.95 6.70
C ALA A 72 0.63 -3.32 5.88
N ARG A 73 0.73 -2.75 4.69
CA ARG A 73 1.84 -3.04 3.77
C ARG A 73 2.96 -2.00 3.89
N THR A 74 3.39 -1.73 5.13
CA THR A 74 4.49 -0.80 5.41
C THR A 74 5.80 -1.24 4.73
N ASP A 75 5.87 -2.52 4.35
CA ASP A 75 6.98 -3.04 3.54
C ASP A 75 7.15 -2.25 2.23
N LEU A 76 6.03 -1.77 1.70
CA LEU A 76 6.00 -1.03 0.44
C LEU A 76 5.85 0.49 0.66
N PHE A 77 5.00 0.88 1.61
CA PHE A 77 4.64 2.29 1.80
C PHE A 77 5.00 2.80 3.21
N VAL A 78 5.47 4.05 3.28
CA VAL A 78 5.72 4.73 4.56
C VAL A 78 4.48 5.52 4.99
N THR A 79 3.94 5.20 6.16
CA THR A 79 2.67 5.80 6.63
C THR A 79 2.84 6.64 7.90
N GLU A 80 2.32 7.86 7.88
CA GLU A 80 2.20 8.69 9.09
C GLU A 80 0.89 9.47 9.11
N GLU A 81 0.22 9.47 10.26
CA GLU A 81 -0.95 10.32 10.44
C GLU A 81 -0.52 11.71 10.95
N ARG A 82 -0.80 12.74 10.15
CA ARG A 82 -0.35 14.10 10.45
C ARG A 82 -1.55 15.01 10.72
N GLN A 83 -1.35 15.99 11.59
CA GLN A 83 -2.44 16.86 12.01
C GLN A 83 -2.71 17.95 10.95
N VAL A 84 -3.99 18.19 10.66
CA VAL A 84 -4.38 19.12 9.60
C VAL A 84 -4.53 20.56 10.13
N PRO A 85 -3.85 21.54 9.50
CA PRO A 85 -3.90 22.95 9.92
C PRO A 85 -5.33 23.51 9.90
N GLY A 86 -5.72 24.18 10.99
CA GLY A 86 -7.08 24.70 11.12
C GLY A 86 -8.07 23.64 11.63
N SER A 87 -7.57 22.42 11.85
CA SER A 87 -8.40 21.31 12.32
C SER A 87 -7.74 20.58 13.50
N THR A 88 -8.56 19.94 14.33
CA THR A 88 -8.04 19.17 15.47
C THR A 88 -7.80 17.70 15.08
N GLN A 89 -8.40 17.29 13.97
CA GLN A 89 -8.26 15.91 13.47
C GLN A 89 -6.97 15.73 12.64
N LYS A 90 -6.53 14.47 12.51
CA LYS A 90 -5.32 14.15 11.74
C LYS A 90 -5.65 13.27 10.51
N ALA A 91 -4.96 13.53 9.39
CA ALA A 91 -5.14 12.75 8.16
C ALA A 91 -3.92 11.87 7.87
N LEU A 92 -4.14 10.76 7.17
CA LEU A 92 -3.05 9.82 6.87
C LEU A 92 -2.26 10.26 5.61
N TYR A 93 -0.99 10.64 5.82
CA TYR A 93 -0.09 11.01 4.72
C TYR A 93 0.90 9.87 4.41
N LEU A 94 1.16 9.65 3.13
CA LEU A 94 1.95 8.49 2.67
C LEU A 94 3.17 8.91 1.84
N ARG A 95 4.17 8.04 1.77
CA ARG A 95 5.31 8.23 0.84
C ARG A 95 6.02 6.90 0.54
N ALA A 96 6.87 6.90 -0.49
CA ALA A 96 7.53 5.66 -0.95
C ALA A 96 8.61 5.15 0.03
N LYS A 97 8.75 3.82 0.09
CA LYS A 97 9.74 3.17 0.97
C LYS A 97 11.11 3.03 0.28
N LEU A 98 12.18 3.28 1.04
CA LEU A 98 13.55 3.06 0.56
C LEU A 98 14.20 1.91 1.35
N GLU A 99 14.51 0.81 0.68
CA GLU A 99 15.07 -0.39 1.33
C GLU A 99 16.61 -0.39 1.34
N HIS A 100 17.20 0.30 0.36
CA HIS A 100 18.67 0.45 0.29
C HIS A 100 19.06 1.93 0.33
N HIS A 101 19.65 2.35 1.45
CA HIS A 101 19.96 3.77 1.66
C HIS A 101 21.18 4.21 0.83
N HIS A 102 21.04 5.32 0.11
CA HIS A 102 22.08 5.77 -0.82
C HIS A 102 23.35 6.27 -0.11
N HIS A 103 23.34 6.26 1.22
CA HIS A 103 24.57 6.45 2.01
C HIS A 103 25.35 5.11 2.11
N HIS A 104 24.99 4.16 1.24
CA HIS A 104 25.68 2.86 1.13
C HIS A 104 25.38 1.92 2.30
N HIS A 105 24.13 1.94 2.78
CA HIS A 105 23.67 1.01 3.81
C HIS A 105 22.15 1.17 4.08
N MET A 1 32.99 -24.75 -10.14
CA MET A 1 33.23 -23.28 -10.30
C MET A 1 31.93 -22.52 -10.58
N ASP A 2 31.06 -23.12 -11.39
CA ASP A 2 29.79 -22.50 -11.79
C ASP A 2 28.82 -22.35 -10.61
N GLN A 3 28.11 -21.21 -10.55
CA GLN A 3 27.13 -20.96 -9.49
C GLN A 3 25.87 -21.83 -9.65
N LYS A 4 25.90 -23.01 -9.05
CA LYS A 4 24.75 -23.94 -9.09
C LYS A 4 23.71 -23.61 -8.01
N SER A 5 23.27 -22.34 -7.98
CA SER A 5 22.22 -21.92 -7.04
C SER A 5 20.84 -22.41 -7.51
N SER A 6 20.42 -23.56 -6.99
CA SER A 6 19.15 -24.18 -7.39
C SER A 6 18.37 -24.69 -6.17
N SER A 7 17.11 -24.27 -6.04
CA SER A 7 16.26 -24.69 -4.92
C SER A 7 14.91 -25.22 -5.43
N PRO A 8 14.79 -26.55 -5.65
CA PRO A 8 13.54 -27.17 -6.10
C PRO A 8 12.59 -27.51 -4.95
N GLN A 9 11.50 -26.76 -4.82
CA GLN A 9 10.45 -27.09 -3.86
C GLN A 9 9.72 -28.38 -4.29
N PRO A 10 9.40 -29.28 -3.33
CA PRO A 10 8.74 -30.56 -3.65
C PRO A 10 7.44 -30.39 -4.45
N ALA A 11 7.20 -31.34 -5.36
CA ALA A 11 6.00 -31.31 -6.22
C ALA A 11 4.70 -31.11 -5.43
N ALA A 12 4.27 -29.86 -5.30
CA ALA A 12 3.05 -29.51 -4.57
C ALA A 12 2.11 -28.65 -5.42
N GLN A 13 0.95 -28.28 -4.86
CA GLN A 13 -0.05 -27.48 -5.58
C GLN A 13 0.16 -25.97 -5.33
N ALA A 14 -0.33 -25.16 -6.27
CA ALA A 14 -0.22 -23.71 -6.17
C ALA A 14 -1.21 -23.11 -5.15
N PRO A 15 -0.86 -21.97 -4.52
CA PRO A 15 -1.73 -21.31 -3.53
C PRO A 15 -3.06 -20.81 -4.11
N GLU A 16 -3.85 -20.12 -3.28
CA GLU A 16 -5.15 -19.56 -3.70
C GLU A 16 -4.95 -18.32 -4.59
N THR A 17 -6.04 -17.67 -4.98
CA THR A 17 -5.97 -16.49 -5.84
C THR A 17 -5.43 -15.26 -5.08
N LYS A 18 -4.11 -15.16 -5.02
CA LYS A 18 -3.43 -14.05 -4.35
C LYS A 18 -3.02 -12.97 -5.36
N GLN A 19 -3.51 -11.75 -5.17
CA GLN A 19 -3.27 -10.65 -6.12
C GLN A 19 -1.87 -10.02 -5.95
N ALA A 20 -1.35 -9.43 -7.02
CA ALA A 20 -0.01 -8.81 -7.00
C ALA A 20 -0.09 -7.27 -7.04
N PHE A 21 0.69 -6.62 -6.16
CA PHE A 21 0.74 -5.16 -6.09
C PHE A 21 1.58 -4.57 -7.24
N PRO A 22 0.98 -3.78 -8.15
CA PRO A 22 1.73 -3.08 -9.21
C PRO A 22 2.28 -1.74 -8.71
N ARG A 23 3.56 -1.72 -8.32
CA ARG A 23 4.17 -0.53 -7.73
C ARG A 23 4.58 0.51 -8.79
N LYS A 24 4.76 0.07 -10.03
CA LYS A 24 5.00 0.99 -11.16
C LYS A 24 3.89 2.06 -11.25
N PHE A 25 2.67 1.67 -10.94
CA PHE A 25 1.51 2.58 -11.01
C PHE A 25 1.18 3.19 -9.65
N VAL A 26 1.15 2.36 -8.59
CA VAL A 26 0.81 2.84 -7.25
C VAL A 26 1.79 3.94 -6.77
N LEU A 27 3.10 3.67 -6.86
CA LEU A 27 4.11 4.67 -6.49
C LEU A 27 4.03 5.90 -7.39
N ALA A 28 3.67 5.69 -8.65
CA ALA A 28 3.48 6.79 -9.61
C ALA A 28 2.35 7.73 -9.17
N ALA A 29 1.21 7.14 -8.80
CA ALA A 29 0.08 7.91 -8.29
C ALA A 29 0.44 8.62 -6.98
N LEU A 30 1.16 7.91 -6.13
CA LEU A 30 1.62 8.43 -4.84
C LEU A 30 2.47 9.71 -5.02
N GLU A 31 3.52 9.61 -5.85
CA GLU A 31 4.42 10.76 -6.07
C GLU A 31 3.70 11.93 -6.76
N GLN A 32 2.84 11.62 -7.72
CA GLN A 32 2.06 12.65 -8.44
C GLN A 32 1.00 13.30 -7.51
N SER A 33 0.80 12.71 -6.34
CA SER A 33 -0.12 13.25 -5.33
C SER A 33 0.64 13.76 -4.10
N SER A 34 1.97 13.82 -4.18
CA SER A 34 2.82 14.24 -3.05
C SER A 34 3.13 15.74 -3.07
N ASP A 35 3.46 16.27 -1.90
CA ASP A 35 3.99 17.64 -1.79
C ASP A 35 5.53 17.62 -1.84
N ASP A 36 6.15 18.80 -1.70
CA ASP A 36 7.61 18.92 -1.73
C ASP A 36 8.30 17.94 -0.75
N ALA A 37 7.70 17.74 0.43
CA ALA A 37 8.27 16.87 1.45
C ALA A 37 8.09 15.37 1.13
N GLY A 38 7.36 15.07 0.06
CA GLY A 38 7.13 13.68 -0.33
C GLY A 38 5.87 13.08 0.29
N TRP A 39 5.10 13.89 1.01
CA TRP A 39 3.87 13.43 1.66
C TRP A 39 2.65 13.58 0.73
N ALA A 40 1.90 12.50 0.56
CA ALA A 40 0.66 12.50 -0.24
C ALA A 40 -0.56 12.20 0.64
N ASN A 41 -1.54 13.11 0.63
CA ASN A 41 -2.76 12.92 1.42
C ASN A 41 -3.57 11.69 0.94
N LEU A 42 -3.95 10.83 1.88
CA LEU A 42 -4.72 9.60 1.59
C LEU A 42 -5.89 9.85 0.62
N GLY A 43 -6.62 10.94 0.83
CA GLY A 43 -7.74 11.28 -0.05
C GLY A 43 -7.31 11.49 -1.50
N ASN A 44 -6.26 12.27 -1.71
CA ASN A 44 -5.74 12.55 -3.04
C ASN A 44 -5.12 11.30 -3.68
N PHE A 45 -4.33 10.57 -2.90
CA PHE A 45 -3.71 9.32 -3.36
C PHE A 45 -4.76 8.31 -3.82
N GLY A 46 -5.77 8.07 -2.97
CA GLY A 46 -6.83 7.12 -3.32
C GLY A 46 -7.56 7.50 -4.60
N ASN A 47 -7.81 8.80 -4.79
CA ASN A 47 -8.50 9.29 -5.99
C ASN A 47 -7.62 9.08 -7.24
N TYR A 48 -6.37 9.52 -7.16
CA TYR A 48 -5.45 9.49 -8.32
C TYR A 48 -5.01 8.06 -8.66
N LEU A 49 -4.92 7.20 -7.64
CA LEU A 49 -4.51 5.80 -7.82
C LEU A 49 -5.48 5.03 -8.72
N ASN A 50 -6.79 5.17 -8.44
CA ASN A 50 -7.82 4.45 -9.19
C ASN A 50 -7.84 4.86 -10.68
N LYS A 51 -7.24 6.02 -11.00
CA LYS A 51 -7.10 6.45 -12.39
C LYS A 51 -6.09 5.57 -13.15
N LEU A 52 -4.97 5.26 -12.48
CA LEU A 52 -3.92 4.45 -13.08
C LEU A 52 -4.27 2.95 -13.02
N GLN A 53 -4.77 2.50 -11.88
CA GLN A 53 -5.18 1.10 -11.69
C GLN A 53 -6.64 1.00 -11.20
N PRO A 54 -7.63 1.06 -12.11
CA PRO A 54 -9.06 0.98 -11.75
C PRO A 54 -9.45 -0.41 -11.23
N ASP A 55 -8.69 -1.43 -11.61
CA ASP A 55 -8.98 -2.81 -11.19
C ASP A 55 -8.42 -3.08 -9.77
N PHE A 56 -7.55 -2.19 -9.31
CA PHE A 56 -6.87 -2.36 -8.02
C PHE A 56 -7.72 -1.82 -6.85
N ASP A 57 -8.42 -2.73 -6.16
CA ASP A 57 -9.19 -2.36 -4.97
C ASP A 57 -8.82 -3.27 -3.78
N SER A 58 -8.77 -2.67 -2.58
CA SER A 58 -8.33 -3.38 -1.36
C SER A 58 -9.08 -4.70 -1.10
N ARG A 59 -10.34 -4.78 -1.52
CA ARG A 59 -11.17 -5.98 -1.29
C ARG A 59 -10.52 -7.24 -1.89
N LEU A 60 -9.80 -7.07 -3.00
CA LEU A 60 -9.13 -8.19 -3.68
C LEU A 60 -8.03 -8.82 -2.81
N TYR A 61 -7.57 -8.07 -1.80
CA TYR A 61 -6.52 -8.55 -0.89
C TYR A 61 -7.10 -8.88 0.50
N GLY A 62 -8.42 -8.84 0.62
CA GLY A 62 -9.08 -9.14 1.89
C GLY A 62 -9.11 -7.97 2.86
N TYR A 63 -9.03 -6.75 2.33
CA TYR A 63 -9.11 -5.54 3.15
C TYR A 63 -10.40 -4.77 2.89
N LYS A 64 -10.97 -4.18 3.95
CA LYS A 64 -12.25 -3.47 3.85
C LYS A 64 -12.09 -2.07 3.25
N LYS A 65 -10.87 -1.55 3.24
CA LYS A 65 -10.61 -0.19 2.73
C LYS A 65 -9.13 0.01 2.37
N LEU A 66 -8.89 0.81 1.33
CA LEU A 66 -7.52 1.08 0.85
C LEU A 66 -6.58 1.58 1.96
N SER A 67 -7.10 2.46 2.81
CA SER A 67 -6.31 3.02 3.92
C SER A 67 -5.71 1.91 4.79
N ASP A 68 -6.54 0.97 5.22
CA ASP A 68 -6.09 -0.12 6.09
C ASP A 68 -5.09 -1.05 5.35
N LEU A 69 -5.25 -1.18 4.04
CA LEU A 69 -4.31 -1.92 3.20
C LEU A 69 -2.90 -1.28 3.24
N VAL A 70 -2.85 0.01 2.95
CA VAL A 70 -1.58 0.74 2.88
C VAL A 70 -0.83 0.73 4.23
N LYS A 71 -1.55 0.99 5.32
CA LYS A 71 -0.95 0.98 6.67
C LYS A 71 -0.52 -0.44 7.09
N ALA A 72 -1.11 -1.45 6.47
CA ALA A 72 -0.75 -2.85 6.73
C ALA A 72 0.53 -3.24 5.96
N ARG A 73 0.70 -2.68 4.76
CA ARG A 73 1.85 -3.00 3.90
C ARG A 73 3.03 -2.03 4.16
N THR A 74 3.63 -2.13 5.35
CA THR A 74 4.74 -1.24 5.74
C THR A 74 6.03 -1.58 4.98
N ASP A 75 6.02 -2.71 4.27
CA ASP A 75 7.16 -3.12 3.43
C ASP A 75 7.27 -2.22 2.19
N LEU A 76 6.15 -2.00 1.51
CA LEU A 76 6.12 -1.23 0.26
C LEU A 76 5.93 0.28 0.50
N PHE A 77 5.07 0.63 1.45
CA PHE A 77 4.68 2.04 1.66
C PHE A 77 5.03 2.53 3.08
N VAL A 78 5.27 3.83 3.23
CA VAL A 78 5.46 4.45 4.53
C VAL A 78 4.20 5.26 4.93
N THR A 79 3.55 4.85 6.02
CA THR A 79 2.30 5.50 6.46
C THR A 79 2.48 6.17 7.82
N GLU A 80 2.12 7.45 7.91
CA GLU A 80 2.23 8.20 9.17
C GLU A 80 1.10 9.23 9.31
N GLU A 81 0.61 9.39 10.54
CA GLU A 81 -0.54 10.26 10.83
C GLU A 81 -0.10 11.71 11.09
N ARG A 82 -0.57 12.63 10.24
CA ARG A 82 -0.20 14.04 10.35
C ARG A 82 -1.45 14.90 10.65
N GLN A 83 -1.34 15.79 11.63
CA GLN A 83 -2.47 16.63 12.03
C GLN A 83 -2.66 17.83 11.08
N VAL A 84 -3.91 18.15 10.77
CA VAL A 84 -4.23 19.23 9.82
C VAL A 84 -4.35 20.60 10.53
N PRO A 85 -3.47 21.57 10.17
CA PRO A 85 -3.48 22.91 10.77
C PRO A 85 -4.85 23.63 10.61
N GLY A 86 -5.37 24.17 11.71
CA GLY A 86 -6.69 24.80 11.68
C GLY A 86 -7.81 23.82 11.98
N SER A 87 -7.56 22.54 11.74
CA SER A 87 -8.53 21.47 12.01
C SER A 87 -8.16 20.71 13.29
N THR A 88 -9.13 20.04 13.90
CA THR A 88 -8.87 19.24 15.11
C THR A 88 -8.52 17.79 14.76
N GLN A 89 -8.95 17.33 13.59
CA GLN A 89 -8.71 15.96 13.14
C GLN A 89 -7.34 15.81 12.45
N LYS A 90 -6.85 14.58 12.39
CA LYS A 90 -5.59 14.28 11.69
C LYS A 90 -5.85 13.58 10.36
N ALA A 91 -4.99 13.82 9.38
CA ALA A 91 -5.07 13.16 8.08
C ALA A 91 -3.92 12.17 7.90
N LEU A 92 -4.15 11.10 7.15
CA LEU A 92 -3.12 10.10 6.90
C LEU A 92 -2.34 10.43 5.61
N TYR A 93 -1.07 10.80 5.78
CA TYR A 93 -0.20 11.10 4.64
C TYR A 93 0.71 9.91 4.33
N LEU A 94 0.96 9.68 3.05
CA LEU A 94 1.70 8.51 2.58
C LEU A 94 2.92 8.91 1.75
N ARG A 95 4.00 8.14 1.85
CA ARG A 95 5.20 8.37 1.03
C ARG A 95 5.86 7.06 0.61
N ALA A 96 6.66 7.11 -0.45
CA ALA A 96 7.30 5.90 -1.02
C ALA A 96 8.42 5.38 -0.12
N LYS A 97 8.47 4.05 0.03
CA LYS A 97 9.50 3.41 0.84
C LYS A 97 10.84 3.30 0.11
N LEU A 98 11.81 4.12 0.50
CA LEU A 98 13.16 4.05 -0.04
C LEU A 98 14.18 3.79 1.10
N GLU A 99 14.59 2.52 1.24
CA GLU A 99 15.53 2.13 2.29
C GLU A 99 16.91 1.78 1.71
N HIS A 100 17.96 2.01 2.49
CA HIS A 100 19.34 1.80 2.04
C HIS A 100 19.70 0.32 1.83
N HIS A 101 18.70 -0.57 1.89
CA HIS A 101 18.93 -2.00 1.62
C HIS A 101 19.35 -2.25 0.16
N HIS A 102 19.24 -1.22 -0.69
CA HIS A 102 19.70 -1.31 -2.08
C HIS A 102 21.23 -1.21 -2.16
N HIS A 103 21.91 -1.96 -1.29
CA HIS A 103 23.36 -1.89 -1.13
C HIS A 103 24.09 -2.38 -2.40
N HIS A 104 24.30 -1.47 -3.35
CA HIS A 104 25.03 -1.77 -4.58
C HIS A 104 26.34 -0.97 -4.66
N HIS A 105 27.38 -1.58 -5.22
CA HIS A 105 28.68 -0.92 -5.35
C HIS A 105 28.80 -0.20 -6.72
N MET A 1 -4.72 -38.41 13.64
CA MET A 1 -5.03 -37.05 13.14
C MET A 1 -5.83 -37.09 11.82
N ASP A 2 -5.31 -37.82 10.83
CA ASP A 2 -5.98 -37.98 9.54
C ASP A 2 -6.88 -39.24 9.52
N GLN A 3 -7.48 -39.52 8.36
CA GLN A 3 -8.16 -40.80 8.13
C GLN A 3 -7.46 -41.59 7.00
N LYS A 4 -6.38 -42.31 7.36
CA LYS A 4 -5.61 -43.10 6.40
C LYS A 4 -6.44 -44.28 5.86
N SER A 5 -7.38 -44.77 6.66
CA SER A 5 -8.36 -45.76 6.19
C SER A 5 -9.64 -45.04 5.77
N SER A 6 -9.53 -44.17 4.76
CA SER A 6 -10.64 -43.34 4.31
C SER A 6 -11.70 -44.14 3.53
N SER A 7 -12.85 -43.51 3.33
CA SER A 7 -13.97 -44.10 2.59
C SER A 7 -13.74 -43.96 1.07
N PRO A 8 -14.52 -44.70 0.23
CA PRO A 8 -14.41 -44.61 -1.24
C PRO A 8 -14.30 -43.17 -1.77
N GLN A 9 -14.88 -42.21 -1.06
CA GLN A 9 -14.76 -40.79 -1.39
C GLN A 9 -14.03 -40.04 -0.26
N PRO A 10 -12.79 -39.56 -0.52
CA PRO A 10 -11.97 -38.86 0.49
C PRO A 10 -12.26 -37.36 0.61
N ALA A 11 -11.67 -36.72 1.61
CA ALA A 11 -11.81 -35.27 1.82
C ALA A 11 -10.53 -34.51 1.44
N ALA A 12 -10.70 -33.34 0.81
CA ALA A 12 -9.57 -32.51 0.37
C ALA A 12 -9.69 -31.06 0.90
N GLN A 13 -8.71 -30.22 0.56
CA GLN A 13 -8.71 -28.81 0.95
C GLN A 13 -8.67 -27.89 -0.29
N ALA A 14 -9.26 -26.69 -0.16
CA ALA A 14 -9.34 -25.74 -1.28
C ALA A 14 -8.15 -24.76 -1.28
N PRO A 15 -7.61 -24.44 -2.49
CA PRO A 15 -6.51 -23.47 -2.64
C PRO A 15 -7.00 -22.00 -2.66
N GLU A 16 -6.09 -21.05 -2.44
CA GLU A 16 -6.43 -19.63 -2.40
C GLU A 16 -6.08 -18.91 -3.72
N THR A 17 -6.48 -17.64 -3.82
CA THR A 17 -6.23 -16.81 -5.01
C THR A 17 -5.57 -15.48 -4.61
N LYS A 18 -4.27 -15.35 -4.88
CA LYS A 18 -3.50 -14.17 -4.46
C LYS A 18 -3.20 -13.22 -5.63
N GLN A 19 -3.52 -11.94 -5.46
CA GLN A 19 -3.23 -10.91 -6.47
C GLN A 19 -1.89 -10.22 -6.15
N ALA A 20 -1.23 -9.68 -7.19
CA ALA A 20 0.10 -9.06 -7.04
C ALA A 20 0.04 -7.54 -6.92
N PHE A 21 1.03 -6.96 -6.22
CA PHE A 21 1.15 -5.50 -6.06
C PHE A 21 2.20 -4.90 -7.02
N PRO A 22 1.78 -4.13 -8.05
CA PRO A 22 2.72 -3.41 -8.91
C PRO A 22 3.08 -2.02 -8.34
N ARG A 23 4.23 -1.91 -7.68
CA ARG A 23 4.61 -0.66 -6.99
C ARG A 23 4.96 0.47 -7.95
N LYS A 24 5.50 0.15 -9.12
CA LYS A 24 5.91 1.16 -10.10
C LYS A 24 4.73 2.07 -10.53
N PHE A 25 3.52 1.52 -10.50
CA PHE A 25 2.31 2.29 -10.85
C PHE A 25 1.67 2.94 -9.62
N VAL A 26 1.57 2.18 -8.53
CA VAL A 26 1.00 2.70 -7.29
C VAL A 26 1.80 3.91 -6.76
N LEU A 27 3.12 3.76 -6.71
CA LEU A 27 4.01 4.86 -6.30
C LEU A 27 3.97 6.01 -7.31
N ALA A 28 3.71 5.69 -8.59
CA ALA A 28 3.57 6.70 -9.64
C ALA A 28 2.36 7.61 -9.35
N ALA A 29 1.29 7.02 -8.82
CA ALA A 29 0.13 7.79 -8.40
C ALA A 29 0.44 8.58 -7.12
N LEU A 30 1.15 7.93 -6.20
CA LEU A 30 1.56 8.54 -4.94
C LEU A 30 2.35 9.84 -5.16
N GLU A 31 3.42 9.77 -5.96
CA GLU A 31 4.28 10.93 -6.25
C GLU A 31 3.47 12.09 -6.86
N GLN A 32 2.44 11.75 -7.63
CA GLN A 32 1.59 12.75 -8.30
C GLN A 32 0.46 13.21 -7.37
N SER A 33 0.33 12.56 -6.23
CA SER A 33 -0.63 12.96 -5.19
C SER A 33 0.07 13.64 -4.00
N SER A 34 1.37 13.40 -3.88
CA SER A 34 2.19 13.98 -2.80
C SER A 34 2.53 15.44 -3.06
N ASP A 35 2.42 16.26 -2.02
CA ASP A 35 2.82 17.67 -2.10
C ASP A 35 4.35 17.82 -2.03
N ASP A 36 4.85 19.04 -1.91
CA ASP A 36 6.29 19.31 -2.00
C ASP A 36 7.10 18.56 -0.91
N ALA A 37 6.49 18.36 0.26
CA ALA A 37 7.18 17.68 1.37
C ALA A 37 7.19 16.15 1.20
N GLY A 38 6.54 15.66 0.14
CA GLY A 38 6.54 14.23 -0.16
C GLY A 38 5.33 13.48 0.42
N TRP A 39 4.51 14.18 1.20
CA TRP A 39 3.33 13.57 1.83
C TRP A 39 2.09 13.65 0.94
N ALA A 40 1.46 12.52 0.70
CA ALA A 40 0.19 12.46 -0.04
C ALA A 40 -0.98 12.12 0.87
N ASN A 41 -2.01 12.95 0.86
CA ASN A 41 -3.23 12.67 1.62
C ASN A 41 -3.92 11.41 1.08
N LEU A 42 -4.23 10.47 1.98
CA LEU A 42 -4.87 9.20 1.60
C LEU A 42 -6.05 9.40 0.63
N GLY A 43 -6.87 10.42 0.88
CA GLY A 43 -8.00 10.73 0.00
C GLY A 43 -7.56 11.04 -1.43
N ASN A 44 -6.45 11.76 -1.58
CA ASN A 44 -5.90 12.09 -2.89
C ASN A 44 -5.19 10.88 -3.52
N PHE A 45 -4.50 10.09 -2.67
CA PHE A 45 -3.81 8.88 -3.11
C PHE A 45 -4.79 7.90 -3.77
N GLY A 46 -5.85 7.53 -3.04
CA GLY A 46 -6.86 6.63 -3.59
C GLY A 46 -7.55 7.18 -4.83
N ASN A 47 -7.64 8.50 -4.92
CA ASN A 47 -8.22 9.18 -6.08
C ASN A 47 -7.36 8.98 -7.33
N TYR A 48 -6.10 9.41 -7.27
CA TYR A 48 -5.21 9.34 -8.43
C TYR A 48 -4.78 7.90 -8.74
N LEU A 49 -4.74 7.05 -7.71
CA LEU A 49 -4.38 5.63 -7.89
C LEU A 49 -5.37 4.91 -8.81
N ASN A 50 -6.66 5.16 -8.61
CA ASN A 50 -7.72 4.52 -9.41
C ASN A 50 -7.67 4.98 -10.88
N LYS A 51 -6.92 6.05 -11.15
CA LYS A 51 -6.73 6.53 -12.53
C LYS A 51 -5.69 5.67 -13.28
N LEU A 52 -4.57 5.40 -12.62
CA LEU A 52 -3.51 4.56 -13.21
C LEU A 52 -3.90 3.08 -13.19
N GLN A 53 -4.39 2.63 -12.04
CA GLN A 53 -4.84 1.23 -11.85
C GLN A 53 -6.31 1.19 -11.39
N PRO A 54 -7.28 1.27 -12.33
CA PRO A 54 -8.72 1.23 -11.99
C PRO A 54 -9.15 -0.14 -11.45
N ASP A 55 -8.42 -1.19 -11.84
CA ASP A 55 -8.76 -2.55 -11.45
C ASP A 55 -8.14 -2.93 -10.08
N PHE A 56 -7.40 -2.00 -9.48
CA PHE A 56 -6.75 -2.24 -8.19
C PHE A 56 -7.66 -1.80 -7.02
N ASP A 57 -8.32 -2.77 -6.38
CA ASP A 57 -9.21 -2.48 -5.24
C ASP A 57 -8.86 -3.37 -4.02
N SER A 58 -8.94 -2.78 -2.82
CA SER A 58 -8.56 -3.46 -1.57
C SER A 58 -9.32 -4.78 -1.35
N ARG A 59 -10.57 -4.86 -1.81
CA ARG A 59 -11.39 -6.06 -1.60
C ARG A 59 -10.78 -7.32 -2.24
N LEU A 60 -9.92 -7.11 -3.25
CA LEU A 60 -9.24 -8.23 -3.91
C LEU A 60 -8.27 -8.95 -2.96
N TYR A 61 -7.77 -8.23 -1.96
CA TYR A 61 -6.79 -8.77 -1.01
C TYR A 61 -7.44 -9.08 0.34
N GLY A 62 -8.76 -8.94 0.42
CA GLY A 62 -9.50 -9.22 1.65
C GLY A 62 -9.64 -8.01 2.57
N TYR A 63 -9.14 -6.86 2.14
CA TYR A 63 -9.23 -5.62 2.94
C TYR A 63 -10.46 -4.79 2.54
N LYS A 64 -11.20 -4.34 3.55
CA LYS A 64 -12.46 -3.61 3.31
C LYS A 64 -12.23 -2.15 2.91
N LYS A 65 -11.10 -1.59 3.32
CA LYS A 65 -10.78 -0.18 3.05
C LYS A 65 -9.28 0.01 2.73
N LEU A 66 -8.99 0.94 1.82
CA LEU A 66 -7.60 1.24 1.43
C LEU A 66 -6.78 1.71 2.64
N SER A 67 -7.44 2.45 3.54
CA SER A 67 -6.83 2.92 4.79
C SER A 67 -6.07 1.79 5.50
N ASP A 68 -6.68 0.59 5.50
CA ASP A 68 -6.13 -0.55 6.22
C ASP A 68 -5.13 -1.35 5.35
N LEU A 69 -5.31 -1.32 4.04
CA LEU A 69 -4.39 -2.00 3.12
C LEU A 69 -2.99 -1.37 3.16
N VAL A 70 -2.93 -0.04 3.04
CA VAL A 70 -1.66 0.68 3.01
C VAL A 70 -0.84 0.46 4.30
N LYS A 71 -1.48 0.63 5.46
CA LYS A 71 -0.83 0.39 6.75
C LYS A 71 -0.42 -1.09 6.90
N ALA A 72 -1.07 -1.97 6.15
CA ALA A 72 -0.72 -3.40 6.14
C ALA A 72 0.47 -3.71 5.24
N ARG A 73 0.75 -2.81 4.28
CA ARG A 73 1.83 -3.02 3.33
C ARG A 73 2.97 -2.01 3.52
N THR A 74 3.44 -1.89 4.78
CA THR A 74 4.59 -1.02 5.10
C THR A 74 5.85 -1.43 4.31
N ASP A 75 5.81 -2.64 3.76
CA ASP A 75 6.85 -3.14 2.85
C ASP A 75 7.05 -2.20 1.65
N LEU A 76 5.94 -1.66 1.15
CA LEU A 76 5.95 -0.79 -0.04
C LEU A 76 5.65 0.68 0.31
N PHE A 77 4.88 0.90 1.36
CA PHE A 77 4.39 2.25 1.70
C PHE A 77 4.80 2.67 3.11
N VAL A 78 5.11 3.96 3.27
CA VAL A 78 5.38 4.55 4.59
C VAL A 78 4.14 5.32 5.07
N THR A 79 3.58 4.92 6.21
CA THR A 79 2.34 5.53 6.72
C THR A 79 2.57 6.25 8.06
N GLU A 80 2.13 7.52 8.12
CA GLU A 80 2.23 8.32 9.36
C GLU A 80 1.07 9.32 9.45
N GLU A 81 0.54 9.50 10.66
CA GLU A 81 -0.62 10.37 10.88
C GLU A 81 -0.18 11.82 11.12
N ARG A 82 -0.65 12.73 10.26
CA ARG A 82 -0.24 14.14 10.32
C ARG A 82 -1.45 15.05 10.61
N GLN A 83 -1.28 15.97 11.56
CA GLN A 83 -2.35 16.90 11.95
C GLN A 83 -2.45 18.07 10.97
N VAL A 84 -3.67 18.49 10.65
CA VAL A 84 -3.90 19.54 9.65
C VAL A 84 -3.85 20.94 10.28
N PRO A 85 -2.89 21.79 9.86
CA PRO A 85 -2.70 23.15 10.42
C PRO A 85 -4.00 23.97 10.47
N GLY A 86 -4.29 24.56 11.63
CA GLY A 86 -5.53 25.32 11.81
C GLY A 86 -6.71 24.43 12.22
N SER A 87 -6.49 23.11 12.23
CA SER A 87 -7.54 22.14 12.58
C SER A 87 -7.03 21.14 13.63
N THR A 88 -7.91 20.74 14.56
CA THR A 88 -7.55 19.77 15.60
C THR A 88 -7.58 18.34 15.06
N GLN A 89 -8.33 18.12 13.98
CA GLN A 89 -8.42 16.80 13.34
C GLN A 89 -7.10 16.41 12.65
N LYS A 90 -6.88 15.12 12.47
CA LYS A 90 -5.66 14.62 11.82
C LYS A 90 -6.00 13.88 10.52
N ALA A 91 -5.07 13.88 9.58
CA ALA A 91 -5.23 13.17 8.32
C ALA A 91 -4.07 12.21 8.06
N LEU A 92 -4.35 11.06 7.46
CA LEU A 92 -3.32 10.08 7.14
C LEU A 92 -2.60 10.44 5.84
N TYR A 93 -1.29 10.70 5.93
CA TYR A 93 -0.47 11.00 4.76
C TYR A 93 0.51 9.86 4.48
N LEU A 94 0.84 9.67 3.21
CA LEU A 94 1.67 8.53 2.78
C LEU A 94 2.91 8.99 1.99
N ARG A 95 3.98 8.20 2.04
CA ARG A 95 5.16 8.43 1.19
C ARG A 95 5.80 7.09 0.75
N ALA A 96 6.61 7.14 -0.30
CA ALA A 96 7.13 5.92 -0.95
C ALA A 96 8.29 5.28 -0.18
N LYS A 97 8.39 3.95 -0.26
CA LYS A 97 9.50 3.19 0.32
C LYS A 97 10.69 3.11 -0.64
N LEU A 98 11.78 3.81 -0.31
CA LEU A 98 13.01 3.76 -1.10
C LEU A 98 14.23 3.55 -0.17
N GLU A 99 14.70 2.30 -0.08
CA GLU A 99 15.85 1.97 0.77
C GLU A 99 16.99 1.36 -0.08
N HIS A 100 18.09 1.00 0.58
CA HIS A 100 19.25 0.41 -0.11
C HIS A 100 19.10 -1.11 -0.30
N HIS A 101 18.71 -1.52 -1.50
CA HIS A 101 18.81 -2.92 -1.90
C HIS A 101 20.14 -3.15 -2.62
N HIS A 102 21.19 -3.46 -1.86
CA HIS A 102 22.55 -3.51 -2.40
C HIS A 102 22.82 -4.80 -3.22
N HIS A 103 21.78 -5.60 -3.43
CA HIS A 103 21.87 -6.78 -4.29
C HIS A 103 20.87 -6.70 -5.46
N HIS A 104 19.62 -6.38 -5.15
CA HIS A 104 18.58 -6.23 -6.18
C HIS A 104 17.93 -4.84 -6.13
N HIS A 105 18.53 -3.87 -6.80
CA HIS A 105 18.00 -2.49 -6.84
C HIS A 105 17.25 -2.23 -8.17
N MET A 1 -3.25 -44.56 -5.62
CA MET A 1 -1.92 -43.94 -5.89
C MET A 1 -1.00 -44.92 -6.61
N ASP A 2 -0.89 -44.78 -7.93
CA ASP A 2 -0.01 -45.64 -8.74
C ASP A 2 0.82 -44.81 -9.73
N GLN A 3 2.08 -45.19 -9.90
CA GLN A 3 3.03 -44.43 -10.72
C GLN A 3 2.82 -44.70 -12.22
N LYS A 4 2.26 -43.72 -12.93
CA LYS A 4 2.02 -43.83 -14.38
C LYS A 4 3.04 -43.00 -15.18
N SER A 5 2.87 -42.96 -16.50
CA SER A 5 3.67 -42.10 -17.37
C SER A 5 3.27 -40.62 -17.20
N SER A 6 4.22 -39.72 -17.41
CA SER A 6 3.99 -38.28 -17.20
C SER A 6 2.80 -37.75 -18.02
N SER A 7 1.80 -37.19 -17.31
CA SER A 7 0.66 -36.54 -17.96
C SER A 7 0.90 -35.02 -18.06
N PRO A 8 0.74 -34.43 -19.25
CA PRO A 8 1.00 -32.99 -19.46
C PRO A 8 -0.02 -32.09 -18.74
N GLN A 9 0.31 -31.70 -17.50
CA GLN A 9 -0.53 -30.81 -16.69
C GLN A 9 -1.96 -31.36 -16.48
N PRO A 10 -2.17 -32.21 -15.45
CA PRO A 10 -3.51 -32.69 -15.09
C PRO A 10 -4.36 -31.60 -14.38
N ALA A 11 -5.66 -31.62 -14.59
CA ALA A 11 -6.57 -30.64 -13.99
C ALA A 11 -6.68 -30.84 -12.46
N ALA A 12 -6.14 -29.89 -11.69
CA ALA A 12 -6.15 -29.96 -10.23
C ALA A 12 -6.54 -28.61 -9.60
N GLN A 13 -6.56 -28.56 -8.27
CA GLN A 13 -6.92 -27.32 -7.55
C GLN A 13 -5.75 -26.33 -7.50
N ALA A 14 -6.07 -25.04 -7.34
CA ALA A 14 -5.06 -23.99 -7.29
C ALA A 14 -4.75 -23.58 -5.84
N PRO A 15 -3.59 -22.93 -5.59
CA PRO A 15 -3.24 -22.42 -4.24
C PRO A 15 -4.12 -21.24 -3.81
N GLU A 16 -3.73 -20.57 -2.71
CA GLU A 16 -4.51 -19.44 -2.18
C GLU A 16 -4.56 -18.27 -3.18
N THR A 17 -5.75 -17.70 -3.37
CA THR A 17 -5.93 -16.59 -4.30
C THR A 17 -5.23 -15.30 -3.81
N LYS A 18 -4.01 -15.09 -4.30
CA LYS A 18 -3.23 -13.91 -3.92
C LYS A 18 -2.97 -13.00 -5.14
N GLN A 19 -3.53 -11.80 -5.13
CA GLN A 19 -3.33 -10.84 -6.21
C GLN A 19 -1.97 -10.15 -6.11
N ALA A 20 -1.42 -9.74 -7.25
CA ALA A 20 -0.11 -9.08 -7.29
C ALA A 20 -0.22 -7.57 -7.13
N PHE A 21 0.69 -6.99 -6.36
CA PHE A 21 0.75 -5.54 -6.15
C PHE A 21 1.56 -4.84 -7.26
N PRO A 22 0.91 -4.09 -8.18
CA PRO A 22 1.63 -3.32 -9.20
C PRO A 22 2.09 -1.96 -8.64
N ARG A 23 3.36 -1.88 -8.24
CA ARG A 23 3.86 -0.68 -7.58
C ARG A 23 4.28 0.40 -8.58
N LYS A 24 4.56 0.00 -9.82
CA LYS A 24 4.88 0.96 -10.89
C LYS A 24 3.69 1.92 -11.16
N PHE A 25 2.49 1.48 -10.79
CA PHE A 25 1.30 2.32 -10.89
C PHE A 25 0.98 2.98 -9.53
N VAL A 26 0.95 2.18 -8.47
CA VAL A 26 0.63 2.70 -7.13
C VAL A 26 1.66 3.73 -6.65
N LEU A 27 2.94 3.36 -6.65
CA LEU A 27 4.01 4.30 -6.23
C LEU A 27 4.08 5.50 -7.18
N ALA A 28 3.80 5.28 -8.46
CA ALA A 28 3.75 6.37 -9.45
C ALA A 28 2.63 7.38 -9.11
N ALA A 29 1.46 6.87 -8.75
CA ALA A 29 0.36 7.73 -8.30
C ALA A 29 0.71 8.42 -6.98
N LEU A 30 1.35 7.68 -6.09
CA LEU A 30 1.76 8.18 -4.78
C LEU A 30 2.72 9.38 -4.91
N GLU A 31 3.81 9.20 -5.66
CA GLU A 31 4.80 10.27 -5.85
C GLU A 31 4.16 11.52 -6.50
N GLN A 32 3.29 11.29 -7.48
CA GLN A 32 2.58 12.39 -8.14
C GLN A 32 1.55 13.05 -7.21
N SER A 33 1.04 12.29 -6.24
CA SER A 33 0.12 12.82 -5.23
C SER A 33 0.87 13.43 -4.04
N SER A 34 2.18 13.19 -3.99
CA SER A 34 3.02 13.71 -2.92
C SER A 34 3.42 15.18 -3.18
N ASP A 35 3.15 16.05 -2.21
CA ASP A 35 3.52 17.46 -2.31
C ASP A 35 5.04 17.65 -2.17
N ASP A 36 5.49 18.91 -2.21
CA ASP A 36 6.92 19.24 -2.11
C ASP A 36 7.59 18.59 -0.87
N ALA A 37 6.83 18.42 0.21
CA ALA A 37 7.37 17.90 1.46
C ALA A 37 7.60 16.37 1.41
N GLY A 38 7.25 15.75 0.29
CA GLY A 38 7.43 14.31 0.15
C GLY A 38 6.35 13.49 0.84
N TRP A 39 5.16 14.08 0.97
CA TRP A 39 4.02 13.40 1.62
C TRP A 39 2.75 13.54 0.79
N ALA A 40 1.97 12.47 0.72
CA ALA A 40 0.69 12.47 0.01
C ALA A 40 -0.48 12.23 0.96
N ASN A 41 -1.44 13.15 0.99
CA ASN A 41 -2.64 12.99 1.81
C ASN A 41 -3.46 11.78 1.34
N LEU A 42 -3.88 10.92 2.27
CA LEU A 42 -4.68 9.73 1.95
C LEU A 42 -5.84 10.06 0.98
N GLY A 43 -6.48 11.21 1.20
CA GLY A 43 -7.56 11.66 0.34
C GLY A 43 -7.13 11.90 -1.10
N ASN A 44 -5.90 12.40 -1.28
CA ASN A 44 -5.34 12.64 -2.61
C ASN A 44 -4.85 11.32 -3.23
N PHE A 45 -4.20 10.49 -2.41
CA PHE A 45 -3.68 9.20 -2.87
C PHE A 45 -4.80 8.29 -3.41
N GLY A 46 -5.84 8.08 -2.59
CA GLY A 46 -6.96 7.25 -3.02
C GLY A 46 -7.65 7.78 -4.27
N ASN A 47 -7.55 9.10 -4.48
CA ASN A 47 -8.12 9.75 -5.65
C ASN A 47 -7.27 9.46 -6.91
N TYR A 48 -6.04 9.98 -6.91
CA TYR A 48 -5.15 9.89 -8.07
C TYR A 48 -4.79 8.43 -8.41
N LEU A 49 -4.66 7.59 -7.38
CA LEU A 49 -4.38 6.16 -7.58
C LEU A 49 -5.47 5.49 -8.43
N ASN A 50 -6.73 5.68 -8.04
CA ASN A 50 -7.85 5.04 -8.74
C ASN A 50 -8.03 5.60 -10.16
N LYS A 51 -7.50 6.81 -10.41
CA LYS A 51 -7.50 7.38 -11.76
C LYS A 51 -6.56 6.59 -12.68
N LEU A 52 -5.44 6.11 -12.12
CA LEU A 52 -4.47 5.32 -12.88
C LEU A 52 -4.79 3.82 -12.83
N GLN A 53 -5.34 3.38 -11.70
CA GLN A 53 -5.68 1.96 -11.49
C GLN A 53 -7.10 1.78 -10.92
N PRO A 54 -8.14 1.82 -11.77
CA PRO A 54 -9.50 1.47 -11.36
C PRO A 54 -9.63 -0.04 -11.12
N ASP A 55 -8.72 -0.81 -11.72
CA ASP A 55 -8.65 -2.26 -11.55
C ASP A 55 -8.13 -2.64 -10.16
N PHE A 56 -7.46 -1.69 -9.50
CA PHE A 56 -6.85 -1.92 -8.17
C PHE A 56 -7.88 -1.73 -7.06
N ASP A 57 -8.30 -2.82 -6.44
CA ASP A 57 -9.30 -2.80 -5.37
C ASP A 57 -8.79 -3.52 -4.10
N SER A 58 -9.11 -2.98 -2.93
CA SER A 58 -8.61 -3.51 -1.65
C SER A 58 -9.24 -4.86 -1.28
N ARG A 59 -10.53 -5.03 -1.62
CA ARG A 59 -11.26 -6.24 -1.26
C ARG A 59 -10.63 -7.50 -1.90
N LEU A 60 -9.99 -7.30 -3.05
CA LEU A 60 -9.29 -8.39 -3.75
C LEU A 60 -8.17 -9.00 -2.88
N TYR A 61 -7.62 -8.19 -1.97
CA TYR A 61 -6.55 -8.63 -1.08
C TYR A 61 -7.08 -9.01 0.32
N GLY A 62 -8.40 -8.89 0.50
CA GLY A 62 -9.02 -9.29 1.75
C GLY A 62 -9.18 -8.16 2.76
N TYR A 63 -8.77 -6.95 2.40
CA TYR A 63 -8.85 -5.80 3.31
C TYR A 63 -10.19 -5.05 3.21
N LYS A 64 -10.45 -4.17 4.19
CA LYS A 64 -11.72 -3.43 4.25
C LYS A 64 -11.65 -2.11 3.46
N LYS A 65 -10.47 -1.50 3.39
CA LYS A 65 -10.29 -0.23 2.71
C LYS A 65 -8.83 -0.04 2.25
N LEU A 66 -8.55 1.03 1.51
CA LEU A 66 -7.21 1.26 0.95
C LEU A 66 -6.18 1.55 2.07
N SER A 67 -6.49 2.48 2.96
CA SER A 67 -5.59 2.82 4.09
C SER A 67 -5.20 1.58 4.89
N ASP A 68 -6.18 0.72 5.15
CA ASP A 68 -5.96 -0.56 5.85
C ASP A 68 -4.87 -1.38 5.15
N LEU A 69 -4.96 -1.48 3.82
CA LEU A 69 -3.96 -2.17 3.00
C LEU A 69 -2.59 -1.48 3.12
N VAL A 70 -2.57 -0.17 2.92
CA VAL A 70 -1.33 0.62 2.92
C VAL A 70 -0.54 0.47 4.23
N LYS A 71 -1.21 0.66 5.36
CA LYS A 71 -0.52 0.57 6.67
C LYS A 71 -0.12 -0.87 7.01
N ALA A 72 -0.78 -1.84 6.39
CA ALA A 72 -0.41 -3.25 6.56
C ALA A 72 0.70 -3.66 5.58
N ARG A 73 0.87 -2.88 4.52
CA ARG A 73 1.90 -3.11 3.51
C ARG A 73 2.99 -2.04 3.56
N THR A 74 3.45 -1.69 4.76
CA THR A 74 4.55 -0.74 4.94
C THR A 74 5.85 -1.24 4.29
N ASP A 75 5.84 -2.50 3.88
CA ASP A 75 6.91 -3.09 3.07
C ASP A 75 7.13 -2.26 1.78
N LEU A 76 6.07 -1.63 1.28
CA LEU A 76 6.12 -0.80 0.08
C LEU A 76 5.89 0.69 0.40
N PHE A 77 5.09 0.96 1.43
CA PHE A 77 4.67 2.34 1.74
C PHE A 77 5.11 2.79 3.15
N VAL A 78 5.14 4.09 3.36
CA VAL A 78 5.43 4.67 4.68
C VAL A 78 4.21 5.46 5.17
N THR A 79 3.70 5.10 6.35
CA THR A 79 2.43 5.67 6.85
C THR A 79 2.61 6.48 8.14
N GLU A 80 2.05 7.69 8.16
CA GLU A 80 1.98 8.51 9.38
C GLU A 80 0.70 9.37 9.41
N GLU A 81 -0.04 9.32 10.51
CA GLU A 81 -1.23 10.14 10.68
C GLU A 81 -0.85 11.50 11.29
N ARG A 82 -1.02 12.56 10.51
CA ARG A 82 -0.56 13.90 10.89
C ARG A 82 -1.76 14.86 11.03
N GLN A 83 -1.73 15.73 12.03
CA GLN A 83 -2.84 16.68 12.24
C GLN A 83 -2.72 17.87 11.28
N VAL A 84 -3.81 18.17 10.57
CA VAL A 84 -3.78 19.13 9.47
C VAL A 84 -4.03 20.58 9.94
N PRO A 85 -3.12 21.52 9.59
CA PRO A 85 -3.33 22.95 9.88
C PRO A 85 -4.61 23.49 9.22
N GLY A 86 -5.54 23.97 10.04
CA GLY A 86 -6.84 24.39 9.54
C GLY A 86 -7.95 23.41 9.91
N SER A 87 -7.57 22.29 10.52
CA SER A 87 -8.52 21.26 10.96
C SER A 87 -8.20 20.77 12.37
N THR A 88 -9.19 20.17 13.04
CA THR A 88 -8.96 19.56 14.36
C THR A 88 -8.70 18.05 14.23
N GLN A 89 -9.08 17.48 13.08
CA GLN A 89 -8.85 16.06 12.80
C GLN A 89 -7.46 15.85 12.18
N LYS A 90 -6.97 14.61 12.27
CA LYS A 90 -5.66 14.26 11.71
C LYS A 90 -5.81 13.28 10.53
N ALA A 91 -5.06 13.53 9.44
CA ALA A 91 -5.17 12.72 8.23
C ALA A 91 -3.94 11.83 8.02
N LEU A 92 -4.14 10.69 7.39
CA LEU A 92 -3.05 9.75 7.11
C LEU A 92 -2.24 10.16 5.88
N TYR A 93 -1.00 10.59 6.09
CA TYR A 93 -0.09 10.94 5.00
C TYR A 93 0.81 9.77 4.62
N LEU A 94 1.02 9.58 3.32
CA LEU A 94 1.75 8.42 2.80
C LEU A 94 2.93 8.85 1.92
N ARG A 95 3.99 8.05 1.91
CA ARG A 95 5.10 8.22 0.96
C ARG A 95 5.75 6.87 0.62
N ALA A 96 6.50 6.84 -0.48
CA ALA A 96 7.12 5.59 -0.96
C ALA A 96 8.26 5.12 -0.04
N LYS A 97 8.43 3.79 0.07
CA LYS A 97 9.51 3.22 0.88
C LYS A 97 10.85 3.30 0.14
N LEU A 98 11.69 4.25 0.54
CA LEU A 98 13.00 4.42 -0.09
C LEU A 98 14.10 3.75 0.75
N GLU A 99 14.50 2.55 0.34
CA GLU A 99 15.63 1.85 0.97
C GLU A 99 16.95 2.32 0.35
N HIS A 100 16.93 2.47 -0.98
CA HIS A 100 18.13 2.82 -1.74
C HIS A 100 18.67 4.21 -1.39
N HIS A 101 19.57 4.26 -0.41
CA HIS A 101 20.29 5.51 -0.08
C HIS A 101 21.24 5.89 -1.23
N HIS A 102 20.68 6.52 -2.26
CA HIS A 102 21.39 6.79 -3.51
C HIS A 102 22.62 7.70 -3.37
N HIS A 103 23.77 7.07 -3.12
CA HIS A 103 25.07 7.73 -3.30
C HIS A 103 25.62 7.41 -4.70
N HIS A 104 25.20 6.26 -5.23
CA HIS A 104 25.54 5.84 -6.59
C HIS A 104 24.97 6.83 -7.63
N HIS A 105 25.74 7.87 -7.94
CA HIS A 105 25.32 8.90 -8.90
C HIS A 105 26.29 8.96 -10.10
N MET A 1 11.44 -25.07 30.85
CA MET A 1 11.45 -25.96 29.66
C MET A 1 11.02 -25.21 28.39
N ASP A 2 11.76 -25.40 27.31
CA ASP A 2 11.43 -24.78 26.02
C ASP A 2 10.71 -25.80 25.11
N GLN A 3 9.39 -25.81 25.18
CA GLN A 3 8.58 -26.78 24.41
C GLN A 3 8.20 -26.24 23.02
N LYS A 4 8.87 -26.76 22.00
CA LYS A 4 8.60 -26.34 20.62
C LYS A 4 7.31 -27.01 20.08
N SER A 5 6.18 -26.35 20.29
CA SER A 5 4.90 -26.88 19.80
C SER A 5 4.78 -26.69 18.28
N SER A 6 4.67 -27.80 17.56
CA SER A 6 4.60 -27.76 16.09
C SER A 6 3.93 -29.03 15.52
N SER A 7 2.71 -28.87 15.00
CA SER A 7 2.01 -29.97 14.33
C SER A 7 1.13 -29.47 13.17
N PRO A 8 1.69 -28.68 12.23
CA PRO A 8 0.95 -28.15 11.09
C PRO A 8 0.82 -29.18 9.95
N GLN A 9 -0.17 -30.08 10.08
CA GLN A 9 -0.39 -31.13 9.08
C GLN A 9 -1.18 -30.59 7.87
N PRO A 10 -0.54 -30.54 6.68
CA PRO A 10 -1.20 -30.04 5.45
C PRO A 10 -2.20 -31.06 4.88
N ALA A 11 -3.17 -30.56 4.12
CA ALA A 11 -4.15 -31.43 3.46
C ALA A 11 -3.82 -31.62 1.97
N ALA A 12 -4.69 -32.32 1.26
CA ALA A 12 -4.52 -32.51 -0.20
C ALA A 12 -5.00 -31.28 -0.99
N GLN A 13 -5.38 -30.22 -0.27
CA GLN A 13 -5.91 -29.01 -0.89
C GLN A 13 -4.86 -27.88 -0.90
N ALA A 14 -4.82 -27.14 -2.01
CA ALA A 14 -3.88 -26.03 -2.15
C ALA A 14 -4.46 -24.72 -1.60
N PRO A 15 -3.60 -23.83 -1.05
CA PRO A 15 -4.04 -22.52 -0.52
C PRO A 15 -4.70 -21.61 -1.57
N GLU A 16 -5.33 -20.53 -1.10
CA GLU A 16 -6.03 -19.58 -1.97
C GLU A 16 -5.06 -18.91 -2.97
N THR A 17 -5.60 -18.41 -4.09
CA THR A 17 -4.80 -17.74 -5.12
C THR A 17 -4.15 -16.44 -4.59
N LYS A 18 -3.06 -16.02 -5.22
CA LYS A 18 -2.30 -14.85 -4.76
C LYS A 18 -2.30 -13.72 -5.80
N GLN A 19 -2.79 -12.53 -5.40
CA GLN A 19 -2.75 -11.36 -6.28
C GLN A 19 -1.48 -10.54 -6.04
N ALA A 20 -0.94 -9.95 -7.11
CA ALA A 20 0.32 -9.20 -7.03
C ALA A 20 0.09 -7.67 -6.95
N PHE A 21 0.86 -7.00 -6.10
CA PHE A 21 0.79 -5.53 -5.97
C PHE A 21 1.69 -4.84 -7.02
N PRO A 22 1.10 -4.12 -8.01
CA PRO A 22 1.88 -3.37 -8.99
C PRO A 22 2.41 -2.05 -8.40
N ARG A 23 3.67 -2.06 -7.97
CA ARG A 23 4.25 -0.91 -7.25
C ARG A 23 4.59 0.25 -8.20
N LYS A 24 4.99 -0.06 -9.43
CA LYS A 24 5.46 0.98 -10.36
C LYS A 24 4.32 1.92 -10.80
N PHE A 25 3.09 1.43 -10.71
CA PHE A 25 1.91 2.29 -10.97
C PHE A 25 1.39 2.96 -9.69
N VAL A 26 1.21 2.17 -8.63
CA VAL A 26 0.72 2.71 -7.35
C VAL A 26 1.64 3.82 -6.80
N LEU A 27 2.94 3.53 -6.74
CA LEU A 27 3.92 4.53 -6.27
C LEU A 27 3.97 5.74 -7.21
N ALA A 28 3.82 5.50 -8.51
CA ALA A 28 3.78 6.59 -9.50
C ALA A 28 2.60 7.54 -9.25
N ALA A 29 1.47 6.98 -8.84
CA ALA A 29 0.32 7.80 -8.44
C ALA A 29 0.59 8.53 -7.13
N LEU A 30 1.24 7.82 -6.20
CA LEU A 30 1.58 8.37 -4.88
C LEU A 30 2.50 9.60 -5.01
N GLU A 31 3.62 9.46 -5.72
CA GLU A 31 4.56 10.57 -5.91
C GLU A 31 3.91 11.77 -6.63
N GLN A 32 3.04 11.50 -7.60
CA GLN A 32 2.34 12.56 -8.33
C GLN A 32 1.21 13.18 -7.48
N SER A 33 0.86 12.54 -6.37
CA SER A 33 -0.11 13.08 -5.42
C SER A 33 0.62 13.75 -4.23
N SER A 34 1.91 13.47 -4.10
CA SER A 34 2.71 14.00 -2.98
C SER A 34 3.01 15.49 -3.14
N ASP A 35 2.98 16.23 -2.03
CA ASP A 35 3.37 17.64 -2.03
C ASP A 35 4.89 17.80 -2.10
N ASP A 36 5.38 19.04 -2.02
CA ASP A 36 6.83 19.31 -2.04
C ASP A 36 7.55 18.56 -0.91
N ALA A 37 6.84 18.26 0.17
CA ALA A 37 7.41 17.54 1.33
C ALA A 37 7.58 16.04 1.06
N GLY A 38 7.08 15.56 -0.09
CA GLY A 38 7.18 14.14 -0.42
C GLY A 38 6.07 13.29 0.18
N TRP A 39 5.09 13.95 0.82
CA TRP A 39 3.95 13.24 1.44
C TRP A 39 2.66 13.47 0.65
N ALA A 40 1.87 12.43 0.50
CA ALA A 40 0.57 12.51 -0.18
C ALA A 40 -0.59 12.21 0.78
N ASN A 41 -1.66 13.01 0.69
CA ASN A 41 -2.83 12.81 1.53
C ASN A 41 -3.60 11.56 1.08
N LEU A 42 -3.89 10.66 2.02
CA LEU A 42 -4.59 9.39 1.72
C LEU A 42 -5.80 9.60 0.79
N GLY A 43 -6.55 10.67 1.02
CA GLY A 43 -7.72 10.98 0.18
C GLY A 43 -7.35 11.26 -1.28
N ASN A 44 -6.28 12.03 -1.47
CA ASN A 44 -5.82 12.38 -2.82
C ASN A 44 -5.10 11.18 -3.49
N PHE A 45 -4.39 10.41 -2.69
CA PHE A 45 -3.72 9.20 -3.16
C PHE A 45 -4.72 8.20 -3.76
N GLY A 46 -5.74 7.83 -2.97
CA GLY A 46 -6.77 6.92 -3.45
C GLY A 46 -7.46 7.43 -4.72
N ASN A 47 -7.55 8.75 -4.84
CA ASN A 47 -8.16 9.39 -6.01
C ASN A 47 -7.30 9.17 -7.26
N TYR A 48 -6.09 9.74 -7.26
CA TYR A 48 -5.20 9.68 -8.42
C TYR A 48 -4.78 8.23 -8.74
N LEU A 49 -4.74 7.39 -7.71
CA LEU A 49 -4.40 5.97 -7.88
C LEU A 49 -5.38 5.26 -8.82
N ASN A 50 -6.67 5.34 -8.50
CA ASN A 50 -7.70 4.66 -9.30
C ASN A 50 -7.76 5.20 -10.74
N LYS A 51 -7.34 6.44 -10.92
CA LYS A 51 -7.24 7.04 -12.27
C LYS A 51 -6.22 6.29 -13.14
N LEU A 52 -5.21 5.71 -12.51
CA LEU A 52 -4.18 4.94 -13.22
C LEU A 52 -4.48 3.42 -13.17
N GLN A 53 -4.93 2.94 -12.00
CA GLN A 53 -5.23 1.52 -11.80
C GLN A 53 -6.67 1.32 -11.26
N PRO A 54 -7.68 1.25 -12.15
CA PRO A 54 -9.08 0.99 -11.75
C PRO A 54 -9.29 -0.47 -11.33
N ASP A 55 -8.36 -1.33 -11.74
CA ASP A 55 -8.39 -2.75 -11.39
C ASP A 55 -7.97 -2.98 -9.92
N PHE A 56 -7.20 -2.05 -9.38
CA PHE A 56 -6.66 -2.19 -8.03
C PHE A 56 -7.71 -1.86 -6.97
N ASP A 57 -8.29 -2.90 -6.37
CA ASP A 57 -9.32 -2.74 -5.35
C ASP A 57 -8.95 -3.50 -4.06
N SER A 58 -9.24 -2.90 -2.90
CA SER A 58 -8.85 -3.47 -1.60
C SER A 58 -9.59 -4.79 -1.31
N ARG A 59 -10.83 -4.90 -1.77
CA ARG A 59 -11.65 -6.08 -1.50
C ARG A 59 -11.07 -7.34 -2.19
N LEU A 60 -10.33 -7.13 -3.27
CA LEU A 60 -9.70 -8.25 -4.01
C LEU A 60 -8.57 -8.89 -3.19
N TYR A 61 -8.07 -8.17 -2.19
CA TYR A 61 -6.97 -8.66 -1.34
C TYR A 61 -7.47 -9.03 0.08
N GLY A 62 -8.79 -9.02 0.26
CA GLY A 62 -9.36 -9.38 1.56
C GLY A 62 -9.36 -8.23 2.58
N TYR A 63 -9.03 -7.02 2.13
CA TYR A 63 -9.05 -5.84 3.00
C TYR A 63 -10.35 -5.05 2.87
N LYS A 64 -10.77 -4.41 3.95
CA LYS A 64 -11.99 -3.59 3.95
C LYS A 64 -11.83 -2.31 3.11
N LYS A 65 -10.77 -1.53 3.40
CA LYS A 65 -10.53 -0.28 2.69
C LYS A 65 -9.02 -0.02 2.50
N LEU A 66 -8.70 0.84 1.54
CA LEU A 66 -7.30 1.14 1.17
C LEU A 66 -6.44 1.59 2.35
N SER A 67 -7.01 2.39 3.25
CA SER A 67 -6.29 2.90 4.42
C SER A 67 -5.64 1.75 5.22
N ASP A 68 -6.41 0.70 5.46
CA ASP A 68 -5.92 -0.46 6.23
C ASP A 68 -4.90 -1.26 5.40
N LEU A 69 -5.14 -1.36 4.08
CA LEU A 69 -4.21 -2.05 3.17
C LEU A 69 -2.81 -1.40 3.21
N VAL A 70 -2.78 -0.07 3.16
CA VAL A 70 -1.52 0.68 3.17
C VAL A 70 -0.73 0.45 4.48
N LYS A 71 -1.39 0.68 5.63
CA LYS A 71 -0.74 0.50 6.94
C LYS A 71 -0.38 -0.97 7.19
N ALA A 72 -1.02 -1.89 6.47
CA ALA A 72 -0.65 -3.31 6.53
C ALA A 72 0.55 -3.62 5.62
N ARG A 73 0.62 -2.93 4.48
CA ARG A 73 1.72 -3.12 3.51
C ARG A 73 2.80 -2.03 3.65
N THR A 74 3.21 -1.75 4.89
CA THR A 74 4.26 -0.75 5.16
C THR A 74 5.56 -1.08 4.43
N ASP A 75 5.68 -2.32 3.96
CA ASP A 75 6.84 -2.75 3.17
C ASP A 75 7.00 -1.91 1.90
N LEU A 76 5.87 -1.51 1.30
CA LEU A 76 5.88 -0.69 0.09
C LEU A 76 5.58 0.79 0.39
N PHE A 77 4.72 1.03 1.38
CA PHE A 77 4.23 2.38 1.68
C PHE A 77 4.60 2.83 3.10
N VAL A 78 5.18 4.02 3.21
CA VAL A 78 5.51 4.60 4.51
C VAL A 78 4.33 5.44 5.05
N THR A 79 3.89 5.15 6.28
CA THR A 79 2.70 5.81 6.85
C THR A 79 3.02 6.67 8.08
N GLU A 80 2.52 7.91 8.08
CA GLU A 80 2.57 8.78 9.26
C GLU A 80 1.30 9.65 9.36
N GLU A 81 0.73 9.70 10.56
CA GLU A 81 -0.47 10.51 10.80
C GLU A 81 -0.06 11.94 11.20
N ARG A 82 -0.46 12.92 10.38
CA ARG A 82 -0.09 14.32 10.62
C ARG A 82 -1.33 15.18 10.88
N GLN A 83 -1.30 16.00 11.92
CA GLN A 83 -2.45 16.86 12.25
C GLN A 83 -2.48 18.10 11.35
N VAL A 84 -3.66 18.43 10.84
CA VAL A 84 -3.81 19.50 9.85
C VAL A 84 -4.02 20.88 10.52
N PRO A 85 -3.19 21.88 10.16
CA PRO A 85 -3.31 23.24 10.73
C PRO A 85 -4.68 23.88 10.43
N GLY A 86 -5.41 24.21 11.49
CA GLY A 86 -6.75 24.78 11.37
C GLY A 86 -7.86 23.76 11.68
N SER A 87 -7.56 22.49 11.46
CA SER A 87 -8.52 21.41 11.72
C SER A 87 -8.19 20.68 13.03
N THR A 88 -9.22 20.25 13.76
CA THR A 88 -9.03 19.54 15.03
C THR A 88 -8.68 18.05 14.82
N GLN A 89 -8.75 17.60 13.57
CA GLN A 89 -8.46 16.20 13.23
C GLN A 89 -7.07 16.03 12.59
N LYS A 90 -6.55 14.80 12.62
CA LYS A 90 -5.28 14.47 11.96
C LYS A 90 -5.52 13.63 10.69
N ALA A 91 -4.75 13.91 9.65
CA ALA A 91 -4.88 13.20 8.37
C ALA A 91 -3.70 12.25 8.13
N LEU A 92 -3.98 11.05 7.63
CA LEU A 92 -2.95 10.08 7.31
C LEU A 92 -2.23 10.43 5.99
N TYR A 93 -0.93 10.72 6.08
CA TYR A 93 -0.13 11.00 4.89
C TYR A 93 0.76 9.78 4.54
N LEU A 94 0.92 9.55 3.25
CA LEU A 94 1.67 8.38 2.75
C LEU A 94 2.83 8.79 1.84
N ARG A 95 3.87 7.97 1.78
CA ARG A 95 4.97 8.17 0.83
C ARG A 95 5.61 6.84 0.42
N ALA A 96 6.44 6.89 -0.63
CA ALA A 96 7.04 5.68 -1.18
C ALA A 96 8.22 5.14 -0.34
N LYS A 97 8.38 3.83 -0.34
CA LYS A 97 9.53 3.19 0.32
C LYS A 97 10.80 3.31 -0.54
N LEU A 98 11.69 4.20 -0.16
CA LEU A 98 12.92 4.45 -0.93
C LEU A 98 14.18 4.02 -0.15
N GLU A 99 14.70 2.85 -0.46
CA GLU A 99 15.95 2.36 0.13
C GLU A 99 16.74 1.49 -0.87
N HIS A 100 17.90 0.98 -0.43
CA HIS A 100 18.83 0.30 -1.35
C HIS A 100 18.77 -1.23 -1.19
N HIS A 101 17.65 -1.75 -0.69
CA HIS A 101 17.45 -3.21 -0.61
C HIS A 101 17.54 -3.84 -2.01
N HIS A 102 18.43 -4.82 -2.15
CA HIS A 102 18.72 -5.44 -3.45
C HIS A 102 17.44 -6.01 -4.11
N HIS A 103 16.97 -5.32 -5.14
CA HIS A 103 15.70 -5.66 -5.79
C HIS A 103 15.79 -6.99 -6.56
N HIS A 104 14.79 -7.85 -6.37
CA HIS A 104 14.69 -9.12 -7.10
C HIS A 104 13.91 -8.93 -8.41
N HIS A 105 12.91 -8.04 -8.36
CA HIS A 105 12.10 -7.67 -9.53
C HIS A 105 11.10 -6.56 -9.17
N MET A 1 -2.27 -37.40 -18.05
CA MET A 1 -1.01 -36.61 -17.85
C MET A 1 -0.59 -35.88 -19.13
N ASP A 2 -1.54 -35.65 -20.04
CA ASP A 2 -1.27 -34.92 -21.28
C ASP A 2 -0.82 -33.48 -20.99
N GLN A 3 -1.34 -32.91 -19.90
CA GLN A 3 -0.93 -31.58 -19.45
C GLN A 3 0.08 -31.67 -18.29
N LYS A 4 1.24 -31.04 -18.44
CA LYS A 4 2.25 -31.03 -17.39
C LYS A 4 1.94 -29.97 -16.32
N SER A 5 1.55 -30.42 -15.13
CA SER A 5 1.24 -29.50 -14.01
C SER A 5 2.49 -28.73 -13.55
N SER A 6 2.30 -27.75 -12.69
CA SER A 6 3.41 -26.93 -12.17
C SER A 6 4.43 -27.76 -11.38
N SER A 7 3.94 -28.76 -10.65
CA SER A 7 4.80 -29.62 -9.84
C SER A 7 5.35 -30.81 -10.65
N PRO A 8 6.67 -30.84 -10.93
CA PRO A 8 7.31 -32.00 -11.59
C PRO A 8 7.56 -33.16 -10.60
N GLN A 9 8.20 -32.85 -9.47
CA GLN A 9 8.40 -33.81 -8.38
C GLN A 9 7.08 -34.05 -7.61
N PRO A 10 6.93 -35.22 -6.97
CA PRO A 10 5.70 -35.57 -6.24
C PRO A 10 5.44 -34.69 -5.00
N ALA A 11 4.17 -34.30 -4.81
CA ALA A 11 3.71 -33.61 -3.60
C ALA A 11 4.18 -32.14 -3.49
N ALA A 12 4.98 -31.67 -4.44
CA ALA A 12 5.45 -30.26 -4.41
C ALA A 12 4.38 -29.30 -4.95
N GLN A 13 3.23 -29.29 -4.31
CA GLN A 13 2.08 -28.52 -4.78
C GLN A 13 2.18 -27.02 -4.41
N ALA A 14 1.50 -26.18 -5.18
CA ALA A 14 1.53 -24.72 -4.97
C ALA A 14 0.34 -24.24 -4.13
N PRO A 15 0.50 -23.12 -3.37
CA PRO A 15 -0.56 -22.56 -2.51
C PRO A 15 -1.75 -21.97 -3.31
N GLU A 16 -2.59 -21.17 -2.64
CA GLU A 16 -3.76 -20.56 -3.26
C GLU A 16 -3.38 -19.43 -4.25
N THR A 17 -4.39 -18.79 -4.83
CA THR A 17 -4.16 -17.68 -5.78
C THR A 17 -3.98 -16.34 -5.05
N LYS A 18 -2.84 -15.69 -5.28
CA LYS A 18 -2.55 -14.38 -4.69
C LYS A 18 -2.43 -13.30 -5.77
N GLN A 19 -2.94 -12.11 -5.49
CA GLN A 19 -2.80 -10.98 -6.42
C GLN A 19 -1.49 -10.21 -6.12
N ALA A 20 -0.78 -9.82 -7.18
CA ALA A 20 0.53 -9.14 -7.04
C ALA A 20 0.40 -7.62 -7.16
N PHE A 21 0.92 -6.90 -6.15
CA PHE A 21 0.90 -5.43 -6.14
C PHE A 21 1.83 -4.83 -7.21
N PRO A 22 1.29 -4.11 -8.21
CA PRO A 22 2.11 -3.38 -9.18
C PRO A 22 2.60 -2.04 -8.59
N ARG A 23 3.83 -2.02 -8.11
CA ARG A 23 4.37 -0.85 -7.39
C ARG A 23 4.61 0.34 -8.35
N LYS A 24 4.92 0.05 -9.61
CA LYS A 24 5.19 1.10 -10.60
C LYS A 24 4.04 2.13 -10.64
N PHE A 25 2.84 1.67 -11.01
CA PHE A 25 1.68 2.57 -11.12
C PHE A 25 1.26 3.15 -9.77
N VAL A 26 1.22 2.32 -8.73
CA VAL A 26 0.80 2.78 -7.39
C VAL A 26 1.74 3.88 -6.84
N LEU A 27 3.04 3.63 -6.87
CA LEU A 27 4.02 4.61 -6.40
C LEU A 27 4.02 5.86 -7.30
N ALA A 28 3.81 5.66 -8.61
CA ALA A 28 3.69 6.78 -9.57
C ALA A 28 2.51 7.69 -9.20
N ALA A 29 1.38 7.07 -8.85
CA ALA A 29 0.21 7.82 -8.39
C ALA A 29 0.51 8.54 -7.07
N LEU A 30 1.10 7.79 -6.14
CA LEU A 30 1.45 8.31 -4.82
C LEU A 30 2.33 9.58 -4.92
N GLU A 31 3.45 9.48 -5.65
CA GLU A 31 4.41 10.59 -5.75
C GLU A 31 3.77 11.83 -6.39
N GLN A 32 2.94 11.61 -7.42
CA GLN A 32 2.23 12.72 -8.09
C GLN A 32 1.15 13.31 -7.18
N SER A 33 0.59 12.49 -6.30
CA SER A 33 -0.42 12.93 -5.33
C SER A 33 0.23 13.54 -4.08
N SER A 34 1.56 13.46 -4.00
CA SER A 34 2.32 13.96 -2.84
C SER A 34 2.59 15.47 -2.95
N ASP A 35 2.61 16.14 -1.82
CA ASP A 35 3.00 17.55 -1.76
C ASP A 35 4.55 17.68 -1.82
N ASP A 36 5.04 18.92 -1.66
CA ASP A 36 6.48 19.21 -1.82
C ASP A 36 7.38 18.24 -1.03
N ALA A 37 7.07 18.05 0.25
CA ALA A 37 7.92 17.25 1.15
C ALA A 37 7.72 15.74 0.97
N GLY A 38 7.15 15.32 -0.17
CA GLY A 38 6.98 13.89 -0.43
C GLY A 38 5.98 13.21 0.50
N TRP A 39 4.79 13.80 0.61
CA TRP A 39 3.71 13.25 1.42
C TRP A 39 2.35 13.42 0.72
N ALA A 40 1.67 12.30 0.47
CA ALA A 40 0.36 12.33 -0.20
C ALA A 40 -0.77 12.01 0.76
N ASN A 41 -1.73 12.92 0.87
CA ASN A 41 -2.90 12.70 1.72
C ASN A 41 -3.73 11.51 1.20
N LEU A 42 -4.13 10.63 2.11
CA LEU A 42 -4.88 9.41 1.79
C LEU A 42 -6.03 9.68 0.79
N GLY A 43 -6.74 10.80 0.98
CA GLY A 43 -7.85 11.15 0.10
C GLY A 43 -7.44 11.31 -1.37
N ASN A 44 -6.40 12.11 -1.60
CA ASN A 44 -5.91 12.36 -2.96
C ASN A 44 -5.32 11.08 -3.58
N PHE A 45 -4.56 10.32 -2.78
CA PHE A 45 -3.96 9.06 -3.23
C PHE A 45 -5.03 8.09 -3.74
N GLY A 46 -6.09 7.89 -2.94
CA GLY A 46 -7.18 7.01 -3.34
C GLY A 46 -7.85 7.44 -4.65
N ASN A 47 -7.81 8.74 -4.94
CA ASN A 47 -8.39 9.29 -6.16
C ASN A 47 -7.49 9.00 -7.38
N TYR A 48 -6.30 9.58 -7.40
CA TYR A 48 -5.41 9.47 -8.57
C TYR A 48 -4.95 8.03 -8.82
N LEU A 49 -4.82 7.24 -7.76
CA LEU A 49 -4.42 5.82 -7.88
C LEU A 49 -5.38 5.04 -8.80
N ASN A 50 -6.68 5.17 -8.55
CA ASN A 50 -7.70 4.44 -9.33
C ASN A 50 -7.68 4.87 -10.81
N LYS A 51 -7.22 6.09 -11.09
CA LYS A 51 -7.09 6.57 -12.46
C LYS A 51 -6.03 5.76 -13.22
N LEU A 52 -4.95 5.41 -12.54
CA LEU A 52 -3.87 4.62 -13.15
C LEU A 52 -4.19 3.12 -13.11
N GLN A 53 -4.75 2.66 -11.98
CA GLN A 53 -5.11 1.25 -11.81
C GLN A 53 -6.57 1.08 -11.39
N PRO A 54 -7.51 1.13 -12.35
CA PRO A 54 -8.95 0.96 -12.07
C PRO A 54 -9.33 -0.50 -11.74
N ASP A 55 -8.43 -1.43 -12.10
CA ASP A 55 -8.63 -2.86 -11.81
C ASP A 55 -8.02 -3.22 -10.44
N PHE A 56 -7.37 -2.25 -9.80
CA PHE A 56 -6.78 -2.46 -8.47
C PHE A 56 -7.79 -2.13 -7.37
N ASP A 57 -8.31 -3.16 -6.70
CA ASP A 57 -9.31 -2.99 -5.65
C ASP A 57 -8.89 -3.66 -4.34
N SER A 58 -9.12 -2.98 -3.22
CA SER A 58 -8.70 -3.47 -1.89
C SER A 58 -9.41 -4.77 -1.49
N ARG A 59 -10.69 -4.89 -1.84
CA ARG A 59 -11.49 -6.07 -1.43
C ARG A 59 -10.90 -7.37 -2.02
N LEU A 60 -10.24 -7.26 -3.17
CA LEU A 60 -9.60 -8.40 -3.83
C LEU A 60 -8.50 -9.02 -2.95
N TYR A 61 -7.90 -8.19 -2.09
CA TYR A 61 -6.83 -8.65 -1.19
C TYR A 61 -7.37 -8.99 0.21
N GLY A 62 -8.68 -8.79 0.42
CA GLY A 62 -9.30 -9.11 1.70
C GLY A 62 -9.50 -7.89 2.63
N TYR A 63 -8.99 -6.73 2.21
CA TYR A 63 -9.07 -5.51 3.02
C TYR A 63 -10.38 -4.75 2.78
N LYS A 64 -10.95 -4.16 3.83
CA LYS A 64 -12.19 -3.38 3.70
C LYS A 64 -11.96 -2.08 2.93
N LYS A 65 -10.90 -1.36 3.32
CA LYS A 65 -10.57 -0.05 2.72
C LYS A 65 -9.07 0.07 2.40
N LEU A 66 -8.75 0.97 1.46
CA LEU A 66 -7.35 1.20 1.05
C LEU A 66 -6.47 1.57 2.25
N SER A 67 -7.02 2.36 3.18
CA SER A 67 -6.32 2.75 4.41
C SER A 67 -5.74 1.53 5.14
N ASP A 68 -6.54 0.47 5.24
CA ASP A 68 -6.15 -0.74 5.96
C ASP A 68 -5.06 -1.50 5.17
N LEU A 69 -5.16 -1.43 3.84
CA LEU A 69 -4.18 -2.07 2.94
C LEU A 69 -2.80 -1.41 3.07
N VAL A 70 -2.76 -0.09 2.93
CA VAL A 70 -1.49 0.66 2.96
C VAL A 70 -0.72 0.41 4.27
N LYS A 71 -1.37 0.61 5.41
CA LYS A 71 -0.71 0.44 6.72
C LYS A 71 -0.31 -1.02 6.98
N ALA A 72 -0.96 -1.95 6.29
CA ALA A 72 -0.62 -3.37 6.42
C ALA A 72 0.60 -3.75 5.56
N ARG A 73 0.84 -2.96 4.52
CA ARG A 73 1.95 -3.22 3.58
C ARG A 73 3.08 -2.20 3.73
N THR A 74 3.54 -2.00 4.97
CA THR A 74 4.60 -1.01 5.27
C THR A 74 5.93 -1.32 4.57
N ASP A 75 6.10 -2.56 4.09
CA ASP A 75 7.28 -2.91 3.30
C ASP A 75 7.31 -2.16 1.96
N LEU A 76 6.11 -1.78 1.48
CA LEU A 76 5.96 -1.01 0.25
C LEU A 76 5.73 0.49 0.55
N PHE A 77 4.84 0.78 1.50
CA PHE A 77 4.41 2.15 1.77
C PHE A 77 4.77 2.60 3.21
N VAL A 78 5.03 3.89 3.37
CA VAL A 78 5.28 4.49 4.68
C VAL A 78 4.08 5.33 5.14
N THR A 79 3.61 5.10 6.36
CA THR A 79 2.41 5.79 6.86
C THR A 79 2.73 6.68 8.07
N GLU A 80 2.28 7.94 8.02
CA GLU A 80 2.40 8.86 9.16
C GLU A 80 1.17 9.76 9.30
N GLU A 81 0.75 9.98 10.54
CA GLU A 81 -0.38 10.86 10.85
C GLU A 81 0.09 12.31 11.02
N ARG A 82 -0.39 13.20 10.17
CA ARG A 82 0.05 14.60 10.19
C ARG A 82 -1.13 15.52 10.53
N GLN A 83 -1.01 16.28 11.62
CA GLN A 83 -2.12 17.11 12.11
C GLN A 83 -2.24 18.41 11.31
N VAL A 84 -3.48 18.75 10.95
CA VAL A 84 -3.74 19.90 10.08
C VAL A 84 -3.95 21.20 10.89
N PRO A 85 -3.12 22.23 10.66
CA PRO A 85 -3.32 23.55 11.28
C PRO A 85 -4.62 24.23 10.80
N GLY A 86 -5.48 24.60 11.75
CA GLY A 86 -6.82 25.08 11.41
C GLY A 86 -7.89 24.02 11.67
N SER A 87 -7.46 22.82 12.07
CA SER A 87 -8.36 21.71 12.38
C SER A 87 -7.95 21.03 13.70
N THR A 88 -8.90 20.35 14.34
CA THR A 88 -8.59 19.58 15.56
C THR A 88 -8.22 18.13 15.24
N GLN A 89 -8.56 17.70 14.02
CA GLN A 89 -8.30 16.32 13.58
C GLN A 89 -6.97 16.20 12.80
N LYS A 90 -6.44 14.99 12.73
CA LYS A 90 -5.21 14.70 11.98
C LYS A 90 -5.51 14.04 10.63
N ALA A 91 -4.66 14.30 9.63
CA ALA A 91 -4.82 13.70 8.30
C ALA A 91 -3.67 12.71 8.01
N LEU A 92 -3.98 11.62 7.33
CA LEU A 92 -2.98 10.58 7.04
C LEU A 92 -2.24 10.85 5.73
N TYR A 93 -0.91 10.97 5.81
CA TYR A 93 -0.07 11.16 4.62
C TYR A 93 0.82 9.93 4.37
N LEU A 94 1.06 9.64 3.09
CA LEU A 94 1.78 8.43 2.69
C LEU A 94 2.99 8.77 1.78
N ARG A 95 4.00 7.90 1.80
CA ARG A 95 5.14 7.98 0.86
C ARG A 95 5.71 6.58 0.57
N ALA A 96 6.57 6.48 -0.43
CA ALA A 96 7.18 5.20 -0.81
C ALA A 96 8.32 4.79 0.14
N LYS A 97 8.42 3.49 0.41
CA LYS A 97 9.50 2.95 1.23
C LYS A 97 10.80 2.81 0.40
N LEU A 98 11.80 3.64 0.72
CA LEU A 98 13.06 3.66 -0.04
C LEU A 98 14.28 3.30 0.84
N GLU A 99 14.90 2.18 0.53
CA GLU A 99 16.14 1.75 1.20
C GLU A 99 16.95 0.81 0.31
N HIS A 100 18.01 0.19 0.84
CA HIS A 100 18.87 -0.69 0.04
C HIS A 100 19.79 -1.59 0.89
N HIS A 101 19.81 -1.39 2.20
CA HIS A 101 20.70 -2.14 3.13
C HIS A 101 22.20 -1.88 2.90
N HIS A 102 22.57 -1.43 1.70
CA HIS A 102 23.98 -1.24 1.35
C HIS A 102 24.63 -0.06 2.10
N HIS A 103 25.02 -0.29 3.34
CA HIS A 103 25.83 0.67 4.09
C HIS A 103 27.29 0.19 4.12
N HIS A 104 27.46 -1.13 4.00
CA HIS A 104 28.78 -1.75 3.77
C HIS A 104 28.89 -2.20 2.30
N HIS A 105 29.99 -2.85 1.94
CA HIS A 105 30.17 -3.38 0.59
C HIS A 105 29.19 -4.53 0.26
N MET A 1 4.15 -43.35 -33.86
CA MET A 1 3.29 -42.50 -32.99
C MET A 1 3.21 -43.07 -31.58
N ASP A 2 3.98 -42.51 -30.66
CA ASP A 2 4.08 -43.04 -29.29
C ASP A 2 3.37 -42.12 -28.28
N GLN A 3 2.61 -42.73 -27.37
CA GLN A 3 2.01 -42.00 -26.25
C GLN A 3 2.52 -42.58 -24.92
N LYS A 4 3.00 -41.70 -24.04
CA LYS A 4 3.56 -42.14 -22.75
C LYS A 4 2.45 -42.57 -21.78
N SER A 5 2.29 -43.89 -21.62
CA SER A 5 1.27 -44.44 -20.72
C SER A 5 1.65 -44.23 -19.25
N SER A 6 1.43 -43.02 -18.74
CA SER A 6 1.82 -42.64 -17.38
C SER A 6 0.69 -42.88 -16.37
N SER A 7 1.05 -43.28 -15.15
CA SER A 7 0.07 -43.52 -14.09
C SER A 7 0.33 -42.63 -12.85
N PRO A 8 -0.33 -41.48 -12.76
CA PRO A 8 -0.21 -40.58 -11.60
C PRO A 8 -1.15 -40.98 -10.45
N GLN A 9 -1.67 -39.99 -9.72
CA GLN A 9 -2.65 -40.24 -8.65
C GLN A 9 -3.59 -39.04 -8.50
N PRO A 10 -4.85 -39.26 -8.05
CA PRO A 10 -5.80 -38.17 -7.81
C PRO A 10 -5.28 -37.16 -6.77
N ALA A 11 -5.45 -35.87 -7.07
CA ALA A 11 -4.95 -34.81 -6.19
C ALA A 11 -6.08 -33.98 -5.58
N ALA A 12 -5.86 -33.47 -4.37
CA ALA A 12 -6.84 -32.63 -3.67
C ALA A 12 -6.26 -31.26 -3.32
N GLN A 13 -5.27 -30.81 -4.10
CA GLN A 13 -4.57 -29.56 -3.82
C GLN A 13 -5.45 -28.33 -4.11
N ALA A 14 -5.39 -27.34 -3.24
CA ALA A 14 -6.22 -26.13 -3.38
C ALA A 14 -5.37 -24.90 -3.76
N PRO A 15 -5.51 -24.41 -5.01
CA PRO A 15 -4.80 -23.20 -5.47
C PRO A 15 -5.30 -21.92 -4.78
N GLU A 16 -4.39 -21.18 -4.16
CA GLU A 16 -4.75 -19.94 -3.44
C GLU A 16 -4.77 -18.72 -4.38
N THR A 17 -5.16 -17.57 -3.84
CA THR A 17 -5.26 -16.33 -4.64
C THR A 17 -4.42 -15.20 -4.04
N LYS A 18 -3.44 -14.72 -4.79
CA LYS A 18 -2.63 -13.57 -4.38
C LYS A 18 -2.27 -12.71 -5.60
N GLN A 19 -2.82 -11.50 -5.66
CA GLN A 19 -2.56 -10.58 -6.78
C GLN A 19 -1.24 -9.82 -6.59
N ALA A 20 -0.64 -9.39 -7.69
CA ALA A 20 0.65 -8.69 -7.64
C ALA A 20 0.48 -7.17 -7.46
N PHE A 21 1.07 -6.62 -6.41
CA PHE A 21 1.09 -5.17 -6.18
C PHE A 21 2.02 -4.47 -7.18
N PRO A 22 1.49 -3.70 -8.15
CA PRO A 22 2.31 -2.96 -9.09
C PRO A 22 2.74 -1.59 -8.53
N ARG A 23 3.96 -1.53 -7.99
CA ARG A 23 4.41 -0.31 -7.32
C ARG A 23 4.85 0.76 -8.32
N LYS A 24 5.19 0.35 -9.54
CA LYS A 24 5.54 1.30 -10.60
C LYS A 24 4.34 2.19 -10.98
N PHE A 25 3.12 1.68 -10.73
CA PHE A 25 1.89 2.46 -10.95
C PHE A 25 1.44 3.14 -9.64
N VAL A 26 1.33 2.35 -8.57
CA VAL A 26 0.85 2.87 -7.28
C VAL A 26 1.76 3.99 -6.74
N LEU A 27 3.08 3.75 -6.67
CA LEU A 27 4.02 4.77 -6.19
C LEU A 27 4.04 5.99 -7.12
N ALA A 28 3.74 5.77 -8.40
CA ALA A 28 3.65 6.87 -9.37
C ALA A 28 2.46 7.79 -9.05
N ALA A 29 1.30 7.19 -8.77
CA ALA A 29 0.13 7.96 -8.36
C ALA A 29 0.35 8.63 -7.00
N LEU A 30 1.04 7.92 -6.12
CA LEU A 30 1.37 8.41 -4.77
C LEU A 30 2.19 9.71 -4.83
N GLU A 31 3.35 9.66 -5.49
CA GLU A 31 4.26 10.81 -5.57
C GLU A 31 3.60 12.02 -6.28
N GLN A 32 2.71 11.74 -7.23
CA GLN A 32 2.02 12.79 -7.98
C GLN A 32 0.83 13.38 -7.18
N SER A 33 0.58 12.83 -6.00
CA SER A 33 -0.49 13.32 -5.11
C SER A 33 0.11 13.85 -3.78
N SER A 34 1.42 14.01 -3.75
CA SER A 34 2.15 14.39 -2.53
C SER A 34 2.32 15.91 -2.38
N ASP A 35 2.62 16.33 -1.15
CA ASP A 35 3.01 17.71 -0.87
C ASP A 35 4.48 17.93 -1.27
N ASP A 36 5.02 19.11 -0.97
CA ASP A 36 6.41 19.44 -1.30
C ASP A 36 7.38 18.50 -0.56
N ALA A 37 6.96 18.03 0.62
CA ALA A 37 7.78 17.14 1.43
C ALA A 37 7.79 15.70 0.90
N GLY A 38 6.81 15.35 0.06
CA GLY A 38 6.72 14.00 -0.48
C GLY A 38 5.59 13.17 0.13
N TRP A 39 4.89 13.72 1.12
CA TRP A 39 3.77 13.02 1.77
C TRP A 39 2.44 13.29 1.06
N ALA A 40 1.72 12.24 0.73
CA ALA A 40 0.44 12.35 0.00
C ALA A 40 -0.75 12.04 0.92
N ASN A 41 -1.75 12.92 0.91
CA ASN A 41 -2.97 12.72 1.70
C ASN A 41 -3.77 11.52 1.18
N LEU A 42 -4.05 10.58 2.08
CA LEU A 42 -4.81 9.36 1.77
C LEU A 42 -6.02 9.63 0.85
N GLY A 43 -6.75 10.72 1.11
CA GLY A 43 -7.93 11.07 0.33
C GLY A 43 -7.64 11.31 -1.15
N ASN A 44 -6.54 12.03 -1.44
CA ASN A 44 -6.14 12.32 -2.81
C ASN A 44 -5.43 11.11 -3.46
N PHE A 45 -4.65 10.39 -2.67
CA PHE A 45 -3.98 9.17 -3.13
C PHE A 45 -4.99 8.18 -3.76
N GLY A 46 -6.07 7.91 -3.03
CA GLY A 46 -7.11 7.01 -3.53
C GLY A 46 -7.76 7.50 -4.83
N ASN A 47 -7.70 8.81 -5.08
CA ASN A 47 -8.27 9.39 -6.30
C ASN A 47 -7.35 9.15 -7.50
N TYR A 48 -6.12 9.67 -7.42
CA TYR A 48 -5.18 9.60 -8.55
C TYR A 48 -4.71 8.14 -8.79
N LEU A 49 -4.75 7.33 -7.74
CA LEU A 49 -4.39 5.90 -7.86
C LEU A 49 -5.38 5.16 -8.77
N ASN A 50 -6.67 5.27 -8.47
CA ASN A 50 -7.70 4.57 -9.26
C ASN A 50 -7.68 5.00 -10.73
N LYS A 51 -7.22 6.23 -10.99
CA LYS A 51 -7.03 6.71 -12.37
C LYS A 51 -6.04 5.80 -13.13
N LEU A 52 -4.93 5.44 -12.47
CA LEU A 52 -3.90 4.62 -13.11
C LEU A 52 -4.23 3.12 -12.99
N GLN A 53 -4.83 2.72 -11.88
CA GLN A 53 -5.18 1.31 -11.64
C GLN A 53 -6.64 1.14 -11.19
N PRO A 54 -7.61 1.18 -12.12
CA PRO A 54 -9.04 1.00 -11.80
C PRO A 54 -9.38 -0.46 -11.40
N ASP A 55 -8.56 -1.41 -11.85
CA ASP A 55 -8.77 -2.83 -11.54
C ASP A 55 -8.18 -3.19 -10.16
N PHE A 56 -7.43 -2.27 -9.56
CA PHE A 56 -6.79 -2.49 -8.26
C PHE A 56 -7.75 -2.17 -7.11
N ASP A 57 -8.23 -3.21 -6.42
CA ASP A 57 -9.21 -3.04 -5.34
C ASP A 57 -8.73 -3.72 -4.03
N SER A 58 -9.00 -3.07 -2.90
CA SER A 58 -8.54 -3.56 -1.59
C SER A 58 -9.26 -4.85 -1.17
N ARG A 59 -10.52 -5.00 -1.55
CA ARG A 59 -11.34 -6.15 -1.16
C ARG A 59 -10.73 -7.47 -1.68
N LEU A 60 -10.03 -7.38 -2.80
CA LEU A 60 -9.38 -8.55 -3.42
C LEU A 60 -8.30 -9.15 -2.51
N TYR A 61 -7.76 -8.34 -1.60
CA TYR A 61 -6.72 -8.79 -0.68
C TYR A 61 -7.28 -9.03 0.75
N GLY A 62 -8.60 -8.94 0.89
CA GLY A 62 -9.24 -9.16 2.20
C GLY A 62 -9.36 -7.89 3.04
N TYR A 63 -9.08 -6.73 2.45
CA TYR A 63 -9.17 -5.45 3.17
C TYR A 63 -10.48 -4.73 2.86
N LYS A 64 -11.14 -4.24 3.90
CA LYS A 64 -12.45 -3.58 3.76
C LYS A 64 -12.36 -2.21 3.06
N LYS A 65 -11.17 -1.60 3.10
CA LYS A 65 -10.92 -0.35 2.37
C LYS A 65 -9.43 -0.13 2.09
N LEU A 66 -9.13 0.70 1.09
CA LEU A 66 -7.74 1.02 0.71
C LEU A 66 -6.93 1.55 1.90
N SER A 67 -7.58 2.40 2.71
CA SER A 67 -6.95 2.98 3.91
C SER A 67 -6.29 1.90 4.78
N ASP A 68 -6.97 0.77 4.92
CA ASP A 68 -6.48 -0.31 5.79
C ASP A 68 -5.43 -1.18 5.05
N LEU A 69 -5.51 -1.21 3.72
CA LEU A 69 -4.52 -1.93 2.90
C LEU A 69 -3.13 -1.31 3.02
N VAL A 70 -3.06 0.01 2.83
CA VAL A 70 -1.78 0.73 2.84
C VAL A 70 -1.04 0.58 4.19
N LYS A 71 -1.74 0.85 5.28
CA LYS A 71 -1.16 0.75 6.64
C LYS A 71 -0.66 -0.66 6.96
N ALA A 72 -1.17 -1.66 6.26
CA ALA A 72 -0.74 -3.06 6.45
C ALA A 72 0.48 -3.42 5.58
N ARG A 73 0.74 -2.62 4.55
CA ARG A 73 1.85 -2.88 3.61
C ARG A 73 2.99 -1.87 3.81
N THR A 74 3.41 -1.68 5.05
CA THR A 74 4.42 -0.67 5.41
C THR A 74 5.78 -0.90 4.72
N ASP A 75 6.04 -2.14 4.30
CA ASP A 75 7.27 -2.48 3.58
C ASP A 75 7.31 -1.81 2.19
N LEU A 76 6.13 -1.51 1.65
CA LEU A 76 6.01 -0.83 0.36
C LEU A 76 5.67 0.65 0.54
N PHE A 77 4.76 0.94 1.46
CA PHE A 77 4.26 2.30 1.67
C PHE A 77 4.61 2.81 3.09
N VAL A 78 5.15 4.01 3.17
CA VAL A 78 5.45 4.63 4.47
C VAL A 78 4.22 5.39 4.99
N THR A 79 3.69 4.97 6.14
CA THR A 79 2.46 5.54 6.68
C THR A 79 2.68 6.26 8.01
N GLU A 80 2.19 7.50 8.11
CA GLU A 80 2.23 8.26 9.37
C GLU A 80 1.01 9.17 9.51
N GLU A 81 0.53 9.32 10.74
CA GLU A 81 -0.58 10.23 11.03
C GLU A 81 -0.06 11.65 11.31
N ARG A 82 -0.39 12.58 10.43
CA ARG A 82 0.07 13.96 10.57
C ARG A 82 -1.14 14.90 10.74
N GLN A 83 -1.07 15.79 11.73
CA GLN A 83 -2.17 16.71 12.00
C GLN A 83 -2.13 17.89 11.01
N VAL A 84 -3.26 18.17 10.38
CA VAL A 84 -3.32 19.12 9.26
C VAL A 84 -3.55 20.57 9.73
N PRO A 85 -2.70 21.52 9.28
CA PRO A 85 -2.90 22.96 9.55
C PRO A 85 -4.31 23.44 9.17
N GLY A 86 -5.01 24.06 10.11
CA GLY A 86 -6.40 24.45 9.91
C GLY A 86 -7.38 23.43 10.50
N SER A 87 -6.88 22.22 10.75
CA SER A 87 -7.67 21.15 11.37
C SER A 87 -7.09 20.77 12.73
N THR A 88 -7.96 20.49 13.69
CA THR A 88 -7.51 19.93 14.98
C THR A 88 -7.37 18.40 14.86
N GLN A 89 -8.06 17.82 13.89
CA GLN A 89 -7.97 16.38 13.64
C GLN A 89 -6.79 16.04 12.72
N LYS A 90 -6.36 14.79 12.77
CA LYS A 90 -5.20 14.33 12.00
C LYS A 90 -5.62 13.65 10.68
N ALA A 91 -4.69 13.59 9.74
CA ALA A 91 -4.91 12.88 8.47
C ALA A 91 -3.76 11.90 8.19
N LEU A 92 -4.05 10.80 7.50
CA LEU A 92 -3.03 9.81 7.18
C LEU A 92 -2.27 10.19 5.89
N TYR A 93 -0.97 10.43 6.02
CA TYR A 93 -0.12 10.76 4.88
C TYR A 93 0.75 9.57 4.47
N LEU A 94 0.96 9.41 3.16
CA LEU A 94 1.65 8.25 2.61
C LEU A 94 2.82 8.67 1.69
N ARG A 95 3.92 7.92 1.72
CA ARG A 95 5.01 8.12 0.75
C ARG A 95 5.69 6.79 0.41
N ALA A 96 6.52 6.79 -0.64
CA ALA A 96 7.19 5.57 -1.11
C ALA A 96 8.32 5.12 -0.17
N LYS A 97 8.48 3.81 -0.02
CA LYS A 97 9.57 3.25 0.80
C LYS A 97 10.88 3.16 -0.01
N LEU A 98 11.91 3.84 0.47
CA LEU A 98 13.24 3.78 -0.15
C LEU A 98 14.10 2.69 0.50
N GLU A 99 14.49 1.68 -0.27
CA GLU A 99 15.29 0.58 0.26
C GLU A 99 16.76 0.99 0.45
N HIS A 100 17.50 0.19 1.20
CA HIS A 100 18.92 0.47 1.48
C HIS A 100 19.81 -0.70 1.04
N HIS A 101 20.18 -0.69 -0.24
CA HIS A 101 21.00 -1.75 -0.85
C HIS A 101 22.25 -2.12 0.00
N HIS A 102 22.15 -3.23 0.73
CA HIS A 102 23.28 -3.81 1.46
C HIS A 102 23.29 -5.34 1.30
N HIS A 103 24.05 -5.83 0.32
CA HIS A 103 24.06 -7.26 -0.01
C HIS A 103 25.49 -7.82 -0.07
N HIS A 104 25.61 -9.14 -0.05
CA HIS A 104 26.91 -9.82 -0.05
C HIS A 104 27.38 -10.17 -1.48
N HIS A 105 28.58 -10.71 -1.59
CA HIS A 105 29.14 -11.15 -2.87
C HIS A 105 29.49 -12.65 -2.85
N MET A 1 18.42 -36.05 -10.44
CA MET A 1 17.94 -36.88 -9.29
C MET A 1 18.82 -38.12 -9.10
N ASP A 2 18.74 -38.73 -7.91
CA ASP A 2 19.63 -39.85 -7.56
C ASP A 2 19.10 -41.22 -8.05
N GLN A 3 18.10 -41.76 -7.35
CA GLN A 3 17.64 -43.15 -7.62
C GLN A 3 16.41 -43.17 -8.54
N LYS A 4 16.64 -42.95 -9.84
CA LYS A 4 15.61 -43.10 -10.88
C LYS A 4 14.31 -42.32 -10.58
N SER A 5 14.39 -41.30 -9.72
CA SER A 5 13.23 -40.49 -9.36
C SER A 5 12.69 -39.70 -10.56
N SER A 6 11.36 -39.56 -10.63
CA SER A 6 10.73 -38.78 -11.70
C SER A 6 10.70 -37.29 -11.36
N SER A 7 10.95 -36.97 -10.08
CA SER A 7 10.94 -35.57 -9.61
C SER A 7 12.27 -35.19 -8.94
N PRO A 8 12.97 -34.16 -9.47
CA PRO A 8 14.18 -33.62 -8.82
C PRO A 8 13.83 -32.71 -7.64
N GLN A 9 12.53 -32.41 -7.50
CA GLN A 9 12.03 -31.54 -6.44
C GLN A 9 11.53 -32.35 -5.24
N PRO A 10 11.65 -31.79 -4.01
CA PRO A 10 11.06 -32.39 -2.81
C PRO A 10 9.55 -32.11 -2.69
N ALA A 11 8.88 -32.79 -1.76
CA ALA A 11 7.44 -32.60 -1.57
C ALA A 11 7.13 -31.23 -0.94
N ALA A 12 7.15 -30.19 -1.76
CA ALA A 12 6.83 -28.82 -1.32
C ALA A 12 5.42 -28.41 -1.76
N GLN A 13 4.56 -28.09 -0.79
CA GLN A 13 3.18 -27.71 -1.08
C GLN A 13 3.05 -26.21 -1.44
N ALA A 14 2.00 -25.88 -2.19
CA ALA A 14 1.74 -24.49 -2.59
C ALA A 14 0.62 -23.85 -1.74
N PRO A 15 0.78 -22.56 -1.36
CA PRO A 15 -0.23 -21.83 -0.56
C PRO A 15 -1.45 -21.39 -1.40
N GLU A 16 -2.45 -20.81 -0.75
CA GLU A 16 -3.68 -20.36 -1.42
C GLU A 16 -3.44 -19.17 -2.36
N THR A 17 -4.45 -18.85 -3.16
CA THR A 17 -4.38 -17.79 -4.18
C THR A 17 -3.89 -16.45 -3.61
N LYS A 18 -3.12 -15.72 -4.41
CA LYS A 18 -2.65 -14.38 -4.05
C LYS A 18 -2.67 -13.45 -5.27
N GLN A 19 -3.09 -12.20 -5.08
CA GLN A 19 -3.09 -11.21 -6.16
C GLN A 19 -1.81 -10.36 -6.12
N ALA A 20 -1.25 -10.07 -7.29
CA ALA A 20 0.02 -9.33 -7.38
C ALA A 20 -0.16 -7.83 -7.10
N PHE A 21 0.64 -7.31 -6.16
CA PHE A 21 0.66 -5.88 -5.86
C PHE A 21 1.48 -5.10 -6.90
N PRO A 22 0.85 -4.22 -7.69
CA PRO A 22 1.58 -3.38 -8.65
C PRO A 22 2.20 -2.14 -7.98
N ARG A 23 3.49 -2.22 -7.66
CA ARG A 23 4.18 -1.13 -6.96
C ARG A 23 4.56 -0.01 -7.93
N LYS A 24 4.89 -0.39 -9.17
CA LYS A 24 5.29 0.57 -10.21
C LYS A 24 4.22 1.65 -10.44
N PHE A 25 2.96 1.21 -10.51
CA PHE A 25 1.83 2.13 -10.72
C PHE A 25 1.49 2.94 -9.47
N VAL A 26 1.26 2.24 -8.35
CA VAL A 26 0.84 2.89 -7.10
C VAL A 26 1.88 3.91 -6.61
N LEU A 27 3.16 3.54 -6.65
CA LEU A 27 4.24 4.46 -6.25
C LEU A 27 4.34 5.66 -7.21
N ALA A 28 3.96 5.44 -8.48
CA ALA A 28 3.92 6.52 -9.46
C ALA A 28 2.74 7.47 -9.18
N ALA A 29 1.60 6.92 -8.78
CA ALA A 29 0.45 7.72 -8.36
C ALA A 29 0.75 8.49 -7.07
N LEU A 30 1.51 7.83 -6.18
CA LEU A 30 1.93 8.42 -4.91
C LEU A 30 2.75 9.70 -5.13
N GLU A 31 3.89 9.58 -5.83
CA GLU A 31 4.78 10.73 -6.07
C GLU A 31 4.07 11.88 -6.80
N GLN A 32 3.08 11.53 -7.64
CA GLN A 32 2.29 12.55 -8.36
C GLN A 32 1.26 13.23 -7.43
N SER A 33 0.95 12.58 -6.32
CA SER A 33 0.07 13.16 -5.29
C SER A 33 0.88 13.79 -4.16
N SER A 34 2.13 13.35 -4.02
CA SER A 34 3.03 13.84 -2.97
C SER A 34 3.49 15.28 -3.27
N ASP A 35 3.29 16.16 -2.31
CA ASP A 35 3.72 17.56 -2.43
C ASP A 35 5.24 17.71 -2.25
N ASP A 36 5.70 18.96 -2.18
CA ASP A 36 7.13 19.28 -2.03
C ASP A 36 7.83 18.43 -0.94
N ALA A 37 7.15 18.23 0.19
CA ALA A 37 7.72 17.49 1.33
C ALA A 37 7.71 15.96 1.12
N GLY A 38 7.28 15.51 -0.05
CA GLY A 38 7.21 14.07 -0.33
C GLY A 38 5.97 13.40 0.23
N TRP A 39 5.17 14.14 0.99
CA TRP A 39 3.96 13.61 1.63
C TRP A 39 2.72 13.75 0.72
N ALA A 40 1.94 12.68 0.63
CA ALA A 40 0.67 12.68 -0.11
C ALA A 40 -0.51 12.36 0.82
N ASN A 41 -1.50 13.25 0.86
CA ASN A 41 -2.70 13.03 1.67
C ASN A 41 -3.51 11.83 1.15
N LEU A 42 -3.81 10.88 2.05
CA LEU A 42 -4.52 9.64 1.72
C LEU A 42 -5.77 9.88 0.85
N GLY A 43 -6.55 10.90 1.19
CA GLY A 43 -7.76 11.23 0.43
C GLY A 43 -7.49 11.46 -1.05
N ASN A 44 -6.48 12.28 -1.36
CA ASN A 44 -6.12 12.57 -2.75
C ASN A 44 -5.36 11.39 -3.38
N PHE A 45 -4.54 10.71 -2.58
CA PHE A 45 -3.79 9.53 -3.03
C PHE A 45 -4.73 8.46 -3.62
N GLY A 46 -5.74 8.07 -2.84
CA GLY A 46 -6.70 7.07 -3.30
C GLY A 46 -7.41 7.48 -4.59
N ASN A 47 -7.71 8.77 -4.70
CA ASN A 47 -8.38 9.32 -5.88
C ASN A 47 -7.49 9.19 -7.13
N TYR A 48 -6.28 9.75 -7.08
CA TYR A 48 -5.36 9.71 -8.22
C TYR A 48 -4.92 8.27 -8.54
N LEU A 49 -4.76 7.46 -7.50
CA LEU A 49 -4.40 6.05 -7.65
C LEU A 49 -5.42 5.29 -8.50
N ASN A 50 -6.69 5.44 -8.16
CA ASN A 50 -7.77 4.73 -8.86
C ASN A 50 -7.88 5.16 -10.34
N LYS A 51 -7.26 6.28 -10.69
CA LYS A 51 -7.15 6.71 -12.09
C LYS A 51 -6.18 5.81 -12.88
N LEU A 52 -5.03 5.53 -12.27
CA LEU A 52 -3.99 4.71 -12.92
C LEU A 52 -4.29 3.20 -12.77
N GLN A 53 -4.91 2.83 -11.65
CA GLN A 53 -5.26 1.43 -11.38
C GLN A 53 -6.71 1.28 -10.88
N PRO A 54 -7.71 1.40 -11.79
CA PRO A 54 -9.12 1.19 -11.43
C PRO A 54 -9.41 -0.29 -11.09
N ASP A 55 -8.65 -1.18 -11.74
CA ASP A 55 -8.75 -2.62 -11.51
C ASP A 55 -8.22 -3.01 -10.12
N PHE A 56 -7.46 -2.11 -9.49
CA PHE A 56 -6.85 -2.37 -8.19
C PHE A 56 -7.80 -1.99 -7.04
N ASP A 57 -8.38 -3.01 -6.39
CA ASP A 57 -9.33 -2.78 -5.29
C ASP A 57 -8.91 -3.55 -4.02
N SER A 58 -9.11 -2.92 -2.86
CA SER A 58 -8.69 -3.47 -1.57
C SER A 58 -9.44 -4.77 -1.22
N ARG A 59 -10.72 -4.85 -1.59
CA ARG A 59 -11.55 -6.02 -1.25
C ARG A 59 -10.98 -7.30 -1.88
N LEU A 60 -10.23 -7.16 -2.97
CA LEU A 60 -9.60 -8.30 -3.65
C LEU A 60 -8.55 -8.98 -2.77
N TYR A 61 -8.05 -8.24 -1.78
CA TYR A 61 -7.02 -8.76 -0.87
C TYR A 61 -7.61 -9.02 0.53
N GLY A 62 -8.94 -8.96 0.65
CA GLY A 62 -9.60 -9.17 1.94
C GLY A 62 -9.60 -7.95 2.84
N TYR A 63 -9.25 -6.78 2.30
CA TYR A 63 -9.25 -5.53 3.08
C TYR A 63 -10.50 -4.69 2.78
N LYS A 64 -11.14 -4.19 3.84
CA LYS A 64 -12.41 -3.47 3.72
C LYS A 64 -12.26 -2.06 3.14
N LYS A 65 -11.02 -1.55 3.11
CA LYS A 65 -10.74 -0.24 2.48
C LYS A 65 -9.23 -0.01 2.30
N LEU A 66 -8.91 0.90 1.39
CA LEU A 66 -7.51 1.20 1.01
C LEU A 66 -6.68 1.64 2.23
N SER A 67 -7.29 2.40 3.14
CA SER A 67 -6.63 2.89 4.35
C SER A 67 -5.96 1.75 5.14
N ASP A 68 -6.62 0.60 5.17
CA ASP A 68 -6.13 -0.57 5.91
C ASP A 68 -5.09 -1.35 5.09
N LEU A 69 -5.28 -1.37 3.76
CA LEU A 69 -4.35 -2.06 2.86
C LEU A 69 -2.98 -1.36 2.83
N VAL A 70 -2.98 -0.04 2.66
CA VAL A 70 -1.74 0.74 2.58
C VAL A 70 -0.83 0.49 3.80
N LYS A 71 -1.39 0.68 5.00
CA LYS A 71 -0.63 0.45 6.24
C LYS A 71 -0.24 -1.04 6.40
N ALA A 72 -0.97 -1.93 5.72
CA ALA A 72 -0.66 -3.36 5.76
C ALA A 72 0.57 -3.68 4.89
N ARG A 73 0.88 -2.81 3.93
CA ARG A 73 2.01 -3.01 3.03
C ARG A 73 3.10 -1.95 3.27
N THR A 74 3.47 -1.74 4.53
CA THR A 74 4.54 -0.78 4.90
C THR A 74 5.85 -1.08 4.18
N ASP A 75 5.96 -2.29 3.64
CA ASP A 75 7.09 -2.69 2.80
C ASP A 75 7.31 -1.67 1.66
N LEU A 76 6.23 -1.34 0.95
CA LEU A 76 6.27 -0.40 -0.18
C LEU A 76 5.88 1.02 0.27
N PHE A 77 4.84 1.12 1.09
CA PHE A 77 4.25 2.41 1.45
C PHE A 77 4.61 2.83 2.87
N VAL A 78 5.23 4.00 3.01
CA VAL A 78 5.51 4.57 4.34
C VAL A 78 4.31 5.37 4.85
N THR A 79 3.76 4.97 6.00
CA THR A 79 2.55 5.60 6.52
C THR A 79 2.82 6.34 7.85
N GLU A 80 2.44 7.61 7.90
CA GLU A 80 2.61 8.45 9.11
C GLU A 80 1.49 9.50 9.18
N GLU A 81 0.91 9.67 10.37
CA GLU A 81 -0.24 10.55 10.55
C GLU A 81 0.18 12.00 10.85
N ARG A 82 -0.47 12.96 10.19
CA ARG A 82 -0.19 14.38 10.39
C ARG A 82 -1.48 15.13 10.79
N GLN A 83 -1.40 16.00 11.80
CA GLN A 83 -2.58 16.76 12.25
C GLN A 83 -2.82 17.96 11.31
N VAL A 84 -4.08 18.18 10.95
CA VAL A 84 -4.43 19.14 9.89
C VAL A 84 -4.62 20.58 10.41
N PRO A 85 -3.76 21.53 9.97
CA PRO A 85 -3.89 22.96 10.33
C PRO A 85 -5.26 23.54 9.94
N GLY A 86 -5.94 24.18 10.90
CA GLY A 86 -7.29 24.67 10.67
C GLY A 86 -8.35 23.66 11.08
N SER A 87 -7.90 22.50 11.53
CA SER A 87 -8.80 21.43 12.00
C SER A 87 -8.20 20.75 13.24
N THR A 88 -9.05 20.13 14.06
CA THR A 88 -8.58 19.42 15.26
C THR A 88 -8.24 17.96 14.95
N GLN A 89 -8.86 17.41 13.90
CA GLN A 89 -8.64 16.01 13.53
C GLN A 89 -7.28 15.80 12.83
N LYS A 90 -6.81 14.56 12.83
CA LYS A 90 -5.56 14.20 12.16
C LYS A 90 -5.84 13.36 10.90
N ALA A 91 -4.99 13.51 9.89
CA ALA A 91 -5.13 12.77 8.64
C ALA A 91 -3.89 11.91 8.35
N LEU A 92 -4.02 10.95 7.44
CA LEU A 92 -2.90 10.07 7.08
C LEU A 92 -2.20 10.56 5.79
N TYR A 93 -0.88 10.79 5.90
CA TYR A 93 -0.06 11.14 4.75
C TYR A 93 0.94 10.02 4.42
N LEU A 94 1.23 9.84 3.13
CA LEU A 94 2.04 8.71 2.67
C LEU A 94 3.28 9.15 1.88
N ARG A 95 4.34 8.34 1.95
CA ARG A 95 5.54 8.54 1.12
C ARG A 95 6.17 7.20 0.73
N ALA A 96 7.01 7.22 -0.31
CA ALA A 96 7.59 5.98 -0.87
C ALA A 96 8.73 5.42 -0.01
N LYS A 97 8.87 4.09 -0.01
CA LYS A 97 9.97 3.42 0.69
C LYS A 97 11.27 3.51 -0.11
N LEU A 98 12.14 4.45 0.27
CA LEU A 98 13.43 4.64 -0.40
C LEU A 98 14.59 4.11 0.45
N GLU A 99 15.30 3.10 -0.05
CA GLU A 99 16.40 2.48 0.69
C GLU A 99 17.63 3.41 0.81
N HIS A 100 17.76 4.36 -0.13
CA HIS A 100 18.95 5.22 -0.22
C HIS A 100 19.06 6.26 0.92
N HIS A 101 18.47 5.97 2.09
CA HIS A 101 18.69 6.80 3.28
C HIS A 101 18.71 5.94 4.57
N HIS A 102 19.28 4.74 4.46
CA HIS A 102 19.51 3.87 5.63
C HIS A 102 20.91 4.11 6.21
N HIS A 103 20.97 4.60 7.45
CA HIS A 103 22.24 4.87 8.13
C HIS A 103 22.90 3.58 8.66
N HIS A 104 24.12 3.30 8.23
CA HIS A 104 24.87 2.13 8.72
C HIS A 104 25.40 2.36 10.15
N HIS A 105 25.73 1.27 10.83
CA HIS A 105 26.17 1.31 12.24
C HIS A 105 27.37 2.26 12.47
N MET A 1 -34.55 -4.39 -3.15
CA MET A 1 -34.18 -5.56 -2.31
C MET A 1 -33.33 -5.13 -1.11
N ASP A 2 -33.43 -5.86 -0.02
CA ASP A 2 -32.70 -5.51 1.21
C ASP A 2 -31.17 -5.58 1.04
N GLN A 3 -30.47 -4.60 1.58
CA GLN A 3 -29.00 -4.54 1.52
C GLN A 3 -28.41 -4.35 2.93
N LYS A 4 -27.84 -5.42 3.47
CA LYS A 4 -27.27 -5.39 4.83
C LYS A 4 -25.87 -6.04 4.84
N SER A 5 -24.85 -5.25 5.20
CA SER A 5 -23.47 -5.74 5.26
C SER A 5 -23.24 -6.63 6.49
N SER A 6 -23.66 -7.89 6.39
CA SER A 6 -23.47 -8.87 7.47
C SER A 6 -22.31 -9.82 7.15
N SER A 7 -21.44 -10.07 8.13
CA SER A 7 -20.28 -10.94 7.94
C SER A 7 -20.47 -12.31 8.63
N PRO A 8 -20.73 -13.38 7.84
CA PRO A 8 -20.78 -14.74 8.37
C PRO A 8 -19.38 -15.25 8.75
N GLN A 9 -19.03 -15.10 10.03
CA GLN A 9 -17.68 -15.38 10.49
C GLN A 9 -17.49 -16.86 10.90
N PRO A 10 -16.63 -17.61 10.17
CA PRO A 10 -16.32 -19.00 10.50
C PRO A 10 -15.11 -19.13 11.44
N ALA A 11 -14.99 -20.27 12.10
CA ALA A 11 -13.85 -20.54 12.98
C ALA A 11 -12.62 -20.99 12.16
N ALA A 12 -12.87 -21.62 11.02
CA ALA A 12 -11.81 -22.09 10.13
C ALA A 12 -11.65 -21.17 8.91
N GLN A 13 -10.43 -20.68 8.67
CA GLN A 13 -10.15 -19.76 7.55
C GLN A 13 -9.82 -20.53 6.26
N ALA A 14 -10.16 -19.95 5.12
CA ALA A 14 -9.93 -20.61 3.82
C ALA A 14 -8.81 -19.93 3.02
N PRO A 15 -7.83 -20.70 2.51
CA PRO A 15 -6.73 -20.17 1.67
C PRO A 15 -7.25 -19.69 0.29
N GLU A 16 -7.39 -18.39 0.12
CA GLU A 16 -7.94 -17.80 -1.11
C GLU A 16 -6.83 -17.22 -2.02
N THR A 17 -7.24 -16.63 -3.14
CA THR A 17 -6.29 -16.09 -4.13
C THR A 17 -5.68 -14.74 -3.70
N LYS A 18 -4.39 -14.57 -3.92
CA LYS A 18 -3.69 -13.31 -3.64
C LYS A 18 -3.39 -12.55 -4.94
N GLN A 19 -3.84 -11.30 -5.02
CA GLN A 19 -3.57 -10.45 -6.19
C GLN A 19 -2.17 -9.81 -6.13
N ALA A 20 -1.61 -9.49 -7.29
CA ALA A 20 -0.26 -8.91 -7.37
C ALA A 20 -0.28 -7.38 -7.22
N PHE A 21 0.70 -6.86 -6.48
CA PHE A 21 0.86 -5.40 -6.29
C PHE A 21 1.76 -4.79 -7.38
N PRO A 22 1.19 -4.01 -8.33
CA PRO A 22 2.00 -3.26 -9.30
C PRO A 22 2.49 -1.93 -8.71
N ARG A 23 3.75 -1.90 -8.25
CA ARG A 23 4.26 -0.75 -7.48
C ARG A 23 4.71 0.40 -8.41
N LYS A 24 5.05 0.10 -9.66
CA LYS A 24 5.45 1.16 -10.60
C LYS A 24 4.32 2.19 -10.79
N PHE A 25 3.10 1.69 -11.01
CA PHE A 25 1.94 2.56 -11.19
C PHE A 25 1.51 3.23 -9.87
N VAL A 26 1.48 2.45 -8.79
CA VAL A 26 1.06 2.96 -7.48
C VAL A 26 2.00 4.07 -6.97
N LEU A 27 3.31 3.80 -6.96
CA LEU A 27 4.30 4.79 -6.50
C LEU A 27 4.32 6.03 -7.42
N ALA A 28 4.11 5.80 -8.72
CA ALA A 28 3.98 6.91 -9.68
C ALA A 28 2.82 7.83 -9.32
N ALA A 29 1.66 7.23 -9.02
CA ALA A 29 0.48 8.00 -8.57
C ALA A 29 0.73 8.66 -7.21
N LEU A 30 1.44 7.95 -6.33
CA LEU A 30 1.78 8.45 -5.00
C LEU A 30 2.55 9.78 -5.06
N GLU A 31 3.69 9.79 -5.75
CA GLU A 31 4.51 11.00 -5.88
C GLU A 31 3.74 12.14 -6.59
N GLN A 32 2.97 11.79 -7.62
CA GLN A 32 2.16 12.78 -8.33
C GLN A 32 1.02 13.32 -7.45
N SER A 33 0.75 12.64 -6.34
CA SER A 33 -0.25 13.10 -5.36
C SER A 33 0.44 13.67 -4.11
N SER A 34 1.76 13.82 -4.17
CA SER A 34 2.55 14.29 -3.02
C SER A 34 2.81 15.80 -3.07
N ASP A 35 2.68 16.46 -1.92
CA ASP A 35 2.99 17.87 -1.78
C ASP A 35 4.52 18.11 -1.75
N ASP A 36 4.94 19.37 -1.58
CA ASP A 36 6.36 19.72 -1.64
C ASP A 36 7.20 18.96 -0.60
N ALA A 37 6.58 18.58 0.52
CA ALA A 37 7.28 17.84 1.59
C ALA A 37 7.45 16.35 1.24
N GLY A 38 7.00 15.94 0.07
CA GLY A 38 7.12 14.55 -0.35
C GLY A 38 6.02 13.65 0.21
N TRP A 39 5.09 14.25 0.94
CA TRP A 39 3.96 13.52 1.54
C TRP A 39 2.71 13.59 0.66
N ALA A 40 2.06 12.45 0.46
CA ALA A 40 0.81 12.39 -0.30
C ALA A 40 -0.38 12.12 0.62
N ASN A 41 -1.34 13.05 0.64
CA ASN A 41 -2.55 12.88 1.46
C ASN A 41 -3.38 11.69 0.95
N LEU A 42 -3.80 10.83 1.88
CA LEU A 42 -4.62 9.64 1.56
C LEU A 42 -5.76 9.96 0.58
N GLY A 43 -6.41 11.12 0.79
CA GLY A 43 -7.49 11.54 -0.10
C GLY A 43 -7.06 11.68 -1.56
N ASN A 44 -5.88 12.26 -1.78
CA ASN A 44 -5.33 12.42 -3.13
C ASN A 44 -4.84 11.08 -3.69
N PHE A 45 -4.09 10.34 -2.87
CA PHE A 45 -3.55 9.03 -3.25
C PHE A 45 -4.65 8.09 -3.75
N GLY A 46 -5.68 7.89 -2.93
CA GLY A 46 -6.78 7.00 -3.30
C GLY A 46 -7.50 7.45 -4.57
N ASN A 47 -7.49 8.75 -4.84
CA ASN A 47 -8.12 9.30 -6.04
C ASN A 47 -7.27 9.02 -7.29
N TYR A 48 -6.01 9.48 -7.27
CA TYR A 48 -5.14 9.40 -8.44
C TYR A 48 -4.69 7.95 -8.72
N LEU A 49 -4.55 7.15 -7.67
CA LEU A 49 -4.19 5.74 -7.81
C LEU A 49 -5.24 4.98 -8.64
N ASN A 50 -6.51 5.16 -8.28
CA ASN A 50 -7.60 4.47 -8.96
C ASN A 50 -7.67 4.85 -10.44
N LYS A 51 -7.18 6.05 -10.79
CA LYS A 51 -7.09 6.48 -12.18
C LYS A 51 -6.23 5.52 -13.01
N LEU A 52 -5.06 5.18 -12.48
CA LEU A 52 -4.12 4.31 -13.17
C LEU A 52 -4.52 2.83 -13.05
N GLN A 53 -4.93 2.41 -11.86
CA GLN A 53 -5.34 1.01 -11.61
C GLN A 53 -6.73 0.92 -10.96
N PRO A 54 -7.81 1.01 -11.76
CA PRO A 54 -9.19 0.82 -11.25
C PRO A 54 -9.48 -0.65 -10.90
N ASP A 55 -8.60 -1.54 -11.35
CA ASP A 55 -8.69 -2.96 -11.04
C ASP A 55 -8.06 -3.28 -9.66
N PHE A 56 -7.41 -2.27 -9.08
CA PHE A 56 -6.75 -2.41 -7.78
C PHE A 56 -7.70 -1.98 -6.66
N ASP A 57 -8.34 -2.95 -6.00
CA ASP A 57 -9.29 -2.67 -4.92
C ASP A 57 -8.95 -3.47 -3.64
N SER A 58 -9.11 -2.82 -2.49
CA SER A 58 -8.78 -3.43 -1.19
C SER A 58 -9.62 -4.68 -0.89
N ARG A 59 -10.90 -4.65 -1.28
CA ARG A 59 -11.82 -5.77 -0.98
C ARG A 59 -11.36 -7.08 -1.65
N LEU A 60 -10.63 -6.96 -2.76
CA LEU A 60 -10.05 -8.13 -3.43
C LEU A 60 -9.00 -8.82 -2.54
N TYR A 61 -8.33 -8.03 -1.71
CA TYR A 61 -7.32 -8.54 -0.77
C TYR A 61 -7.93 -8.90 0.59
N GLY A 62 -9.21 -8.59 0.78
CA GLY A 62 -9.89 -8.86 2.04
C GLY A 62 -9.81 -7.70 3.03
N TYR A 63 -9.41 -6.53 2.56
CA TYR A 63 -9.30 -5.33 3.40
C TYR A 63 -10.53 -4.42 3.24
N LYS A 64 -10.97 -3.83 4.35
CA LYS A 64 -12.22 -3.05 4.37
C LYS A 64 -12.12 -1.76 3.54
N LYS A 65 -10.94 -1.15 3.53
CA LYS A 65 -10.69 0.05 2.72
C LYS A 65 -9.22 0.15 2.30
N LEU A 66 -8.89 1.12 1.44
CA LEU A 66 -7.52 1.24 0.90
C LEU A 66 -6.49 1.50 2.01
N SER A 67 -6.77 2.44 2.91
CA SER A 67 -5.85 2.77 4.02
C SER A 67 -5.52 1.53 4.85
N ASP A 68 -6.53 0.68 5.07
CA ASP A 68 -6.38 -0.58 5.81
C ASP A 68 -5.29 -1.46 5.17
N LEU A 69 -5.26 -1.44 3.83
CA LEU A 69 -4.25 -2.17 3.06
C LEU A 69 -2.88 -1.48 3.10
N VAL A 70 -2.87 -0.17 2.82
CA VAL A 70 -1.63 0.61 2.76
C VAL A 70 -0.80 0.49 4.05
N LYS A 71 -1.45 0.70 5.20
CA LYS A 71 -0.77 0.60 6.50
C LYS A 71 -0.30 -0.84 6.78
N ALA A 72 -0.94 -1.80 6.13
CA ALA A 72 -0.60 -3.22 6.31
C ALA A 72 0.51 -3.67 5.35
N ARG A 73 0.98 -2.75 4.49
CA ARG A 73 2.04 -3.05 3.53
C ARG A 73 3.20 -2.04 3.66
N THR A 74 3.72 -1.90 4.88
CA THR A 74 4.84 -0.98 5.15
C THR A 74 6.10 -1.34 4.36
N ASP A 75 6.16 -2.58 3.88
CA ASP A 75 7.25 -3.03 3.00
C ASP A 75 7.32 -2.21 1.70
N LEU A 76 6.17 -1.67 1.28
CA LEU A 76 6.08 -0.84 0.07
C LEU A 76 5.76 0.62 0.39
N PHE A 77 4.87 0.85 1.37
CA PHE A 77 4.37 2.20 1.66
C PHE A 77 4.71 2.65 3.09
N VAL A 78 5.29 3.84 3.22
CA VAL A 78 5.53 4.46 4.54
C VAL A 78 4.32 5.30 4.97
N THR A 79 3.73 4.96 6.11
CA THR A 79 2.51 5.63 6.57
C THR A 79 2.75 6.38 7.89
N GLU A 80 2.35 7.66 7.93
CA GLU A 80 2.44 8.47 9.15
C GLU A 80 1.26 9.45 9.26
N GLU A 81 0.62 9.47 10.42
CA GLU A 81 -0.55 10.32 10.66
C GLU A 81 -0.13 11.71 11.18
N ARG A 82 -0.52 12.75 10.45
CA ARG A 82 -0.13 14.13 10.79
C ARG A 82 -1.35 14.98 11.14
N GLN A 83 -1.22 15.84 12.14
CA GLN A 83 -2.30 16.75 12.53
C GLN A 83 -2.35 17.96 11.59
N VAL A 84 -3.53 18.26 11.05
CA VAL A 84 -3.67 19.36 10.10
C VAL A 84 -3.99 20.70 10.82
N PRO A 85 -3.10 21.71 10.68
CA PRO A 85 -3.28 23.01 11.33
C PRO A 85 -4.59 23.70 10.92
N GLY A 86 -5.43 24.01 11.92
CA GLY A 86 -6.74 24.61 11.65
C GLY A 86 -7.87 23.57 11.65
N SER A 87 -7.50 22.30 11.52
CA SER A 87 -8.49 21.20 11.49
C SER A 87 -8.54 20.45 12.83
N THR A 88 -9.69 19.83 13.11
CA THR A 88 -9.85 19.02 14.33
C THR A 88 -9.45 17.55 14.10
N GLN A 89 -9.35 17.15 12.83
CA GLN A 89 -8.98 15.78 12.47
C GLN A 89 -7.49 15.68 12.07
N LYS A 90 -6.94 14.47 12.15
CA LYS A 90 -5.59 14.21 11.64
C LYS A 90 -5.66 13.43 10.33
N ALA A 91 -4.75 13.72 9.40
CA ALA A 91 -4.75 13.09 8.08
C ALA A 91 -3.59 12.11 7.91
N LEU A 92 -3.86 10.98 7.26
CA LEU A 92 -2.83 9.97 6.98
C LEU A 92 -2.07 10.31 5.70
N TYR A 93 -0.81 10.72 5.85
CA TYR A 93 0.04 11.02 4.70
C TYR A 93 0.95 9.84 4.36
N LEU A 94 1.22 9.64 3.07
CA LEU A 94 1.96 8.47 2.59
C LEU A 94 3.20 8.87 1.78
N ARG A 95 4.26 8.06 1.88
CA ARG A 95 5.46 8.24 1.05
C ARG A 95 6.08 6.87 0.70
N ALA A 96 6.82 6.82 -0.40
CA ALA A 96 7.35 5.55 -0.93
C ALA A 96 8.49 4.97 -0.07
N LYS A 97 8.45 3.64 0.13
CA LYS A 97 9.54 2.93 0.81
C LYS A 97 10.67 2.59 -0.16
N LEU A 98 11.72 3.41 -0.19
CA LEU A 98 12.88 3.16 -1.04
C LEU A 98 14.11 2.82 -0.18
N GLU A 99 14.41 1.52 -0.08
CA GLU A 99 15.54 1.06 0.73
C GLU A 99 16.87 1.20 -0.03
N HIS A 100 17.79 1.99 0.52
CA HIS A 100 19.08 2.22 -0.11
C HIS A 100 20.03 1.04 0.11
N HIS A 101 20.09 0.14 -0.87
CA HIS A 101 20.91 -1.08 -0.77
C HIS A 101 22.40 -0.78 -0.96
N HIS A 102 23.10 -0.57 0.16
CA HIS A 102 24.54 -0.29 0.14
C HIS A 102 25.28 -0.98 1.29
N HIS A 103 24.58 -1.26 2.39
CA HIS A 103 25.20 -1.89 3.57
C HIS A 103 25.45 -3.40 3.34
N HIS A 104 26.43 -3.72 2.50
CA HIS A 104 26.79 -5.13 2.22
C HIS A 104 28.31 -5.27 1.94
N HIS A 105 28.93 -6.26 2.55
CA HIS A 105 30.35 -6.58 2.31
C HIS A 105 30.50 -7.63 1.19
N MET A 1 4.87 -33.12 17.97
CA MET A 1 4.14 -31.83 17.89
C MET A 1 4.20 -31.06 19.23
N ASP A 2 5.17 -30.15 19.33
CA ASP A 2 5.31 -29.31 20.53
C ASP A 2 4.28 -28.17 20.50
N GLN A 3 3.24 -28.30 21.32
CA GLN A 3 2.12 -27.33 21.29
C GLN A 3 2.49 -26.02 22.00
N LYS A 4 3.21 -25.16 21.29
CA LYS A 4 3.56 -23.81 21.78
C LYS A 4 2.93 -22.72 20.89
N SER A 5 1.65 -22.40 21.15
CA SER A 5 0.92 -21.37 20.38
C SER A 5 0.94 -21.68 18.88
N SER A 6 0.98 -22.97 18.54
CA SER A 6 1.05 -23.41 17.14
C SER A 6 -0.35 -23.73 16.59
N SER A 7 -0.42 -23.97 15.26
CA SER A 7 -1.68 -24.25 14.57
C SER A 7 -2.77 -23.20 14.86
N PRO A 8 -2.75 -22.06 14.13
CA PRO A 8 -3.77 -21.01 14.26
C PRO A 8 -4.96 -21.24 13.31
N GLN A 9 -5.30 -22.51 13.08
CA GLN A 9 -6.35 -22.89 12.13
C GLN A 9 -7.72 -22.31 12.51
N PRO A 10 -8.32 -21.50 11.61
CA PRO A 10 -9.66 -20.94 11.82
C PRO A 10 -10.77 -21.79 11.18
N ALA A 11 -12.02 -21.50 11.52
CA ALA A 11 -13.18 -22.18 10.92
C ALA A 11 -13.57 -21.52 9.58
N ALA A 12 -13.23 -20.23 9.44
CA ALA A 12 -13.53 -19.48 8.21
C ALA A 12 -12.73 -20.02 7.01
N GLN A 13 -13.43 -20.37 5.94
CA GLN A 13 -12.77 -20.92 4.75
C GLN A 13 -12.25 -19.82 3.82
N ALA A 14 -10.92 -19.63 3.83
CA ALA A 14 -10.27 -18.65 2.96
C ALA A 14 -9.64 -19.34 1.73
N PRO A 15 -10.17 -19.08 0.52
CA PRO A 15 -9.67 -19.71 -0.72
C PRO A 15 -8.22 -19.32 -1.08
N GLU A 16 -7.61 -20.09 -1.96
CA GLU A 16 -6.22 -19.86 -2.37
C GLU A 16 -6.06 -18.64 -3.29
N THR A 17 -7.19 -18.12 -3.78
CA THR A 17 -7.19 -16.93 -4.64
C THR A 17 -6.39 -15.77 -4.02
N LYS A 18 -5.27 -15.42 -4.65
CA LYS A 18 -4.38 -14.36 -4.15
C LYS A 18 -4.11 -13.31 -5.22
N GLN A 19 -4.24 -12.03 -4.84
CA GLN A 19 -4.00 -10.91 -5.76
C GLN A 19 -2.53 -10.43 -5.67
N ALA A 20 -1.97 -10.03 -6.82
CA ALA A 20 -0.60 -9.52 -6.88
C ALA A 20 -0.56 -7.98 -6.85
N PHE A 21 0.54 -7.43 -6.34
CA PHE A 21 0.70 -5.97 -6.23
C PHE A 21 1.56 -5.39 -7.37
N PRO A 22 0.98 -4.54 -8.24
CA PRO A 22 1.77 -3.73 -9.17
C PRO A 22 2.20 -2.40 -8.53
N ARG A 23 3.42 -2.34 -8.02
CA ARG A 23 3.85 -1.19 -7.21
C ARG A 23 4.33 -0.01 -8.06
N LYS A 24 4.76 -0.27 -9.30
CA LYS A 24 5.19 0.81 -10.20
C LYS A 24 4.08 1.85 -10.41
N PHE A 25 2.88 1.37 -10.77
CA PHE A 25 1.72 2.25 -11.00
C PHE A 25 1.26 2.92 -9.70
N VAL A 26 1.13 2.14 -8.63
CA VAL A 26 0.67 2.67 -7.34
C VAL A 26 1.65 3.73 -6.78
N LEU A 27 2.93 3.39 -6.73
CA LEU A 27 3.96 4.34 -6.29
C LEU A 27 4.04 5.56 -7.21
N ALA A 28 3.75 5.36 -8.50
CA ALA A 28 3.66 6.46 -9.46
C ALA A 28 2.53 7.42 -9.08
N ALA A 29 1.37 6.86 -8.76
CA ALA A 29 0.23 7.66 -8.30
C ALA A 29 0.55 8.37 -6.98
N LEU A 30 1.30 7.69 -6.13
CA LEU A 30 1.73 8.23 -4.84
C LEU A 30 2.65 9.44 -5.00
N GLU A 31 3.78 9.25 -5.69
CA GLU A 31 4.76 10.33 -5.89
C GLU A 31 4.15 11.55 -6.61
N GLN A 32 3.30 11.29 -7.60
CA GLN A 32 2.64 12.37 -8.36
C GLN A 32 1.58 13.10 -7.52
N SER A 33 1.14 12.46 -6.43
CA SER A 33 0.19 13.09 -5.50
C SER A 33 0.91 13.68 -4.27
N SER A 34 2.23 13.46 -4.19
CA SER A 34 3.03 13.97 -3.07
C SER A 34 3.35 15.45 -3.24
N ASP A 35 3.12 16.23 -2.18
CA ASP A 35 3.35 17.69 -2.23
C ASP A 35 4.83 18.04 -1.98
N ASP A 36 5.10 19.31 -1.66
CA ASP A 36 6.49 19.81 -1.56
C ASP A 36 7.37 18.99 -0.59
N ALA A 37 6.80 18.58 0.55
CA ALA A 37 7.56 17.83 1.57
C ALA A 37 7.78 16.37 1.16
N GLY A 38 7.08 15.91 0.13
CA GLY A 38 7.21 14.53 -0.32
C GLY A 38 6.24 13.58 0.37
N TRP A 39 5.12 14.12 0.82
CA TRP A 39 4.05 13.32 1.43
C TRP A 39 2.74 13.48 0.64
N ALA A 40 2.07 12.37 0.39
CA ALA A 40 0.78 12.39 -0.31
C ALA A 40 -0.38 12.07 0.65
N ASN A 41 -1.37 12.96 0.73
CA ASN A 41 -2.55 12.74 1.55
C ASN A 41 -3.35 11.52 1.04
N LEU A 42 -3.72 10.61 1.95
CA LEU A 42 -4.47 9.39 1.59
C LEU A 42 -5.62 9.68 0.59
N GLY A 43 -6.30 10.80 0.78
CA GLY A 43 -7.38 11.20 -0.13
C GLY A 43 -6.90 11.40 -1.56
N ASN A 44 -5.84 12.20 -1.74
CA ASN A 44 -5.28 12.46 -3.07
C ASN A 44 -4.66 11.19 -3.67
N PHE A 45 -4.00 10.40 -2.81
CA PHE A 45 -3.43 9.12 -3.22
C PHE A 45 -4.50 8.19 -3.80
N GLY A 46 -5.53 7.89 -3.01
CA GLY A 46 -6.62 7.03 -3.47
C GLY A 46 -7.29 7.53 -4.74
N ASN A 47 -7.42 8.85 -4.87
CA ASN A 47 -8.02 9.47 -6.05
C ASN A 47 -7.18 9.22 -7.30
N TYR A 48 -5.95 9.75 -7.31
CA TYR A 48 -5.06 9.63 -8.48
C TYR A 48 -4.72 8.16 -8.77
N LEU A 49 -4.66 7.35 -7.71
CA LEU A 49 -4.42 5.90 -7.84
C LEU A 49 -5.53 5.22 -8.65
N ASN A 50 -6.79 5.58 -8.37
CA ASN A 50 -7.93 5.00 -9.08
C ASN A 50 -7.94 5.44 -10.55
N LYS A 51 -7.42 6.64 -10.81
CA LYS A 51 -7.30 7.14 -12.19
C LYS A 51 -6.36 6.25 -13.02
N LEU A 52 -5.20 5.91 -12.46
CA LEU A 52 -4.21 5.08 -13.14
C LEU A 52 -4.60 3.59 -13.08
N GLN A 53 -5.08 3.14 -11.93
CA GLN A 53 -5.49 1.74 -11.74
C GLN A 53 -6.94 1.65 -11.22
N PRO A 54 -7.93 1.66 -12.14
CA PRO A 54 -9.37 1.62 -11.76
C PRO A 54 -9.81 0.26 -11.21
N ASP A 55 -9.00 -0.77 -11.47
CA ASP A 55 -9.31 -2.13 -11.00
C ASP A 55 -8.60 -2.46 -9.68
N PHE A 56 -7.86 -1.49 -9.13
CA PHE A 56 -7.10 -1.70 -7.89
C PHE A 56 -7.95 -1.33 -6.67
N ASP A 57 -8.53 -2.33 -6.02
CA ASP A 57 -9.31 -2.12 -4.80
C ASP A 57 -8.84 -3.05 -3.66
N SER A 58 -8.82 -2.50 -2.44
CA SER A 58 -8.38 -3.23 -1.25
C SER A 58 -9.19 -4.52 -0.98
N ARG A 59 -10.49 -4.50 -1.29
CA ARG A 59 -11.34 -5.67 -1.06
C ARG A 59 -10.82 -6.92 -1.80
N LEU A 60 -10.25 -6.70 -2.99
CA LEU A 60 -9.69 -7.80 -3.78
C LEU A 60 -8.55 -8.51 -3.04
N TYR A 61 -7.85 -7.77 -2.18
CA TYR A 61 -6.73 -8.32 -1.41
C TYR A 61 -7.18 -8.81 -0.02
N GLY A 62 -8.49 -8.77 0.23
CA GLY A 62 -9.03 -9.24 1.51
C GLY A 62 -8.93 -8.21 2.63
N TYR A 63 -8.92 -6.92 2.29
CA TYR A 63 -8.87 -5.83 3.28
C TYR A 63 -10.20 -5.11 3.41
N LYS A 64 -10.37 -4.37 4.51
CA LYS A 64 -11.61 -3.63 4.77
C LYS A 64 -11.71 -2.35 3.91
N LYS A 65 -10.57 -1.67 3.75
CA LYS A 65 -10.51 -0.41 3.01
C LYS A 65 -9.06 -0.10 2.58
N LEU A 66 -8.89 0.87 1.67
CA LEU A 66 -7.56 1.20 1.12
C LEU A 66 -6.53 1.46 2.23
N SER A 67 -6.89 2.27 3.23
CA SER A 67 -5.98 2.59 4.33
C SER A 67 -5.52 1.33 5.08
N ASP A 68 -6.45 0.40 5.32
CA ASP A 68 -6.15 -0.87 5.98
C ASP A 68 -5.06 -1.64 5.19
N LEU A 69 -5.15 -1.56 3.86
CA LEU A 69 -4.15 -2.18 2.98
C LEU A 69 -2.79 -1.49 3.09
N VAL A 70 -2.79 -0.17 2.94
CA VAL A 70 -1.54 0.61 2.95
C VAL A 70 -0.76 0.46 4.27
N LYS A 71 -1.43 0.66 5.40
CA LYS A 71 -0.77 0.57 6.72
C LYS A 71 -0.23 -0.84 7.00
N ALA A 72 -0.83 -1.85 6.37
CA ALA A 72 -0.38 -3.24 6.51
C ALA A 72 0.87 -3.51 5.66
N ARG A 73 0.91 -2.92 4.47
CA ARG A 73 2.02 -3.14 3.54
C ARG A 73 3.12 -2.07 3.71
N THR A 74 3.60 -1.91 4.95
CA THR A 74 4.66 -0.94 5.27
C THR A 74 5.96 -1.22 4.51
N ASP A 75 6.11 -2.43 4.00
CA ASP A 75 7.28 -2.81 3.19
C ASP A 75 7.22 -2.12 1.81
N LEU A 76 6.03 -1.67 1.42
CA LEU A 76 5.82 -0.93 0.17
C LEU A 76 5.67 0.58 0.44
N PHE A 77 4.75 0.92 1.35
CA PHE A 77 4.38 2.31 1.61
C PHE A 77 4.75 2.75 3.04
N VAL A 78 5.23 3.98 3.18
CA VAL A 78 5.50 4.57 4.51
C VAL A 78 4.28 5.37 4.98
N THR A 79 3.75 5.01 6.15
CA THR A 79 2.52 5.65 6.66
C THR A 79 2.75 6.43 7.95
N GLU A 80 2.33 7.70 7.97
CA GLU A 80 2.36 8.53 9.19
C GLU A 80 1.23 9.58 9.15
N GLU A 81 0.51 9.71 10.27
CA GLU A 81 -0.59 10.69 10.35
C GLU A 81 -0.09 12.06 10.85
N ARG A 82 -0.44 13.10 10.11
CA ARG A 82 -0.12 14.48 10.51
C ARG A 82 -1.41 15.28 10.74
N GLN A 83 -1.46 16.01 11.85
CA GLN A 83 -2.66 16.78 12.19
C GLN A 83 -2.71 18.10 11.40
N VAL A 84 -3.88 18.42 10.83
CA VAL A 84 -4.01 19.57 9.94
C VAL A 84 -4.37 20.85 10.72
N PRO A 85 -3.53 21.91 10.61
CA PRO A 85 -3.77 23.20 11.29
C PRO A 85 -5.14 23.82 10.92
N GLY A 86 -5.90 24.21 11.94
CA GLY A 86 -7.25 24.73 11.71
C GLY A 86 -8.28 23.63 11.50
N SER A 87 -7.92 22.39 11.84
CA SER A 87 -8.84 21.24 11.75
C SER A 87 -8.77 20.38 13.01
N THR A 88 -9.87 19.72 13.35
CA THR A 88 -9.90 18.82 14.51
C THR A 88 -9.47 17.41 14.13
N GLN A 89 -9.54 17.09 12.84
CA GLN A 89 -9.15 15.76 12.34
C GLN A 89 -7.66 15.70 11.97
N LYS A 90 -7.11 14.50 11.94
CA LYS A 90 -5.74 14.27 11.50
C LYS A 90 -5.71 13.52 10.16
N ALA A 91 -4.76 13.85 9.30
CA ALA A 91 -4.69 13.29 7.95
C ALA A 91 -3.54 12.29 7.78
N LEU A 92 -3.82 11.14 7.18
CA LEU A 92 -2.80 10.13 6.93
C LEU A 92 -1.97 10.47 5.67
N TYR A 93 -0.69 10.76 5.88
CA TYR A 93 0.23 11.04 4.76
C TYR A 93 1.06 9.81 4.40
N LEU A 94 1.26 9.60 3.10
CA LEU A 94 1.97 8.42 2.59
C LEU A 94 3.16 8.80 1.69
N ARG A 95 4.24 8.04 1.74
CA ARG A 95 5.36 8.22 0.80
C ARG A 95 5.98 6.87 0.44
N ALA A 96 6.70 6.83 -0.68
CA ALA A 96 7.30 5.59 -1.17
C ALA A 96 8.48 5.13 -0.29
N LYS A 97 8.65 3.81 -0.18
CA LYS A 97 9.78 3.25 0.58
C LYS A 97 11.08 3.32 -0.22
N LEU A 98 11.98 4.21 0.18
CA LEU A 98 13.26 4.37 -0.49
C LEU A 98 14.35 3.49 0.17
N GLU A 99 15.23 2.93 -0.66
CA GLU A 99 16.27 2.01 -0.20
C GLU A 99 17.54 2.78 0.23
N HIS A 100 17.82 2.79 1.54
CA HIS A 100 19.01 3.45 2.07
C HIS A 100 19.38 2.94 3.48
N HIS A 101 20.50 2.22 3.57
CA HIS A 101 21.01 1.71 4.85
C HIS A 101 22.09 2.64 5.42
N HIS A 102 22.43 2.46 6.70
CA HIS A 102 23.40 3.35 7.37
C HIS A 102 24.85 2.91 7.09
N HIS A 103 25.14 1.63 7.31
CA HIS A 103 26.48 1.09 7.05
C HIS A 103 26.65 0.65 5.59
N HIS A 104 27.46 1.39 4.83
CA HIS A 104 27.72 1.04 3.42
C HIS A 104 28.83 1.94 2.82
N HIS A 105 29.97 1.33 2.52
CA HIS A 105 31.10 2.04 1.91
C HIS A 105 31.40 1.50 0.50
N MET A 1 22.94 -11.60 18.68
CA MET A 1 21.69 -11.88 17.93
C MET A 1 21.61 -11.07 16.62
N ASP A 2 22.05 -11.67 15.52
CA ASP A 2 21.96 -11.03 14.19
C ASP A 2 21.40 -12.01 13.14
N GLN A 3 21.68 -13.30 13.29
CA GLN A 3 21.10 -14.33 12.42
C GLN A 3 19.57 -14.34 12.54
N LYS A 4 18.89 -14.20 11.41
CA LYS A 4 17.42 -14.10 11.41
C LYS A 4 16.76 -15.45 11.71
N SER A 5 16.12 -15.54 12.88
CA SER A 5 15.39 -16.75 13.27
C SER A 5 14.13 -16.95 12.41
N SER A 6 14.33 -17.45 11.19
CA SER A 6 13.24 -17.66 10.24
C SER A 6 12.36 -18.84 10.65
N SER A 7 11.19 -18.56 11.24
CA SER A 7 10.26 -19.62 11.66
C SER A 7 9.62 -20.31 10.45
N PRO A 8 9.88 -21.62 10.26
CA PRO A 8 9.36 -22.38 9.10
C PRO A 8 7.85 -22.67 9.18
N GLN A 9 7.22 -22.83 8.01
CA GLN A 9 5.78 -23.10 7.92
C GLN A 9 5.48 -24.35 7.07
N PRO A 10 5.40 -25.54 7.70
CA PRO A 10 5.07 -26.79 7.01
C PRO A 10 3.61 -26.81 6.51
N ALA A 11 3.41 -27.29 5.27
CA ALA A 11 2.06 -27.40 4.68
C ALA A 11 1.37 -26.03 4.52
N ALA A 12 2.17 -24.98 4.28
CA ALA A 12 1.62 -23.64 4.04
C ALA A 12 0.79 -23.60 2.73
N GLN A 13 -0.53 -23.74 2.87
CA GLN A 13 -1.43 -23.85 1.73
C GLN A 13 -1.61 -22.52 0.98
N ALA A 14 -1.62 -22.60 -0.35
CA ALA A 14 -1.83 -21.43 -1.20
C ALA A 14 -3.25 -21.42 -1.80
N PRO A 15 -3.97 -20.28 -1.74
CA PRO A 15 -5.30 -20.13 -2.33
C PRO A 15 -5.31 -20.30 -3.86
N GLU A 16 -6.50 -20.46 -4.46
CA GLU A 16 -6.63 -20.61 -5.90
C GLU A 16 -6.30 -19.30 -6.64
N THR A 17 -6.82 -18.19 -6.13
CA THR A 17 -6.59 -16.86 -6.71
C THR A 17 -5.45 -16.12 -5.98
N LYS A 18 -4.34 -15.88 -6.68
CA LYS A 18 -3.21 -15.13 -6.11
C LYS A 18 -2.91 -13.87 -6.93
N GLN A 19 -3.15 -12.71 -6.34
CA GLN A 19 -2.87 -11.42 -7.00
C GLN A 19 -1.59 -10.78 -6.45
N ALA A 20 -0.94 -9.95 -7.26
CA ALA A 20 0.28 -9.25 -6.87
C ALA A 20 0.13 -7.73 -6.98
N PHE A 21 0.59 -7.00 -5.98
CA PHE A 21 0.47 -5.54 -5.95
C PHE A 21 1.28 -4.88 -7.08
N PRO A 22 0.61 -4.25 -8.07
CA PRO A 22 1.31 -3.55 -9.16
C PRO A 22 1.83 -2.17 -8.72
N ARG A 23 3.11 -2.10 -8.38
CA ARG A 23 3.72 -0.87 -7.86
C ARG A 23 4.09 0.11 -8.98
N LYS A 24 4.27 -0.41 -10.20
CA LYS A 24 4.61 0.44 -11.37
C LYS A 24 3.61 1.59 -11.55
N PHE A 25 2.35 1.35 -11.18
CA PHE A 25 1.32 2.39 -11.22
C PHE A 25 1.17 3.09 -9.86
N VAL A 26 1.06 2.28 -8.79
CA VAL A 26 0.77 2.80 -7.45
C VAL A 26 1.84 3.79 -6.96
N LEU A 27 3.11 3.41 -7.01
CA LEU A 27 4.20 4.30 -6.57
C LEU A 27 4.29 5.55 -7.45
N ALA A 28 3.90 5.42 -8.72
CA ALA A 28 3.85 6.56 -9.64
C ALA A 28 2.73 7.54 -9.22
N ALA A 29 1.59 7.00 -8.84
CA ALA A 29 0.48 7.83 -8.31
C ALA A 29 0.86 8.48 -6.98
N LEU A 30 1.54 7.71 -6.14
CA LEU A 30 1.98 8.17 -4.81
C LEU A 30 2.83 9.45 -4.91
N GLU A 31 3.92 9.38 -5.67
CA GLU A 31 4.83 10.55 -5.83
C GLU A 31 4.10 11.76 -6.46
N GLN A 32 3.20 11.49 -7.40
CA GLN A 32 2.43 12.56 -8.05
C GLN A 32 1.35 13.13 -7.12
N SER A 33 0.96 12.36 -6.11
CA SER A 33 -0.04 12.81 -5.12
C SER A 33 0.63 13.38 -3.87
N SER A 34 1.95 13.54 -3.93
CA SER A 34 2.73 14.06 -2.79
C SER A 34 2.77 15.60 -2.79
N ASP A 35 2.74 16.18 -1.59
CA ASP A 35 2.91 17.62 -1.43
C ASP A 35 4.39 18.01 -1.52
N ASP A 36 4.68 19.31 -1.50
CA ASP A 36 6.06 19.80 -1.56
C ASP A 36 6.91 19.27 -0.37
N ALA A 37 6.23 18.84 0.70
CA ALA A 37 6.92 18.29 1.88
C ALA A 37 7.40 16.84 1.64
N GLY A 38 6.93 16.23 0.57
CA GLY A 38 7.34 14.86 0.24
C GLY A 38 6.33 13.79 0.69
N TRP A 39 5.29 14.22 1.39
CA TRP A 39 4.25 13.30 1.88
C TRP A 39 2.97 13.39 1.04
N ALA A 40 2.37 12.25 0.76
CA ALA A 40 1.13 12.17 -0.02
C ALA A 40 -0.07 11.82 0.86
N ASN A 41 -1.03 12.74 0.97
CA ASN A 41 -2.23 12.51 1.78
C ASN A 41 -3.07 11.37 1.19
N LEU A 42 -3.54 10.47 2.06
CA LEU A 42 -4.34 9.30 1.64
C LEU A 42 -5.51 9.71 0.72
N GLY A 43 -6.09 10.88 0.99
CA GLY A 43 -7.15 11.42 0.13
C GLY A 43 -6.69 11.63 -1.30
N ASN A 44 -5.49 12.18 -1.47
CA ASN A 44 -4.91 12.39 -2.80
C ASN A 44 -4.49 11.04 -3.42
N PHE A 45 -3.82 10.23 -2.61
CA PHE A 45 -3.33 8.91 -3.02
C PHE A 45 -4.45 8.06 -3.63
N GLY A 46 -5.50 7.79 -2.86
CA GLY A 46 -6.61 6.98 -3.34
C GLY A 46 -7.32 7.60 -4.56
N ASN A 47 -7.42 8.92 -4.58
CA ASN A 47 -8.08 9.64 -5.67
C ASN A 47 -7.31 9.49 -6.99
N TYR A 48 -6.02 9.82 -6.98
CA TYR A 48 -5.20 9.76 -8.20
C TYR A 48 -4.84 8.30 -8.58
N LEU A 49 -4.63 7.45 -7.57
CA LEU A 49 -4.34 6.02 -7.81
C LEU A 49 -5.46 5.35 -8.61
N ASN A 50 -6.70 5.63 -8.23
CA ASN A 50 -7.86 5.04 -8.90
C ASN A 50 -7.96 5.50 -10.37
N LYS A 51 -7.20 6.55 -10.73
CA LYS A 51 -7.13 7.00 -12.13
C LYS A 51 -6.20 6.10 -12.95
N LEU A 52 -5.05 5.73 -12.36
CA LEU A 52 -4.08 4.87 -13.05
C LEU A 52 -4.52 3.40 -13.01
N GLN A 53 -5.08 2.99 -11.89
CA GLN A 53 -5.59 1.62 -11.72
C GLN A 53 -6.97 1.61 -11.04
N PRO A 54 -8.05 1.90 -11.80
CA PRO A 54 -9.43 1.88 -11.26
C PRO A 54 -9.89 0.47 -10.86
N ASP A 55 -9.16 -0.54 -11.34
CA ASP A 55 -9.43 -1.93 -11.02
C ASP A 55 -8.81 -2.33 -9.66
N PHE A 56 -7.88 -1.50 -9.16
CA PHE A 56 -7.15 -1.81 -7.94
C PHE A 56 -7.86 -1.26 -6.69
N ASP A 57 -8.58 -2.14 -5.99
CA ASP A 57 -9.24 -1.79 -4.73
C ASP A 57 -8.87 -2.77 -3.61
N SER A 58 -8.71 -2.26 -2.39
CA SER A 58 -8.30 -3.05 -1.22
C SER A 58 -9.11 -4.34 -1.04
N ARG A 59 -10.39 -4.30 -1.43
CA ARG A 59 -11.29 -5.46 -1.26
C ARG A 59 -10.77 -6.72 -1.98
N LEU A 60 -10.01 -6.53 -3.05
CA LEU A 60 -9.47 -7.65 -3.83
C LEU A 60 -8.54 -8.54 -2.98
N TYR A 61 -7.82 -7.92 -2.06
CA TYR A 61 -6.85 -8.64 -1.22
C TYR A 61 -7.40 -8.92 0.20
N GLY A 62 -8.70 -8.77 0.36
CA GLY A 62 -9.33 -9.03 1.65
C GLY A 62 -9.15 -7.89 2.66
N TYR A 63 -9.07 -6.66 2.18
CA TYR A 63 -8.98 -5.48 3.06
C TYR A 63 -10.26 -4.63 2.95
N LYS A 64 -10.86 -4.33 4.10
CA LYS A 64 -12.14 -3.61 4.15
C LYS A 64 -12.03 -2.18 3.60
N LYS A 65 -10.84 -1.59 3.66
CA LYS A 65 -10.61 -0.23 3.16
C LYS A 65 -9.14 0.01 2.81
N LEU A 66 -8.89 0.97 1.93
CA LEU A 66 -7.53 1.27 1.42
C LEU A 66 -6.56 1.62 2.56
N SER A 67 -7.03 2.37 3.55
CA SER A 67 -6.18 2.80 4.68
C SER A 67 -5.49 1.61 5.36
N ASP A 68 -6.28 0.58 5.67
CA ASP A 68 -5.74 -0.63 6.31
C ASP A 68 -4.73 -1.35 5.40
N LEU A 69 -5.05 -1.44 4.11
CA LEU A 69 -4.14 -2.04 3.12
C LEU A 69 -2.75 -1.38 3.15
N VAL A 70 -2.74 -0.05 3.01
CA VAL A 70 -1.49 0.70 2.97
C VAL A 70 -0.68 0.56 4.28
N LYS A 71 -1.33 0.77 5.42
CA LYS A 71 -0.63 0.70 6.71
C LYS A 71 -0.14 -0.73 7.04
N ALA A 72 -0.78 -1.73 6.44
CA ALA A 72 -0.36 -3.13 6.60
C ALA A 72 0.85 -3.47 5.73
N ARG A 73 0.97 -2.79 4.59
CA ARG A 73 2.05 -3.06 3.62
C ARG A 73 3.18 -2.03 3.72
N THR A 74 3.77 -1.93 4.92
CA THR A 74 4.89 -1.00 5.17
C THR A 74 6.10 -1.29 4.27
N ASP A 75 6.26 -2.56 3.87
CA ASP A 75 7.30 -2.97 2.93
C ASP A 75 7.26 -2.13 1.64
N LEU A 76 6.07 -1.71 1.25
CA LEU A 76 5.86 -0.90 0.04
C LEU A 76 5.67 0.59 0.39
N PHE A 77 4.85 0.87 1.40
CA PHE A 77 4.45 2.24 1.72
C PHE A 77 4.78 2.63 3.16
N VAL A 78 5.40 3.79 3.34
CA VAL A 78 5.65 4.35 4.67
C VAL A 78 4.44 5.19 5.11
N THR A 79 3.91 4.91 6.31
CA THR A 79 2.69 5.56 6.77
C THR A 79 2.91 6.40 8.05
N GLU A 80 2.44 7.64 8.02
CA GLU A 80 2.40 8.52 9.22
C GLU A 80 1.21 9.47 9.16
N GLU A 81 0.46 9.57 10.26
CA GLU A 81 -0.71 10.44 10.33
C GLU A 81 -0.31 11.86 10.79
N ARG A 82 -0.63 12.87 9.99
CA ARG A 82 -0.29 14.27 10.32
C ARG A 82 -1.57 15.11 10.48
N GLN A 83 -1.53 16.09 11.36
CA GLN A 83 -2.71 16.92 11.65
C GLN A 83 -2.90 18.01 10.58
N VAL A 84 -4.14 18.22 10.17
CA VAL A 84 -4.47 19.20 9.13
C VAL A 84 -4.73 20.59 9.72
N PRO A 85 -3.94 21.62 9.31
CA PRO A 85 -4.05 22.98 9.85
C PRO A 85 -5.44 23.61 9.60
N GLY A 86 -6.11 24.02 10.68
CA GLY A 86 -7.46 24.55 10.58
C GLY A 86 -8.53 23.50 10.87
N SER A 87 -8.10 22.25 11.01
CA SER A 87 -9.00 21.13 11.35
C SER A 87 -8.53 20.41 12.61
N THR A 88 -9.48 19.83 13.34
CA THR A 88 -9.16 19.11 14.59
C THR A 88 -8.75 17.65 14.30
N GLN A 89 -9.14 17.14 13.13
CA GLN A 89 -8.85 15.76 12.73
C GLN A 89 -7.48 15.66 12.02
N LYS A 90 -6.92 14.45 11.99
CA LYS A 90 -5.65 14.18 11.31
C LYS A 90 -5.86 13.33 10.04
N ALA A 91 -4.91 13.41 9.12
CA ALA A 91 -4.96 12.63 7.87
C ALA A 91 -3.72 11.74 7.72
N LEU A 92 -3.90 10.60 7.08
CA LEU A 92 -2.81 9.64 6.87
C LEU A 92 -1.95 10.02 5.65
N TYR A 93 -0.70 10.41 5.90
CA TYR A 93 0.24 10.74 4.82
C TYR A 93 1.19 9.57 4.50
N LEU A 94 1.47 9.39 3.22
CA LEU A 94 2.21 8.22 2.72
C LEU A 94 3.46 8.64 1.92
N ARG A 95 4.46 7.77 1.89
CA ARG A 95 5.65 7.97 1.04
C ARG A 95 6.28 6.62 0.67
N ALA A 96 6.98 6.57 -0.46
CA ALA A 96 7.58 5.32 -0.95
C ALA A 96 8.66 4.77 0.00
N LYS A 97 8.65 3.45 0.22
CA LYS A 97 9.63 2.79 1.08
C LYS A 97 10.97 2.59 0.34
N LEU A 98 11.99 3.35 0.76
CA LEU A 98 13.34 3.22 0.19
C LEU A 98 14.24 2.36 1.10
N GLU A 99 14.89 1.35 0.52
CA GLU A 99 15.77 0.45 1.28
C GLU A 99 16.75 -0.24 0.32
N HIS A 100 18.04 0.07 0.46
CA HIS A 100 19.07 -0.53 -0.39
C HIS A 100 19.30 -2.00 -0.04
N HIS A 101 18.51 -2.88 -0.65
CA HIS A 101 18.57 -4.31 -0.35
C HIS A 101 19.96 -4.91 -0.66
N HIS A 102 20.58 -5.52 0.34
CA HIS A 102 21.85 -6.24 0.15
C HIS A 102 21.70 -7.31 -0.95
N HIS A 103 22.79 -7.62 -1.63
CA HIS A 103 22.73 -8.53 -2.78
C HIS A 103 22.43 -9.99 -2.37
N HIS A 104 21.15 -10.31 -2.27
CA HIS A 104 20.70 -11.68 -2.04
C HIS A 104 19.56 -12.06 -3.00
N HIS A 105 19.38 -11.24 -4.03
CA HIS A 105 18.38 -11.48 -5.08
C HIS A 105 18.89 -10.99 -6.45
N MET A 1 0.24 -62.91 -6.45
CA MET A 1 -0.10 -61.80 -7.39
C MET A 1 -0.92 -60.70 -6.70
N ASP A 2 -1.14 -60.83 -5.39
CA ASP A 2 -2.01 -59.92 -4.64
C ASP A 2 -1.47 -58.48 -4.59
N GLN A 3 -2.36 -57.54 -4.31
CA GLN A 3 -2.01 -56.13 -4.19
C GLN A 3 -2.47 -55.54 -2.85
N LYS A 4 -1.58 -55.56 -1.86
CA LYS A 4 -1.89 -55.02 -0.53
C LYS A 4 -1.63 -53.50 -0.49
N SER A 5 -2.55 -52.73 -1.07
CA SER A 5 -2.43 -51.28 -1.12
C SER A 5 -3.01 -50.61 0.13
N SER A 6 -2.35 -49.55 0.59
CA SER A 6 -2.84 -48.76 1.73
C SER A 6 -4.00 -47.86 1.31
N SER A 7 -3.87 -47.22 0.15
CA SER A 7 -4.91 -46.34 -0.40
C SER A 7 -4.57 -45.96 -1.85
N PRO A 8 -5.55 -45.44 -2.62
CA PRO A 8 -5.29 -44.95 -3.99
C PRO A 8 -4.27 -43.80 -4.04
N GLN A 9 -3.98 -43.21 -2.88
CA GLN A 9 -3.06 -42.07 -2.76
C GLN A 9 -3.53 -40.84 -3.56
N PRO A 10 -4.41 -40.02 -2.96
CA PRO A 10 -4.91 -38.79 -3.57
C PRO A 10 -4.04 -37.56 -3.24
N ALA A 11 -4.31 -36.44 -3.90
CA ALA A 11 -3.58 -35.19 -3.64
C ALA A 11 -4.02 -34.54 -2.32
N ALA A 12 -3.09 -34.43 -1.37
CA ALA A 12 -3.39 -33.86 -0.04
C ALA A 12 -3.21 -32.33 -0.02
N GLN A 13 -3.33 -31.70 -1.18
CA GLN A 13 -3.15 -30.24 -1.31
C GLN A 13 -4.48 -29.53 -1.63
N ALA A 14 -4.74 -28.42 -0.94
CA ALA A 14 -5.91 -27.58 -1.23
C ALA A 14 -5.49 -26.31 -2.00
N PRO A 15 -6.10 -26.06 -3.18
CA PRO A 15 -5.74 -24.91 -4.04
C PRO A 15 -5.71 -23.56 -3.31
N GLU A 16 -4.53 -22.95 -3.22
CA GLU A 16 -4.37 -21.63 -2.59
C GLU A 16 -4.05 -20.56 -3.65
N THR A 17 -4.84 -19.49 -3.68
CA THR A 17 -4.61 -18.38 -4.63
C THR A 17 -4.06 -17.14 -3.91
N LYS A 18 -2.92 -16.65 -4.38
CA LYS A 18 -2.30 -15.44 -3.83
C LYS A 18 -2.28 -14.30 -4.85
N GLN A 19 -2.53 -13.08 -4.40
CA GLN A 19 -2.50 -11.89 -5.27
C GLN A 19 -1.13 -11.21 -5.23
N ALA A 20 -0.77 -10.51 -6.31
CA ALA A 20 0.49 -9.78 -6.38
C ALA A 20 0.25 -8.25 -6.44
N PHE A 21 0.92 -7.51 -5.56
CA PHE A 21 0.79 -6.04 -5.50
C PHE A 21 1.59 -5.36 -6.63
N PRO A 22 0.90 -4.69 -7.59
CA PRO A 22 1.60 -3.91 -8.61
C PRO A 22 2.10 -2.56 -8.05
N ARG A 23 3.38 -2.50 -7.69
CA ARG A 23 3.93 -1.33 -7.01
C ARG A 23 4.23 -0.18 -7.99
N LYS A 24 4.53 -0.53 -9.24
CA LYS A 24 4.90 0.46 -10.26
C LYS A 24 3.83 1.55 -10.42
N PHE A 25 2.63 1.17 -10.82
CA PHE A 25 1.53 2.14 -11.05
C PHE A 25 1.11 2.85 -9.76
N VAL A 26 1.00 2.11 -8.66
CA VAL A 26 0.57 2.69 -7.38
C VAL A 26 1.58 3.72 -6.84
N LEU A 27 2.87 3.36 -6.85
CA LEU A 27 3.93 4.28 -6.44
C LEU A 27 4.03 5.46 -7.41
N ALA A 28 3.80 5.22 -8.70
CA ALA A 28 3.77 6.29 -9.71
C ALA A 28 2.66 7.30 -9.39
N ALA A 29 1.52 6.79 -8.92
CA ALA A 29 0.43 7.65 -8.46
C ALA A 29 0.82 8.42 -7.20
N LEU A 30 1.40 7.70 -6.24
CA LEU A 30 1.84 8.28 -4.97
C LEU A 30 2.85 9.43 -5.17
N GLU A 31 3.96 9.15 -5.84
CA GLU A 31 5.01 10.15 -6.05
C GLU A 31 4.49 11.40 -6.77
N GLN A 32 3.55 11.21 -7.70
CA GLN A 32 2.94 12.33 -8.43
C GLN A 32 1.87 13.04 -7.60
N SER A 33 1.36 12.35 -6.57
CA SER A 33 0.34 12.93 -5.67
C SER A 33 0.99 13.65 -4.48
N SER A 34 2.24 13.28 -4.18
CA SER A 34 2.97 13.86 -3.05
C SER A 34 3.39 15.32 -3.30
N ASP A 35 3.33 16.14 -2.26
CA ASP A 35 3.77 17.54 -2.34
C ASP A 35 5.30 17.63 -2.47
N ASP A 36 5.83 18.86 -2.46
CA ASP A 36 7.29 19.08 -2.49
C ASP A 36 7.96 18.44 -1.26
N ALA A 37 7.20 18.36 -0.15
CA ALA A 37 7.70 17.74 1.09
C ALA A 37 7.64 16.20 1.03
N GLY A 38 7.32 15.64 -0.15
CA GLY A 38 7.31 14.18 -0.31
C GLY A 38 6.06 13.50 0.25
N TRP A 39 5.26 14.23 1.02
CA TRP A 39 4.07 13.68 1.66
C TRP A 39 2.81 13.85 0.78
N ALA A 40 2.03 12.77 0.68
CA ALA A 40 0.75 12.79 -0.04
C ALA A 40 -0.41 12.44 0.90
N ASN A 41 -1.40 13.34 0.98
CA ASN A 41 -2.60 13.08 1.78
C ASN A 41 -3.38 11.89 1.20
N LEU A 42 -3.87 11.01 2.07
CA LEU A 42 -4.62 9.82 1.66
C LEU A 42 -5.74 10.17 0.65
N GLY A 43 -6.41 11.30 0.86
CA GLY A 43 -7.44 11.77 -0.06
C GLY A 43 -6.90 12.00 -1.48
N ASN A 44 -5.69 12.55 -1.57
CA ASN A 44 -5.04 12.80 -2.86
C ASN A 44 -4.50 11.50 -3.47
N PHE A 45 -4.00 10.61 -2.61
CA PHE A 45 -3.48 9.31 -3.03
C PHE A 45 -4.59 8.47 -3.70
N GLY A 46 -5.67 8.19 -2.96
CA GLY A 46 -6.77 7.40 -3.51
C GLY A 46 -7.39 8.02 -4.76
N ASN A 47 -7.28 9.34 -4.87
CA ASN A 47 -7.79 10.07 -6.04
C ASN A 47 -6.96 9.77 -7.30
N TYR A 48 -5.68 10.17 -7.28
CA TYR A 48 -4.81 10.01 -8.45
C TYR A 48 -4.52 8.52 -8.74
N LEU A 49 -4.53 7.69 -7.70
CA LEU A 49 -4.37 6.24 -7.86
C LEU A 49 -5.49 5.65 -8.72
N ASN A 50 -6.73 6.05 -8.43
CA ASN A 50 -7.89 5.54 -9.17
C ASN A 50 -7.87 6.01 -10.64
N LYS A 51 -7.11 7.07 -10.92
CA LYS A 51 -6.94 7.56 -12.29
C LYS A 51 -6.03 6.64 -13.11
N LEU A 52 -5.03 6.04 -12.44
CA LEU A 52 -4.10 5.12 -13.10
C LEU A 52 -4.63 3.68 -13.05
N GLN A 53 -5.02 3.23 -11.86
CA GLN A 53 -5.62 1.90 -11.67
C GLN A 53 -7.01 2.01 -11.01
N PRO A 54 -8.07 2.18 -11.82
CA PRO A 54 -9.45 2.28 -11.30
C PRO A 54 -9.98 0.94 -10.76
N ASP A 55 -9.45 -0.15 -11.30
CA ASP A 55 -9.90 -1.50 -10.95
C ASP A 55 -9.13 -2.06 -9.73
N PHE A 56 -8.23 -1.26 -9.16
CA PHE A 56 -7.41 -1.70 -8.03
C PHE A 56 -8.23 -1.74 -6.72
N ASP A 57 -8.67 -2.93 -6.35
CA ASP A 57 -9.54 -3.12 -5.17
C ASP A 57 -8.81 -3.83 -4.02
N SER A 58 -9.09 -3.39 -2.79
CA SER A 58 -8.47 -3.97 -1.58
C SER A 58 -9.15 -5.28 -1.15
N ARG A 59 -10.46 -5.39 -1.36
CA ARG A 59 -11.22 -6.59 -1.00
C ARG A 59 -10.63 -7.84 -1.68
N LEU A 60 -10.10 -7.65 -2.89
CA LEU A 60 -9.41 -8.74 -3.63
C LEU A 60 -8.34 -9.43 -2.77
N TYR A 61 -7.61 -8.62 -1.98
CA TYR A 61 -6.52 -9.12 -1.15
C TYR A 61 -7.03 -9.49 0.26
N GLY A 62 -8.34 -9.37 0.49
CA GLY A 62 -8.93 -9.70 1.78
C GLY A 62 -9.07 -8.49 2.72
N TYR A 63 -8.54 -7.34 2.29
CA TYR A 63 -8.59 -6.12 3.11
C TYR A 63 -9.96 -5.42 3.05
N LYS A 64 -10.26 -4.65 4.08
CA LYS A 64 -11.56 -3.97 4.17
C LYS A 64 -11.65 -2.77 3.23
N LYS A 65 -10.57 -2.00 3.15
CA LYS A 65 -10.50 -0.84 2.25
C LYS A 65 -9.05 -0.36 2.09
N LEU A 66 -8.84 0.58 1.16
CA LEU A 66 -7.48 1.05 0.80
C LEU A 66 -6.67 1.49 2.04
N SER A 67 -7.29 2.25 2.93
CA SER A 67 -6.61 2.76 4.14
C SER A 67 -6.05 1.61 5.01
N ASP A 68 -6.81 0.52 5.12
CA ASP A 68 -6.38 -0.65 5.91
C ASP A 68 -5.19 -1.34 5.22
N LEU A 69 -5.22 -1.35 3.88
CA LEU A 69 -4.19 -1.97 3.06
C LEU A 69 -2.86 -1.20 3.13
N VAL A 70 -2.93 0.11 2.90
CA VAL A 70 -1.72 0.96 2.83
C VAL A 70 -0.87 0.86 4.10
N LYS A 71 -1.44 1.22 5.25
CA LYS A 71 -0.68 1.24 6.51
C LYS A 71 -0.25 -0.18 6.95
N ALA A 72 -0.93 -1.19 6.44
CA ALA A 72 -0.56 -2.59 6.70
C ALA A 72 0.68 -2.99 5.88
N ARG A 73 0.68 -2.66 4.59
CA ARG A 73 1.77 -3.02 3.68
C ARG A 73 2.88 -1.96 3.65
N THR A 74 3.56 -1.81 4.78
CA THR A 74 4.72 -0.88 4.87
C THR A 74 5.83 -1.29 3.91
N ASP A 75 5.75 -2.53 3.42
CA ASP A 75 6.65 -3.05 2.39
C ASP A 75 6.79 -2.06 1.21
N LEU A 76 5.68 -1.38 0.89
CA LEU A 76 5.64 -0.45 -0.23
C LEU A 76 5.47 1.01 0.24
N PHE A 77 4.63 1.23 1.25
CA PHE A 77 4.23 2.58 1.63
C PHE A 77 4.62 2.94 3.08
N VAL A 78 5.31 4.05 3.26
CA VAL A 78 5.58 4.60 4.61
C VAL A 78 4.41 5.49 5.03
N THR A 79 3.79 5.17 6.16
CA THR A 79 2.57 5.89 6.60
C THR A 79 2.78 6.62 7.93
N GLU A 80 2.41 7.90 7.96
CA GLU A 80 2.45 8.71 9.18
C GLU A 80 1.29 9.72 9.21
N GLU A 81 0.56 9.75 10.31
CA GLU A 81 -0.61 10.63 10.45
C GLU A 81 -0.22 12.00 10.99
N ARG A 82 -0.64 13.06 10.29
CA ARG A 82 -0.32 14.44 10.68
C ARG A 82 -1.59 15.21 11.04
N GLN A 83 -1.48 16.15 11.98
CA GLN A 83 -2.59 17.05 12.28
C GLN A 83 -2.66 18.18 11.23
N VAL A 84 -3.84 18.37 10.63
CA VAL A 84 -4.00 19.33 9.55
C VAL A 84 -4.36 20.73 10.11
N PRO A 85 -3.64 21.78 9.66
CA PRO A 85 -3.92 23.17 10.09
C PRO A 85 -5.41 23.55 9.98
N GLY A 86 -6.05 23.79 11.11
CA GLY A 86 -7.47 24.13 11.13
C GLY A 86 -8.38 22.92 11.35
N SER A 87 -7.78 21.76 11.59
CA SER A 87 -8.54 20.53 11.82
C SER A 87 -8.28 19.95 13.23
N THR A 88 -9.35 19.63 13.93
CA THR A 88 -9.24 18.99 15.26
C THR A 88 -8.97 17.49 15.12
N GLN A 89 -9.26 16.95 13.93
CA GLN A 89 -8.94 15.56 13.60
C GLN A 89 -7.71 15.51 12.69
N LYS A 90 -6.88 14.48 12.86
CA LYS A 90 -5.66 14.34 12.07
C LYS A 90 -5.86 13.39 10.87
N ALA A 91 -5.14 13.67 9.78
CA ALA A 91 -5.28 12.89 8.54
C ALA A 91 -4.02 12.03 8.28
N LEU A 92 -4.19 11.00 7.45
CA LEU A 92 -3.09 10.08 7.12
C LEU A 92 -2.32 10.56 5.88
N TYR A 93 -1.00 10.74 6.05
CA TYR A 93 -0.11 11.14 4.94
C TYR A 93 0.81 9.98 4.56
N LEU A 94 1.12 9.88 3.26
CA LEU A 94 1.85 8.73 2.73
C LEU A 94 3.12 9.16 1.97
N ARG A 95 4.11 8.27 1.93
CA ARG A 95 5.30 8.44 1.10
C ARG A 95 5.91 7.08 0.73
N ALA A 96 6.60 7.03 -0.40
CA ALA A 96 7.14 5.75 -0.93
C ALA A 96 8.25 5.18 -0.05
N LYS A 97 8.34 3.85 0.00
CA LYS A 97 9.42 3.16 0.72
C LYS A 97 10.71 3.19 -0.11
N LEU A 98 11.59 4.13 0.21
CA LEU A 98 12.86 4.30 -0.50
C LEU A 98 14.04 3.83 0.36
N GLU A 99 14.58 2.66 0.05
CA GLU A 99 15.74 2.13 0.76
C GLU A 99 16.57 1.21 -0.14
N HIS A 100 17.66 0.67 0.39
CA HIS A 100 18.51 -0.27 -0.34
C HIS A 100 19.09 -1.33 0.61
N HIS A 101 18.52 -2.53 0.60
CA HIS A 101 19.01 -3.64 1.42
C HIS A 101 20.54 -3.77 1.31
N HIS A 102 21.23 -3.55 2.43
CA HIS A 102 22.68 -3.50 2.47
C HIS A 102 23.31 -4.85 2.07
N HIS A 103 24.26 -4.81 1.13
CA HIS A 103 25.02 -6.01 0.74
C HIS A 103 26.35 -6.08 1.53
N HIS A 104 26.68 -5.00 2.23
CA HIS A 104 27.87 -4.98 3.10
C HIS A 104 27.52 -5.42 4.53
N HIS A 105 26.56 -4.71 5.14
CA HIS A 105 26.15 -4.97 6.53
C HIS A 105 24.78 -4.32 6.84
N MET A 1 5.34 -22.80 22.39
CA MET A 1 5.87 -21.42 22.52
C MET A 1 6.41 -20.90 21.17
N ASP A 2 6.04 -19.67 20.81
CA ASP A 2 6.39 -19.11 19.49
C ASP A 2 7.90 -18.88 19.31
N GLN A 3 8.62 -18.62 20.39
CA GLN A 3 10.09 -18.45 20.31
C GLN A 3 10.80 -19.77 19.97
N LYS A 4 10.06 -20.88 20.00
CA LYS A 4 10.54 -22.17 19.52
C LYS A 4 9.83 -22.59 18.23
N SER A 5 9.45 -21.59 17.42
CA SER A 5 8.74 -21.84 16.15
C SER A 5 9.47 -22.86 15.26
N SER A 6 9.08 -24.12 15.36
CA SER A 6 9.67 -25.19 14.53
C SER A 6 9.23 -25.05 13.07
N SER A 7 7.92 -25.22 12.81
CA SER A 7 7.36 -25.05 11.47
C SER A 7 6.15 -24.10 11.51
N PRO A 8 6.36 -22.81 11.17
CA PRO A 8 5.28 -21.79 11.21
C PRO A 8 4.23 -22.00 10.10
N GLN A 9 3.07 -22.53 10.48
CA GLN A 9 1.98 -22.78 9.53
C GLN A 9 0.62 -22.74 10.22
N PRO A 10 -0.15 -21.63 10.06
CA PRO A 10 -1.48 -21.51 10.66
C PRO A 10 -2.58 -22.24 9.86
N ALA A 11 -3.42 -23.00 10.55
CA ALA A 11 -4.54 -23.69 9.91
C ALA A 11 -5.66 -22.69 9.58
N ALA A 12 -5.66 -22.18 8.34
CA ALA A 12 -6.63 -21.15 7.92
C ALA A 12 -7.31 -21.51 6.60
N GLN A 13 -8.19 -20.63 6.13
CA GLN A 13 -8.93 -20.87 4.88
C GLN A 13 -8.31 -20.11 3.70
N ALA A 14 -7.77 -20.86 2.73
CA ALA A 14 -7.20 -20.27 1.50
C ALA A 14 -8.29 -20.05 0.44
N PRO A 15 -8.63 -18.78 0.12
CA PRO A 15 -9.73 -18.46 -0.80
C PRO A 15 -9.33 -18.35 -2.28
N GLU A 16 -9.83 -19.29 -3.07
CA GLU A 16 -9.79 -19.23 -4.55
C GLU A 16 -8.38 -19.08 -5.14
N THR A 17 -7.86 -17.85 -5.19
CA THR A 17 -6.65 -17.55 -5.97
C THR A 17 -5.70 -16.59 -5.24
N LYS A 18 -4.61 -16.21 -5.90
CA LYS A 18 -3.61 -15.30 -5.34
C LYS A 18 -3.49 -14.00 -6.15
N GLN A 19 -3.25 -12.88 -5.47
CA GLN A 19 -3.09 -11.57 -6.12
C GLN A 19 -1.66 -11.02 -5.95
N ALA A 20 -1.23 -10.18 -6.88
CA ALA A 20 0.11 -9.59 -6.83
C ALA A 20 0.08 -8.09 -6.49
N PHE A 21 1.16 -7.58 -5.88
CA PHE A 21 1.26 -6.17 -5.52
C PHE A 21 2.25 -5.41 -6.43
N PRO A 22 1.75 -4.64 -7.41
CA PRO A 22 2.60 -3.77 -8.24
C PRO A 22 2.84 -2.39 -7.58
N ARG A 23 4.00 -2.20 -6.95
CA ARG A 23 4.25 -0.98 -6.17
C ARG A 23 4.56 0.22 -7.08
N LYS A 24 5.17 -0.02 -8.25
CA LYS A 24 5.54 1.08 -9.15
C LYS A 24 4.32 1.91 -9.60
N PHE A 25 3.28 1.23 -10.12
CA PHE A 25 2.04 1.92 -10.52
C PHE A 25 1.43 2.72 -9.36
N VAL A 26 1.36 2.10 -8.18
CA VAL A 26 0.78 2.73 -7.00
C VAL A 26 1.61 3.95 -6.55
N LEU A 27 2.92 3.77 -6.46
CA LEU A 27 3.83 4.85 -6.05
C LEU A 27 3.87 5.99 -7.08
N ALA A 28 3.73 5.63 -8.36
CA ALA A 28 3.64 6.61 -9.44
C ALA A 28 2.45 7.56 -9.24
N ALA A 29 1.33 7.01 -8.78
CA ALA A 29 0.16 7.82 -8.44
C ALA A 29 0.40 8.63 -7.16
N LEU A 30 1.01 7.98 -6.17
CA LEU A 30 1.31 8.60 -4.87
C LEU A 30 2.17 9.86 -5.04
N GLU A 31 3.35 9.72 -5.65
CA GLU A 31 4.28 10.85 -5.83
C GLU A 31 3.62 12.03 -6.55
N GLN A 32 2.73 11.74 -7.51
CA GLN A 32 2.01 12.78 -8.26
C GLN A 32 0.87 13.40 -7.45
N SER A 33 0.45 12.70 -6.39
CA SER A 33 -0.59 13.21 -5.48
C SER A 33 0.05 13.82 -4.21
N SER A 34 1.37 13.71 -4.10
CA SER A 34 2.11 14.21 -2.93
C SER A 34 2.53 15.68 -3.08
N ASP A 35 2.64 16.38 -1.95
CA ASP A 35 3.15 17.75 -1.93
C ASP A 35 4.69 17.79 -1.99
N ASP A 36 5.26 18.98 -1.79
CA ASP A 36 6.71 19.17 -1.86
C ASP A 36 7.46 18.25 -0.87
N ALA A 37 6.86 18.02 0.30
CA ALA A 37 7.48 17.19 1.34
C ALA A 37 7.37 15.68 1.03
N GLY A 38 6.71 15.35 -0.08
CA GLY A 38 6.57 13.96 -0.49
C GLY A 38 5.36 13.25 0.12
N TRP A 39 4.63 13.96 0.98
CA TRP A 39 3.45 13.39 1.64
C TRP A 39 2.16 13.69 0.85
N ALA A 40 1.38 12.64 0.58
CA ALA A 40 0.08 12.79 -0.11
C ALA A 40 -1.09 12.53 0.84
N ASN A 41 -2.19 13.25 0.64
CA ASN A 41 -3.40 13.02 1.42
C ASN A 41 -4.11 11.74 0.95
N LEU A 42 -4.43 10.86 1.91
CA LEU A 42 -5.10 9.58 1.64
C LEU A 42 -6.27 9.73 0.64
N GLY A 43 -7.09 10.78 0.83
CA GLY A 43 -8.24 11.00 -0.04
C GLY A 43 -7.88 11.25 -1.50
N ASN A 44 -6.79 11.97 -1.74
CA ASN A 44 -6.34 12.26 -3.11
C ASN A 44 -5.56 11.09 -3.70
N PHE A 45 -4.80 10.39 -2.86
CA PHE A 45 -4.06 9.19 -3.26
C PHE A 45 -4.99 8.12 -3.84
N GLY A 46 -6.03 7.75 -3.09
CA GLY A 46 -7.01 6.78 -3.56
C GLY A 46 -7.67 7.19 -4.87
N ASN A 47 -7.82 8.50 -5.07
CA ASN A 47 -8.41 9.05 -6.29
C ASN A 47 -7.47 8.89 -7.49
N TYR A 48 -6.27 9.48 -7.41
CA TYR A 48 -5.31 9.45 -8.52
C TYR A 48 -4.85 8.03 -8.84
N LEU A 49 -4.80 7.17 -7.82
CA LEU A 49 -4.46 5.75 -8.00
C LEU A 49 -5.46 5.05 -8.92
N ASN A 50 -6.74 5.40 -8.78
CA ASN A 50 -7.81 4.80 -9.59
C ASN A 50 -7.65 5.17 -11.08
N LYS A 51 -6.95 6.28 -11.35
CA LYS A 51 -6.71 6.72 -12.73
C LYS A 51 -5.66 5.83 -13.43
N LEU A 52 -4.63 5.43 -12.68
CA LEU A 52 -3.58 4.56 -13.24
C LEU A 52 -3.97 3.08 -13.13
N GLN A 53 -4.61 2.70 -12.03
CA GLN A 53 -5.07 1.33 -11.80
C GLN A 53 -6.59 1.30 -11.52
N PRO A 54 -7.42 1.29 -12.59
CA PRO A 54 -8.89 1.32 -12.46
C PRO A 54 -9.49 0.01 -11.93
N ASP A 55 -8.71 -1.07 -11.96
CA ASP A 55 -9.18 -2.39 -11.50
C ASP A 55 -8.55 -2.75 -10.14
N PHE A 56 -7.89 -1.78 -9.49
CA PHE A 56 -7.21 -2.03 -8.21
C PHE A 56 -8.18 -1.83 -7.03
N ASP A 57 -8.68 -2.93 -6.48
CA ASP A 57 -9.60 -2.91 -5.34
C ASP A 57 -9.04 -3.68 -4.14
N SER A 58 -9.26 -3.14 -2.94
CA SER A 58 -8.70 -3.70 -1.70
C SER A 58 -9.37 -5.02 -1.29
N ARG A 59 -10.64 -5.19 -1.64
CA ARG A 59 -11.38 -6.42 -1.28
C ARG A 59 -10.73 -7.65 -1.92
N LEU A 60 -10.16 -7.46 -3.11
CA LEU A 60 -9.42 -8.52 -3.82
C LEU A 60 -8.22 -9.03 -3.01
N TYR A 61 -7.75 -8.21 -2.06
CA TYR A 61 -6.59 -8.56 -1.22
C TYR A 61 -7.00 -8.85 0.23
N GLY A 62 -8.30 -8.86 0.49
CA GLY A 62 -8.80 -9.14 1.84
C GLY A 62 -8.81 -7.92 2.76
N TYR A 63 -8.98 -6.72 2.19
CA TYR A 63 -9.04 -5.48 2.97
C TYR A 63 -10.30 -4.68 2.64
N LYS A 64 -10.93 -4.10 3.66
CA LYS A 64 -12.20 -3.37 3.49
C LYS A 64 -12.02 -2.10 2.65
N LYS A 65 -10.86 -1.46 2.75
CA LYS A 65 -10.55 -0.27 1.95
C LYS A 65 -9.05 -0.07 1.81
N LEU A 66 -8.67 0.79 0.86
CA LEU A 66 -7.25 1.07 0.56
C LEU A 66 -6.50 1.54 1.81
N SER A 67 -7.18 2.32 2.66
CA SER A 67 -6.60 2.84 3.90
C SER A 67 -5.93 1.74 4.73
N ASP A 68 -6.65 0.63 4.92
CA ASP A 68 -6.16 -0.48 5.76
C ASP A 68 -5.11 -1.31 5.02
N LEU A 69 -5.16 -1.31 3.68
CA LEU A 69 -4.18 -2.02 2.86
C LEU A 69 -2.80 -1.33 2.89
N VAL A 70 -2.80 -0.01 2.66
CA VAL A 70 -1.55 0.76 2.64
C VAL A 70 -0.77 0.61 3.95
N LYS A 71 -1.44 0.83 5.08
CA LYS A 71 -0.80 0.69 6.40
C LYS A 71 -0.38 -0.76 6.69
N ALA A 72 -0.98 -1.70 5.98
CA ALA A 72 -0.64 -3.12 6.11
C ALA A 72 0.60 -3.49 5.27
N ARG A 73 0.93 -2.65 4.28
CA ARG A 73 2.10 -2.86 3.45
C ARG A 73 3.18 -1.79 3.69
N THR A 74 3.56 -1.64 4.96
CA THR A 74 4.60 -0.67 5.36
C THR A 74 5.92 -0.90 4.61
N ASP A 75 6.14 -2.14 4.18
CA ASP A 75 7.32 -2.48 3.38
C ASP A 75 7.34 -1.70 2.06
N LEU A 76 6.15 -1.49 1.48
CA LEU A 76 6.02 -0.78 0.20
C LEU A 76 5.68 0.70 0.39
N PHE A 77 4.86 0.99 1.40
CA PHE A 77 4.34 2.35 1.61
C PHE A 77 4.66 2.87 3.02
N VAL A 78 5.09 4.12 3.11
CA VAL A 78 5.36 4.75 4.40
C VAL A 78 4.13 5.53 4.89
N THR A 79 3.55 5.08 6.01
CA THR A 79 2.30 5.67 6.51
C THR A 79 2.49 6.31 7.89
N GLU A 80 2.02 7.55 8.04
CA GLU A 80 2.02 8.24 9.34
C GLU A 80 0.79 9.15 9.48
N GLU A 81 0.20 9.18 10.67
CA GLU A 81 -0.94 10.05 10.94
C GLU A 81 -0.45 11.43 11.39
N ARG A 82 -0.75 12.43 10.57
CA ARG A 82 -0.19 13.78 10.76
C ARG A 82 -1.31 14.79 11.05
N GLN A 83 -1.15 15.57 12.11
CA GLN A 83 -2.15 16.57 12.47
C GLN A 83 -2.00 17.81 11.59
N VAL A 84 -3.11 18.23 10.98
CA VAL A 84 -3.09 19.27 9.94
C VAL A 84 -3.22 20.68 10.54
N PRO A 85 -2.28 21.60 10.19
CA PRO A 85 -2.31 23.00 10.66
C PRO A 85 -3.65 23.70 10.34
N GLY A 86 -4.32 24.20 11.39
CA GLY A 86 -5.63 24.82 11.21
C GLY A 86 -6.77 23.85 11.53
N SER A 87 -6.44 22.57 11.64
CA SER A 87 -7.42 21.52 11.94
C SER A 87 -7.06 20.80 13.25
N THR A 88 -8.07 20.52 14.07
CA THR A 88 -7.84 19.78 15.33
C THR A 88 -7.71 18.28 15.07
N GLN A 89 -8.27 17.81 13.96
CA GLN A 89 -8.20 16.41 13.57
C GLN A 89 -6.89 16.09 12.85
N LYS A 90 -6.47 14.83 12.90
CA LYS A 90 -5.29 14.36 12.16
C LYS A 90 -5.70 13.69 10.84
N ALA A 91 -4.80 13.70 9.86
CA ALA A 91 -5.03 13.07 8.57
C ALA A 91 -3.88 12.12 8.21
N LEU A 92 -4.22 10.98 7.61
CA LEU A 92 -3.23 9.99 7.20
C LEU A 92 -2.53 10.42 5.89
N TYR A 93 -1.27 10.86 6.01
CA TYR A 93 -0.45 11.21 4.85
C TYR A 93 0.48 10.05 4.48
N LEU A 94 0.69 9.85 3.18
CA LEU A 94 1.46 8.71 2.69
C LEU A 94 2.66 9.15 1.83
N ARG A 95 3.76 8.39 1.88
CA ARG A 95 4.93 8.65 1.03
C ARG A 95 5.59 7.34 0.59
N ALA A 96 6.39 7.40 -0.47
CA ALA A 96 6.99 6.21 -1.09
C ALA A 96 8.17 5.64 -0.28
N LYS A 97 8.30 4.31 -0.30
CA LYS A 97 9.45 3.64 0.32
C LYS A 97 10.69 3.72 -0.59
N LEU A 98 11.70 4.45 -0.13
CA LEU A 98 12.94 4.62 -0.91
C LEU A 98 13.99 3.55 -0.51
N GLU A 99 14.69 3.01 -1.51
CA GLU A 99 15.72 2.00 -1.28
C GLU A 99 16.97 2.62 -0.62
N HIS A 100 16.91 2.83 0.69
CA HIS A 100 18.05 3.37 1.46
C HIS A 100 19.23 2.39 1.47
N HIS A 101 20.46 2.92 1.56
CA HIS A 101 21.67 2.10 1.53
C HIS A 101 22.09 1.66 2.94
N HIS A 102 22.74 0.50 3.03
CA HIS A 102 23.13 -0.10 4.32
C HIS A 102 24.65 -0.37 4.36
N HIS A 103 25.36 0.32 5.25
CA HIS A 103 26.83 0.23 5.32
C HIS A 103 27.31 -0.93 6.21
N HIS A 104 26.92 -2.15 5.86
CA HIS A 104 27.41 -3.37 6.52
C HIS A 104 27.46 -4.53 5.50
N HIS A 105 28.03 -5.66 5.89
CA HIS A 105 28.11 -6.82 4.98
C HIS A 105 27.34 -8.04 5.54
N MET A 1 -5.03 -49.93 -7.72
CA MET A 1 -6.43 -49.93 -7.22
C MET A 1 -6.46 -49.74 -5.69
N ASP A 2 -7.39 -48.93 -5.21
CA ASP A 2 -7.52 -48.67 -3.77
C ASP A 2 -8.79 -49.32 -3.20
N GLN A 3 -8.79 -49.55 -1.89
CA GLN A 3 -9.94 -50.16 -1.21
C GLN A 3 -9.99 -49.72 0.26
N LYS A 4 -10.92 -48.83 0.58
CA LYS A 4 -11.08 -48.32 1.95
C LYS A 4 -12.56 -48.28 2.36
N SER A 5 -12.82 -48.10 3.64
CA SER A 5 -14.19 -47.96 4.16
C SER A 5 -14.68 -46.51 4.05
N SER A 6 -13.95 -45.70 3.32
CA SER A 6 -14.22 -44.26 3.22
C SER A 6 -15.35 -43.94 2.24
N SER A 7 -16.27 -43.07 2.68
CA SER A 7 -17.31 -42.53 1.80
C SER A 7 -16.81 -41.26 1.11
N PRO A 8 -17.07 -41.08 -0.19
CA PRO A 8 -16.64 -39.88 -0.92
C PRO A 8 -17.22 -38.58 -0.32
N GLN A 9 -16.45 -37.95 0.58
CA GLN A 9 -16.87 -36.72 1.27
C GLN A 9 -15.84 -35.58 1.05
N PRO A 10 -16.30 -34.32 0.98
CA PRO A 10 -15.41 -33.15 0.80
C PRO A 10 -14.37 -32.97 1.93
N ALA A 11 -13.31 -32.20 1.65
CA ALA A 11 -12.23 -31.99 2.62
C ALA A 11 -12.32 -30.60 3.29
N ALA A 12 -11.30 -30.27 4.10
CA ALA A 12 -11.27 -29.00 4.84
C ALA A 12 -10.42 -27.92 4.11
N GLN A 13 -10.21 -28.10 2.82
CA GLN A 13 -9.41 -27.14 2.03
C GLN A 13 -10.22 -25.89 1.64
N ALA A 14 -9.91 -24.76 2.31
CA ALA A 14 -10.54 -23.48 1.99
C ALA A 14 -9.74 -22.72 0.92
N PRO A 15 -10.35 -22.48 -0.27
CA PRO A 15 -9.66 -21.81 -1.40
C PRO A 15 -8.94 -20.52 -1.00
N GLU A 16 -7.60 -20.54 -1.11
CA GLU A 16 -6.77 -19.38 -0.77
C GLU A 16 -6.27 -18.67 -2.05
N THR A 17 -6.73 -17.45 -2.27
CA THR A 17 -6.38 -16.69 -3.49
C THR A 17 -5.49 -15.48 -3.17
N LYS A 18 -4.41 -15.30 -3.94
CA LYS A 18 -3.53 -14.14 -3.79
C LYS A 18 -3.61 -13.20 -5.01
N GLN A 19 -3.51 -11.90 -4.78
CA GLN A 19 -3.39 -10.91 -5.85
C GLN A 19 -2.07 -10.14 -5.71
N ALA A 20 -1.43 -9.81 -6.83
CA ALA A 20 -0.11 -9.16 -6.81
C ALA A 20 -0.21 -7.63 -6.77
N PHE A 21 0.57 -7.01 -5.88
CA PHE A 21 0.62 -5.54 -5.75
C PHE A 21 1.56 -4.91 -6.79
N PRO A 22 1.02 -4.16 -7.78
CA PRO A 22 1.85 -3.44 -8.76
C PRO A 22 2.37 -2.09 -8.21
N ARG A 23 3.62 -2.08 -7.75
CA ARG A 23 4.19 -0.88 -7.14
C ARG A 23 4.48 0.22 -8.17
N LYS A 24 4.79 -0.18 -9.40
CA LYS A 24 5.14 0.77 -10.47
C LYS A 24 4.01 1.78 -10.75
N PHE A 25 2.76 1.36 -10.58
CA PHE A 25 1.62 2.26 -10.77
C PHE A 25 1.23 2.96 -9.47
N VAL A 26 1.14 2.20 -8.38
CA VAL A 26 0.76 2.74 -7.07
C VAL A 26 1.73 3.84 -6.60
N LEU A 27 3.03 3.57 -6.66
CA LEU A 27 4.04 4.56 -6.28
C LEU A 27 4.01 5.79 -7.21
N ALA A 28 3.68 5.55 -8.49
CA ALA A 28 3.56 6.64 -9.46
C ALA A 28 2.44 7.62 -9.07
N ALA A 29 1.27 7.09 -8.73
CA ALA A 29 0.16 7.92 -8.26
C ALA A 29 0.50 8.58 -6.92
N LEU A 30 1.17 7.84 -6.05
CA LEU A 30 1.57 8.32 -4.72
C LEU A 30 2.47 9.57 -4.81
N GLU A 31 3.55 9.47 -5.57
CA GLU A 31 4.52 10.57 -5.69
C GLU A 31 3.91 11.80 -6.39
N GLN A 32 2.92 11.57 -7.24
CA GLN A 32 2.23 12.67 -7.93
C GLN A 32 1.24 13.39 -6.98
N SER A 33 0.55 12.62 -6.13
CA SER A 33 -0.36 13.20 -5.13
C SER A 33 0.41 13.74 -3.92
N SER A 34 1.74 13.64 -3.96
CA SER A 34 2.59 14.14 -2.87
C SER A 34 2.63 15.68 -2.85
N ASP A 35 2.46 16.25 -1.66
CA ASP A 35 2.51 17.70 -1.48
C ASP A 35 3.94 18.22 -1.41
N ASP A 36 4.09 19.53 -1.18
CA ASP A 36 5.39 20.20 -1.13
C ASP A 36 6.32 19.60 -0.05
N ALA A 37 5.74 18.91 0.92
CA ALA A 37 6.50 18.30 2.03
C ALA A 37 7.04 16.90 1.69
N GLY A 38 6.75 16.42 0.48
CA GLY A 38 7.18 15.07 0.08
C GLY A 38 6.30 13.95 0.64
N TRP A 39 5.08 14.31 1.04
CA TRP A 39 4.11 13.36 1.58
C TRP A 39 2.75 13.50 0.88
N ALA A 40 2.09 12.38 0.63
CA ALA A 40 0.78 12.39 -0.04
C ALA A 40 -0.36 12.03 0.94
N ASN A 41 -1.37 12.89 1.01
CA ASN A 41 -2.54 12.64 1.85
C ASN A 41 -3.30 11.40 1.35
N LEU A 42 -3.62 10.50 2.28
CA LEU A 42 -4.36 9.26 1.96
C LEU A 42 -5.52 9.51 0.97
N GLY A 43 -6.29 10.57 1.22
CA GLY A 43 -7.40 10.93 0.34
C GLY A 43 -6.95 11.22 -1.09
N ASN A 44 -6.00 12.14 -1.25
CA ASN A 44 -5.47 12.52 -2.56
C ASN A 44 -4.78 11.32 -3.25
N PHE A 45 -4.16 10.46 -2.45
CA PHE A 45 -3.52 9.25 -2.96
C PHE A 45 -4.56 8.28 -3.55
N GLY A 46 -5.51 7.85 -2.72
CA GLY A 46 -6.56 6.94 -3.19
C GLY A 46 -7.35 7.50 -4.37
N ASN A 47 -7.59 8.82 -4.33
CA ASN A 47 -8.29 9.52 -5.43
C ASN A 47 -7.57 9.32 -6.77
N TYR A 48 -6.31 9.73 -6.84
CA TYR A 48 -5.53 9.68 -8.09
C TYR A 48 -5.11 8.23 -8.43
N LEU A 49 -4.99 7.39 -7.40
CA LEU A 49 -4.60 5.98 -7.59
C LEU A 49 -5.59 5.23 -8.49
N ASN A 50 -6.88 5.25 -8.14
CA ASN A 50 -7.89 4.52 -8.89
C ASN A 50 -8.01 5.03 -10.34
N LYS A 51 -7.65 6.30 -10.56
CA LYS A 51 -7.64 6.88 -11.91
C LYS A 51 -6.61 6.16 -12.80
N LEU A 52 -5.49 5.77 -12.20
CA LEU A 52 -4.43 5.05 -12.94
C LEU A 52 -4.64 3.53 -12.90
N GLN A 53 -5.19 3.04 -11.79
CA GLN A 53 -5.43 1.59 -11.61
C GLN A 53 -6.86 1.28 -11.15
N PRO A 54 -7.82 1.16 -12.09
CA PRO A 54 -9.18 0.68 -11.78
C PRO A 54 -9.18 -0.83 -11.49
N ASP A 55 -8.09 -1.50 -11.88
CA ASP A 55 -7.91 -2.93 -11.64
C ASP A 55 -7.41 -3.20 -10.21
N PHE A 56 -6.99 -2.14 -9.52
CA PHE A 56 -6.45 -2.25 -8.16
C PHE A 56 -7.51 -1.84 -7.13
N ASP A 57 -8.15 -2.84 -6.51
CA ASP A 57 -9.22 -2.58 -5.54
C ASP A 57 -8.97 -3.30 -4.21
N SER A 58 -9.18 -2.61 -3.10
CA SER A 58 -8.90 -3.15 -1.75
C SER A 58 -9.74 -4.40 -1.43
N ARG A 59 -11.01 -4.39 -1.84
CA ARG A 59 -11.91 -5.53 -1.57
C ARG A 59 -11.37 -6.83 -2.17
N LEU A 60 -10.69 -6.72 -3.32
CA LEU A 60 -10.09 -7.87 -3.99
C LEU A 60 -9.05 -8.58 -3.09
N TYR A 61 -8.41 -7.80 -2.22
CA TYR A 61 -7.37 -8.33 -1.32
C TYR A 61 -7.93 -8.71 0.06
N GLY A 62 -9.24 -8.50 0.24
CA GLY A 62 -9.89 -8.83 1.51
C GLY A 62 -9.86 -7.68 2.53
N TYR A 63 -9.48 -6.49 2.08
CA TYR A 63 -9.44 -5.30 2.96
C TYR A 63 -10.70 -4.46 2.78
N LYS A 64 -11.14 -3.79 3.84
CA LYS A 64 -12.33 -2.92 3.78
C LYS A 64 -12.09 -1.71 2.88
N LYS A 65 -10.94 -1.04 3.05
CA LYS A 65 -10.57 0.08 2.20
C LYS A 65 -9.04 0.27 2.14
N LEU A 66 -8.60 1.17 1.26
CA LEU A 66 -7.17 1.40 1.00
C LEU A 66 -6.37 1.70 2.28
N SER A 67 -6.94 2.49 3.18
CA SER A 67 -6.27 2.85 4.45
C SER A 67 -5.80 1.60 5.21
N ASP A 68 -6.68 0.61 5.33
CA ASP A 68 -6.36 -0.64 6.03
C ASP A 68 -5.27 -1.44 5.28
N LEU A 69 -5.22 -1.29 3.97
CA LEU A 69 -4.23 -1.98 3.13
C LEU A 69 -2.83 -1.36 3.27
N VAL A 70 -2.73 -0.06 3.00
CA VAL A 70 -1.44 0.64 2.98
C VAL A 70 -0.66 0.48 4.29
N LYS A 71 -1.32 0.72 5.43
CA LYS A 71 -0.67 0.63 6.74
C LYS A 71 -0.17 -0.80 7.04
N ALA A 72 -0.75 -1.79 6.36
CA ALA A 72 -0.35 -3.19 6.54
C ALA A 72 0.81 -3.58 5.61
N ARG A 73 1.19 -2.66 4.72
CA ARG A 73 2.27 -2.90 3.75
C ARG A 73 3.44 -1.92 3.98
N THR A 74 3.90 -1.84 5.23
CA THR A 74 4.96 -0.89 5.65
C THR A 74 6.28 -1.07 4.87
N ASP A 75 6.51 -2.27 4.33
CA ASP A 75 7.72 -2.55 3.57
C ASP A 75 7.66 -1.93 2.16
N LEU A 76 6.44 -1.70 1.67
CA LEU A 76 6.22 -1.08 0.37
C LEU A 76 5.95 0.43 0.48
N PHE A 77 5.15 0.81 1.49
CA PHE A 77 4.73 2.20 1.66
C PHE A 77 5.12 2.76 3.04
N VAL A 78 5.58 4.01 3.07
CA VAL A 78 5.89 4.69 4.34
C VAL A 78 4.63 5.40 4.87
N THR A 79 4.16 4.98 6.05
CA THR A 79 2.88 5.49 6.60
C THR A 79 3.08 6.26 7.90
N GLU A 80 2.52 7.48 7.98
CA GLU A 80 2.49 8.27 9.22
C GLU A 80 1.25 9.18 9.28
N GLU A 81 0.64 9.29 10.46
CA GLU A 81 -0.51 10.17 10.65
C GLU A 81 -0.06 11.59 11.01
N ARG A 82 -0.35 12.56 10.14
CA ARG A 82 0.02 13.95 10.38
C ARG A 82 -1.24 14.82 10.49
N GLN A 83 -1.25 15.72 11.47
CA GLN A 83 -2.41 16.58 11.69
C GLN A 83 -2.42 17.75 10.68
N VAL A 84 -3.61 18.04 10.15
CA VAL A 84 -3.75 19.07 9.13
C VAL A 84 -3.96 20.46 9.76
N PRO A 85 -3.06 21.43 9.48
CA PRO A 85 -3.15 22.79 10.05
C PRO A 85 -4.47 23.50 9.68
N GLY A 86 -5.16 24.03 10.69
CA GLY A 86 -6.46 24.64 10.47
C GLY A 86 -7.61 23.63 10.47
N SER A 87 -7.31 22.41 10.92
CA SER A 87 -8.32 21.33 10.98
C SER A 87 -8.19 20.54 12.29
N THR A 88 -9.27 19.85 12.67
CA THR A 88 -9.30 19.12 13.95
C THR A 88 -8.80 17.68 13.81
N GLN A 89 -8.99 17.09 12.62
CA GLN A 89 -8.61 15.69 12.38
C GLN A 89 -7.14 15.56 11.93
N LYS A 90 -6.55 14.39 12.20
CA LYS A 90 -5.23 14.07 11.67
C LYS A 90 -5.36 13.15 10.44
N ALA A 91 -4.60 13.43 9.39
CA ALA A 91 -4.70 12.69 8.14
C ALA A 91 -3.47 11.79 7.92
N LEU A 92 -3.70 10.59 7.39
CA LEU A 92 -2.63 9.65 7.12
C LEU A 92 -1.87 10.02 5.84
N TYR A 93 -0.62 10.47 5.99
CA TYR A 93 0.24 10.78 4.84
C TYR A 93 1.15 9.60 4.48
N LEU A 94 1.39 9.44 3.18
CA LEU A 94 2.12 8.28 2.64
C LEU A 94 3.22 8.74 1.68
N ARG A 95 4.31 7.97 1.58
CA ARG A 95 5.34 8.22 0.58
C ARG A 95 6.09 6.93 0.21
N ALA A 96 6.81 6.96 -0.91
CA ALA A 96 7.48 5.77 -1.45
C ALA A 96 8.61 5.25 -0.55
N LYS A 97 8.79 3.93 -0.54
CA LYS A 97 9.87 3.28 0.21
C LYS A 97 11.19 3.27 -0.59
N LEU A 98 12.21 3.93 -0.06
CA LEU A 98 13.54 3.95 -0.69
C LEU A 98 14.53 3.08 0.10
N GLU A 99 14.76 1.87 -0.39
CA GLU A 99 15.62 0.90 0.31
C GLU A 99 17.10 1.31 0.24
N HIS A 100 17.90 0.84 1.20
CA HIS A 100 19.36 1.00 1.11
C HIS A 100 19.92 -0.03 0.11
N HIS A 101 19.89 0.34 -1.17
CA HIS A 101 20.24 -0.58 -2.27
C HIS A 101 21.56 -1.33 -2.03
N HIS A 102 21.48 -2.65 -1.91
CA HIS A 102 22.67 -3.49 -1.75
C HIS A 102 23.28 -3.82 -3.13
N HIS A 103 24.48 -3.33 -3.38
CA HIS A 103 25.13 -3.55 -4.69
C HIS A 103 25.62 -5.01 -4.82
N HIS A 104 25.27 -5.65 -5.94
CA HIS A 104 25.69 -7.03 -6.19
C HIS A 104 27.03 -7.09 -6.94
N HIS A 105 28.02 -7.73 -6.32
CA HIS A 105 29.34 -7.93 -6.95
C HIS A 105 30.02 -9.22 -6.42
N MET A 1 25.44 -37.35 17.20
CA MET A 1 26.41 -36.33 17.65
C MET A 1 26.67 -35.28 16.53
N ASP A 2 26.10 -35.51 15.35
CA ASP A 2 26.33 -34.62 14.20
C ASP A 2 25.76 -33.22 14.44
N GLN A 3 26.57 -32.20 14.12
CA GLN A 3 26.16 -30.80 14.30
C GLN A 3 25.13 -30.36 13.24
N LYS A 4 24.27 -29.39 13.61
CA LYS A 4 23.25 -28.84 12.70
C LYS A 4 22.24 -29.90 12.20
N SER A 5 22.29 -31.11 12.76
CA SER A 5 21.47 -32.23 12.28
C SER A 5 19.98 -32.06 12.66
N SER A 6 19.14 -31.82 11.65
CA SER A 6 17.70 -31.69 11.84
C SER A 6 16.96 -31.68 10.49
N SER A 7 15.64 -31.80 10.52
CA SER A 7 14.83 -31.76 9.29
C SER A 7 13.37 -31.33 9.56
N PRO A 8 13.15 -30.03 9.86
CA PRO A 8 11.81 -29.47 10.03
C PRO A 8 11.28 -28.78 8.76
N GLN A 9 9.95 -28.78 8.58
CA GLN A 9 9.33 -28.08 7.45
C GLN A 9 7.89 -27.63 7.76
N PRO A 10 7.70 -26.34 8.09
CA PRO A 10 6.35 -25.77 8.28
C PRO A 10 5.67 -25.43 6.95
N ALA A 11 4.35 -25.61 6.88
CA ALA A 11 3.62 -25.35 5.63
C ALA A 11 2.25 -24.70 5.89
N ALA A 12 2.16 -23.39 5.62
CA ALA A 12 0.90 -22.65 5.73
C ALA A 12 0.11 -22.71 4.41
N GLN A 13 -1.09 -23.27 4.45
CA GLN A 13 -1.90 -23.45 3.24
C GLN A 13 -2.46 -22.10 2.73
N ALA A 14 -2.09 -21.72 1.52
CA ALA A 14 -2.53 -20.45 0.91
C ALA A 14 -3.85 -20.62 0.14
N PRO A 15 -4.61 -19.51 -0.04
CA PRO A 15 -5.87 -19.54 -0.82
C PRO A 15 -5.64 -19.88 -2.31
N GLU A 16 -6.73 -20.15 -3.03
CA GLU A 16 -6.65 -20.57 -4.43
C GLU A 16 -6.26 -19.41 -5.36
N THR A 17 -6.44 -18.18 -4.87
CA THR A 17 -6.11 -16.99 -5.66
C THR A 17 -5.07 -16.10 -4.96
N LYS A 18 -3.95 -15.84 -5.63
CA LYS A 18 -2.90 -14.96 -5.10
C LYS A 18 -2.68 -13.76 -6.04
N GLN A 19 -3.05 -12.56 -5.58
CA GLN A 19 -2.86 -11.33 -6.36
C GLN A 19 -1.50 -10.69 -6.06
N ALA A 20 -0.96 -9.94 -7.01
CA ALA A 20 0.32 -9.24 -6.84
C ALA A 20 0.13 -7.72 -6.80
N PHE A 21 0.85 -7.05 -5.89
CA PHE A 21 0.79 -5.58 -5.77
C PHE A 21 1.59 -4.89 -6.88
N PRO A 22 0.93 -4.17 -7.80
CA PRO A 22 1.62 -3.41 -8.84
C PRO A 22 2.15 -2.06 -8.32
N ARG A 23 3.43 -2.03 -7.95
CA ARG A 23 4.00 -0.81 -7.36
C ARG A 23 4.45 0.18 -8.44
N LYS A 24 4.70 -0.31 -9.66
CA LYS A 24 5.08 0.55 -10.79
C LYS A 24 4.02 1.65 -11.02
N PHE A 25 2.75 1.31 -10.83
CA PHE A 25 1.66 2.28 -11.00
C PHE A 25 1.35 3.01 -9.69
N VAL A 26 1.20 2.26 -8.60
CA VAL A 26 0.81 2.82 -7.30
C VAL A 26 1.83 3.87 -6.80
N LEU A 27 3.13 3.54 -6.82
CA LEU A 27 4.17 4.48 -6.38
C LEU A 27 4.18 5.74 -7.28
N ALA A 28 3.98 5.53 -8.58
CA ALA A 28 3.90 6.64 -9.54
C ALA A 28 2.73 7.58 -9.22
N ALA A 29 1.58 7.00 -8.90
CA ALA A 29 0.40 7.77 -8.50
C ALA A 29 0.61 8.45 -7.13
N LEU A 30 1.36 7.76 -6.27
CA LEU A 30 1.66 8.25 -4.92
C LEU A 30 2.48 9.56 -4.97
N GLU A 31 3.64 9.52 -5.64
CA GLU A 31 4.50 10.71 -5.74
C GLU A 31 3.79 11.89 -6.44
N GLN A 32 2.97 11.59 -7.44
CA GLN A 32 2.22 12.61 -8.18
C GLN A 32 1.08 13.20 -7.34
N SER A 33 0.70 12.52 -6.27
CA SER A 33 -0.34 13.02 -5.34
C SER A 33 0.28 13.63 -4.07
N SER A 34 1.60 13.77 -4.08
CA SER A 34 2.34 14.23 -2.89
C SER A 34 2.49 15.76 -2.84
N ASP A 35 2.89 16.25 -1.67
CA ASP A 35 3.22 17.67 -1.49
C ASP A 35 4.73 17.93 -1.71
N ASP A 36 5.17 19.16 -1.42
CA ASP A 36 6.58 19.56 -1.55
C ASP A 36 7.57 18.54 -0.94
N ALA A 37 7.22 17.99 0.22
CA ALA A 37 8.13 17.09 0.94
C ALA A 37 7.98 15.62 0.52
N GLY A 38 7.13 15.35 -0.47
CA GLY A 38 6.91 13.98 -0.93
C GLY A 38 5.93 13.19 -0.06
N TRP A 39 5.00 13.90 0.59
CA TRP A 39 3.92 13.26 1.37
C TRP A 39 2.58 13.41 0.65
N ALA A 40 1.90 12.28 0.40
CA ALA A 40 0.62 12.28 -0.29
C ALA A 40 -0.54 11.98 0.65
N ASN A 41 -1.51 12.89 0.73
CA ASN A 41 -2.69 12.70 1.57
C ASN A 41 -3.52 11.48 1.09
N LEU A 42 -3.95 10.64 2.02
CA LEU A 42 -4.75 9.45 1.71
C LEU A 42 -5.90 9.77 0.73
N GLY A 43 -6.52 10.93 0.90
CA GLY A 43 -7.59 11.37 0.00
C GLY A 43 -7.11 11.58 -1.43
N ASN A 44 -5.95 12.22 -1.58
CA ASN A 44 -5.38 12.48 -2.91
C ASN A 44 -4.86 11.17 -3.54
N PHE A 45 -4.17 10.37 -2.74
CA PHE A 45 -3.61 9.09 -3.18
C PHE A 45 -4.66 8.21 -3.88
N GLY A 46 -5.73 7.87 -3.16
CA GLY A 46 -6.80 7.03 -3.72
C GLY A 46 -7.45 7.65 -4.96
N ASN A 47 -7.56 8.97 -4.97
CA ASN A 47 -8.19 9.70 -6.08
C ASN A 47 -7.40 9.53 -7.38
N TYR A 48 -6.10 9.83 -7.33
CA TYR A 48 -5.23 9.75 -8.51
C TYR A 48 -4.88 8.29 -8.85
N LEU A 49 -4.74 7.46 -7.83
CA LEU A 49 -4.42 6.03 -8.02
C LEU A 49 -5.46 5.33 -8.90
N ASN A 50 -6.73 5.52 -8.57
CA ASN A 50 -7.83 4.87 -9.30
C ASN A 50 -7.86 5.29 -10.79
N LYS A 51 -7.30 6.47 -11.09
CA LYS A 51 -7.19 6.93 -12.48
C LYS A 51 -6.27 6.00 -13.29
N LEU A 52 -5.16 5.59 -12.69
CA LEU A 52 -4.19 4.72 -13.36
C LEU A 52 -4.57 3.24 -13.22
N GLN A 53 -5.09 2.86 -12.05
CA GLN A 53 -5.48 1.48 -11.77
C GLN A 53 -6.90 1.38 -11.18
N PRO A 54 -7.95 1.49 -12.02
CA PRO A 54 -9.34 1.31 -11.58
C PRO A 54 -9.65 -0.15 -11.23
N ASP A 55 -8.72 -1.03 -11.61
CA ASP A 55 -8.84 -2.47 -11.37
C ASP A 55 -8.20 -2.87 -10.02
N PHE A 56 -7.50 -1.93 -9.40
CA PHE A 56 -6.81 -2.19 -8.13
C PHE A 56 -7.69 -1.79 -6.93
N ASP A 57 -8.29 -2.79 -6.30
CA ASP A 57 -9.19 -2.56 -5.16
C ASP A 57 -8.77 -3.39 -3.92
N SER A 58 -8.89 -2.78 -2.75
CA SER A 58 -8.44 -3.40 -1.49
C SER A 58 -9.13 -4.74 -1.19
N ARG A 59 -10.41 -4.87 -1.60
CA ARG A 59 -11.18 -6.07 -1.32
C ARG A 59 -10.54 -7.32 -1.94
N LEU A 60 -9.85 -7.13 -3.06
CA LEU A 60 -9.19 -8.24 -3.77
C LEU A 60 -8.15 -8.95 -2.87
N TYR A 61 -7.57 -8.21 -1.93
CA TYR A 61 -6.55 -8.75 -1.03
C TYR A 61 -7.10 -9.02 0.38
N GLY A 62 -8.42 -8.90 0.54
CA GLY A 62 -9.05 -9.14 1.84
C GLY A 62 -8.98 -7.94 2.79
N TYR A 63 -8.92 -6.73 2.23
CA TYR A 63 -8.90 -5.50 3.04
C TYR A 63 -10.19 -4.68 2.87
N LYS A 64 -10.80 -4.30 3.98
CA LYS A 64 -12.07 -3.55 3.97
C LYS A 64 -11.98 -2.24 3.17
N LYS A 65 -10.83 -1.57 3.24
CA LYS A 65 -10.63 -0.29 2.55
C LYS A 65 -9.14 -0.03 2.26
N LEU A 66 -8.88 0.90 1.33
CA LEU A 66 -7.51 1.20 0.88
C LEU A 66 -6.58 1.57 2.04
N SER A 67 -7.08 2.38 2.97
CA SER A 67 -6.29 2.81 4.14
C SER A 67 -5.73 1.61 4.91
N ASP A 68 -6.60 0.65 5.24
CA ASP A 68 -6.20 -0.55 5.99
C ASP A 68 -5.12 -1.34 5.23
N LEU A 69 -5.22 -1.34 3.91
CA LEU A 69 -4.23 -2.00 3.04
C LEU A 69 -2.84 -1.36 3.19
N VAL A 70 -2.77 -0.05 2.97
CA VAL A 70 -1.51 0.69 2.99
C VAL A 70 -0.79 0.58 4.36
N LYS A 71 -1.54 0.80 5.44
CA LYS A 71 -0.96 0.74 6.79
C LYS A 71 -0.52 -0.67 7.19
N ALA A 72 -1.10 -1.69 6.53
CA ALA A 72 -0.69 -3.08 6.76
C ALA A 72 0.58 -3.42 5.97
N ARG A 73 0.67 -2.89 4.75
CA ARG A 73 1.80 -3.16 3.86
C ARG A 73 2.83 -2.01 3.91
N THR A 74 3.25 -1.64 5.13
CA THR A 74 4.24 -0.57 5.33
C THR A 74 5.61 -0.95 4.74
N ASP A 75 5.77 -2.24 4.43
CA ASP A 75 6.95 -2.72 3.70
C ASP A 75 7.05 -2.06 2.31
N LEU A 76 5.89 -1.72 1.74
CA LEU A 76 5.81 -1.06 0.44
C LEU A 76 5.70 0.47 0.60
N PHE A 77 4.86 0.91 1.53
CA PHE A 77 4.55 2.33 1.70
C PHE A 77 4.89 2.82 3.12
N VAL A 78 5.43 4.03 3.21
CA VAL A 78 5.68 4.66 4.51
C VAL A 78 4.43 5.41 4.99
N THR A 79 3.95 5.04 6.18
CA THR A 79 2.67 5.58 6.69
C THR A 79 2.87 6.42 7.97
N GLU A 80 2.34 7.64 7.97
CA GLU A 80 2.33 8.49 9.16
C GLU A 80 1.12 9.42 9.16
N GLU A 81 0.48 9.56 10.31
CA GLU A 81 -0.67 10.46 10.45
C GLU A 81 -0.20 11.87 10.82
N ARG A 82 -0.63 12.86 10.03
CA ARG A 82 -0.20 14.25 10.21
C ARG A 82 -1.38 15.15 10.59
N GLN A 83 -1.12 16.18 11.38
CA GLN A 83 -2.16 17.08 11.86
C GLN A 83 -2.55 18.11 10.79
N VAL A 84 -3.85 18.38 10.66
CA VAL A 84 -4.35 19.32 9.65
C VAL A 84 -4.37 20.76 10.19
N PRO A 85 -3.78 21.72 9.44
CA PRO A 85 -3.67 23.13 9.85
C PRO A 85 -4.96 23.73 10.46
N GLY A 86 -4.95 23.93 11.77
CA GLY A 86 -6.08 24.57 12.44
C GLY A 86 -7.30 23.67 12.60
N SER A 87 -7.11 22.36 12.44
CA SER A 87 -8.22 21.40 12.57
C SER A 87 -8.02 20.47 13.78
N THR A 88 -9.11 19.94 14.32
CA THR A 88 -9.05 19.01 15.45
C THR A 88 -8.70 17.59 14.99
N GLN A 89 -8.99 17.29 13.72
CA GLN A 89 -8.71 15.96 13.15
C GLN A 89 -7.37 15.93 12.42
N LYS A 90 -6.83 14.73 12.24
CA LYS A 90 -5.55 14.54 11.53
C LYS A 90 -5.76 13.77 10.21
N ALA A 91 -4.89 14.03 9.23
CA ALA A 91 -4.95 13.35 7.93
C ALA A 91 -3.78 12.37 7.75
N LEU A 92 -4.06 11.17 7.24
CA LEU A 92 -3.04 10.16 6.99
C LEU A 92 -2.26 10.47 5.70
N TYR A 93 -0.94 10.66 5.83
CA TYR A 93 -0.08 10.89 4.66
C TYR A 93 0.79 9.66 4.36
N LEU A 94 0.98 9.42 3.06
CA LEU A 94 1.69 8.23 2.57
C LEU A 94 2.84 8.64 1.64
N ARG A 95 3.93 7.85 1.65
CA ARG A 95 5.03 8.07 0.71
C ARG A 95 5.77 6.76 0.40
N ALA A 96 6.57 6.77 -0.67
CA ALA A 96 7.27 5.56 -1.12
C ALA A 96 8.34 5.09 -0.11
N LYS A 97 8.55 3.78 -0.06
CA LYS A 97 9.57 3.17 0.79
C LYS A 97 10.97 3.34 0.15
N LEU A 98 11.73 4.33 0.62
CA LEU A 98 13.03 4.66 0.04
C LEU A 98 14.18 3.96 0.78
N GLU A 99 14.66 2.86 0.21
CA GLU A 99 15.78 2.10 0.80
C GLU A 99 17.14 2.71 0.41
N HIS A 100 17.35 2.84 -0.90
CA HIS A 100 18.66 3.23 -1.44
C HIS A 100 19.06 4.67 -1.04
N HIS A 101 18.11 5.60 -1.13
CA HIS A 101 18.40 7.02 -0.83
C HIS A 101 17.11 7.87 -0.81
N HIS A 102 17.22 9.09 -0.29
CA HIS A 102 16.12 10.06 -0.34
C HIS A 102 16.29 11.04 -1.52
N HIS A 103 15.30 11.88 -1.77
CA HIS A 103 15.30 12.76 -2.96
C HIS A 103 15.95 14.13 -2.67
N HIS A 104 16.72 14.63 -3.65
CA HIS A 104 17.32 15.97 -3.56
C HIS A 104 16.36 17.03 -4.10
N HIS A 105 15.67 16.70 -5.20
CA HIS A 105 14.64 17.57 -5.77
C HIS A 105 13.24 17.06 -5.36
N MET A 1 35.27 -23.14 17.20
CA MET A 1 34.59 -23.28 18.52
C MET A 1 33.12 -23.73 18.37
N ASP A 2 32.34 -23.00 17.58
CA ASP A 2 30.91 -23.31 17.39
C ASP A 2 30.61 -23.56 15.91
N GLN A 3 29.86 -24.63 15.63
CA GLN A 3 29.50 -25.01 14.27
C GLN A 3 28.22 -24.28 13.81
N LYS A 4 28.27 -23.67 12.62
CA LYS A 4 27.16 -22.86 12.12
C LYS A 4 25.87 -23.68 11.87
N SER A 5 24.84 -23.41 12.66
CA SER A 5 23.52 -24.03 12.48
C SER A 5 22.71 -23.33 11.38
N SER A 6 22.39 -24.07 10.31
CA SER A 6 21.67 -23.51 9.16
C SER A 6 20.14 -23.59 9.36
N SER A 7 19.65 -24.82 9.55
CA SER A 7 18.22 -25.06 9.85
C SER A 7 17.29 -24.63 8.70
N PRO A 8 17.01 -25.53 7.75
CA PRO A 8 16.03 -25.28 6.68
C PRO A 8 14.57 -25.52 7.16
N GLN A 9 13.60 -25.39 6.25
CA GLN A 9 12.19 -25.60 6.60
C GLN A 9 11.32 -25.88 5.36
N PRO A 10 11.05 -27.16 5.06
CA PRO A 10 10.17 -27.56 3.95
C PRO A 10 8.68 -27.67 4.38
N ALA A 11 7.79 -27.01 3.65
CA ALA A 11 6.36 -27.02 3.99
C ALA A 11 5.48 -27.48 2.82
N ALA A 12 4.93 -28.68 2.92
CA ALA A 12 4.00 -29.20 1.91
C ALA A 12 2.62 -28.54 2.03
N GLN A 13 2.45 -27.40 1.36
CA GLN A 13 1.21 -26.62 1.43
C GLN A 13 0.60 -26.39 0.04
N ALA A 14 -0.71 -26.51 -0.08
CA ALA A 14 -1.42 -26.23 -1.33
C ALA A 14 -1.48 -24.71 -1.58
N PRO A 15 -1.03 -24.25 -2.77
CA PRO A 15 -0.98 -22.81 -3.11
C PRO A 15 -2.35 -22.11 -3.01
N GLU A 16 -2.38 -20.96 -2.34
CA GLU A 16 -3.60 -20.16 -2.21
C GLU A 16 -3.58 -18.96 -3.17
N THR A 17 -4.76 -18.50 -3.58
CA THR A 17 -4.88 -17.37 -4.51
C THR A 17 -4.33 -16.07 -3.92
N LYS A 18 -3.08 -15.74 -4.26
CA LYS A 18 -2.44 -14.51 -3.81
C LYS A 18 -2.18 -13.57 -5.01
N GLN A 19 -2.79 -12.38 -4.97
CA GLN A 19 -2.70 -11.42 -6.09
C GLN A 19 -1.41 -10.57 -6.02
N ALA A 20 -0.94 -10.11 -7.18
CA ALA A 20 0.29 -9.33 -7.27
C ALA A 20 0.04 -7.81 -7.29
N PHE A 21 0.63 -7.11 -6.31
CA PHE A 21 0.55 -5.64 -6.26
C PHE A 21 1.34 -4.98 -7.41
N PRO A 22 0.68 -4.18 -8.28
CA PRO A 22 1.39 -3.38 -9.27
C PRO A 22 1.96 -2.10 -8.65
N ARG A 23 3.25 -2.11 -8.32
CA ARG A 23 3.86 -1.03 -7.53
C ARG A 23 4.26 0.18 -8.39
N LYS A 24 4.54 -0.01 -9.67
CA LYS A 24 4.89 1.11 -10.55
C LYS A 24 3.76 2.14 -10.62
N PHE A 25 2.55 1.67 -10.91
CA PHE A 25 1.37 2.55 -10.99
C PHE A 25 1.05 3.21 -9.65
N VAL A 26 1.07 2.41 -8.58
CA VAL A 26 0.74 2.90 -7.23
C VAL A 26 1.77 3.93 -6.74
N LEU A 27 3.05 3.58 -6.80
CA LEU A 27 4.12 4.49 -6.36
C LEU A 27 4.17 5.76 -7.22
N ALA A 28 3.95 5.62 -8.54
CA ALA A 28 3.86 6.77 -9.43
C ALA A 28 2.71 7.70 -9.01
N ALA A 29 1.55 7.11 -8.71
CA ALA A 29 0.40 7.88 -8.21
C ALA A 29 0.74 8.56 -6.86
N LEU A 30 1.45 7.81 -6.02
CA LEU A 30 1.85 8.30 -4.70
C LEU A 30 2.76 9.54 -4.79
N GLU A 31 3.86 9.44 -5.53
CA GLU A 31 4.82 10.55 -5.67
C GLU A 31 4.19 11.75 -6.42
N GLN A 32 3.15 11.49 -7.22
CA GLN A 32 2.41 12.56 -7.92
C GLN A 32 1.27 13.12 -7.04
N SER A 33 0.88 12.37 -6.02
CA SER A 33 -0.14 12.82 -5.06
C SER A 33 0.50 13.45 -3.82
N SER A 34 1.82 13.59 -3.84
CA SER A 34 2.57 14.11 -2.68
C SER A 34 2.67 15.63 -2.67
N ASP A 35 2.51 16.22 -1.49
CA ASP A 35 2.79 17.64 -1.26
C ASP A 35 4.29 17.93 -1.40
N ASP A 36 4.64 19.22 -1.42
CA ASP A 36 6.04 19.66 -1.52
C ASP A 36 6.95 19.00 -0.44
N ALA A 37 6.36 18.64 0.70
CA ALA A 37 7.12 18.04 1.80
C ALA A 37 7.47 16.56 1.54
N GLY A 38 7.00 16.01 0.43
CA GLY A 38 7.30 14.62 0.09
C GLY A 38 6.33 13.61 0.72
N TRP A 39 5.14 14.10 1.12
CA TRP A 39 4.10 13.25 1.71
C TRP A 39 2.79 13.38 0.95
N ALA A 40 2.11 12.26 0.71
CA ALA A 40 0.86 12.26 -0.05
C ALA A 40 -0.35 12.03 0.86
N ASN A 41 -1.29 12.97 0.87
CA ASN A 41 -2.52 12.84 1.65
C ASN A 41 -3.38 11.69 1.11
N LEU A 42 -3.78 10.78 2.01
CA LEU A 42 -4.60 9.61 1.66
C LEU A 42 -5.75 9.96 0.69
N GLY A 43 -6.37 11.12 0.91
CA GLY A 43 -7.48 11.56 0.06
C GLY A 43 -7.12 11.65 -1.42
N ASN A 44 -6.07 12.41 -1.73
CA ASN A 44 -5.61 12.56 -3.12
C ASN A 44 -5.02 11.26 -3.65
N PHE A 45 -4.40 10.47 -2.77
CA PHE A 45 -3.83 9.17 -3.17
C PHE A 45 -4.93 8.22 -3.67
N GLY A 46 -5.97 8.02 -2.86
CA GLY A 46 -7.08 7.18 -3.27
C GLY A 46 -7.76 7.66 -4.55
N ASN A 47 -7.64 8.96 -4.83
CA ASN A 47 -8.18 9.56 -6.05
C ASN A 47 -7.31 9.19 -7.27
N TYR A 48 -6.07 9.68 -7.29
CA TYR A 48 -5.18 9.54 -8.45
C TYR A 48 -4.79 8.07 -8.68
N LEU A 49 -4.70 7.28 -7.61
CA LEU A 49 -4.37 5.86 -7.72
C LEU A 49 -5.41 5.11 -8.58
N ASN A 50 -6.69 5.25 -8.24
CA ASN A 50 -7.75 4.55 -8.95
C ASN A 50 -7.83 4.99 -10.42
N LYS A 51 -7.36 6.21 -10.71
CA LYS A 51 -7.26 6.70 -12.08
C LYS A 51 -6.27 5.87 -12.91
N LEU A 52 -5.14 5.50 -12.29
CA LEU A 52 -4.11 4.71 -12.96
C LEU A 52 -4.46 3.22 -12.96
N GLN A 53 -4.99 2.73 -11.84
CA GLN A 53 -5.42 1.33 -11.71
C GLN A 53 -6.87 1.21 -11.23
N PRO A 54 -7.85 1.31 -12.17
CA PRO A 54 -9.28 1.15 -11.85
C PRO A 54 -9.64 -0.30 -11.47
N ASP A 55 -8.78 -1.25 -11.83
CA ASP A 55 -8.99 -2.67 -11.56
C ASP A 55 -8.45 -3.06 -10.16
N PHE A 56 -7.76 -2.12 -9.52
CA PHE A 56 -7.16 -2.36 -8.20
C PHE A 56 -8.16 -2.02 -7.07
N ASP A 57 -8.76 -3.05 -6.48
CA ASP A 57 -9.74 -2.86 -5.41
C ASP A 57 -9.24 -3.47 -4.08
N SER A 58 -9.52 -2.79 -2.97
CA SER A 58 -9.07 -3.22 -1.63
C SER A 58 -9.56 -4.63 -1.27
N ARG A 59 -10.77 -5.00 -1.70
CA ARG A 59 -11.35 -6.31 -1.34
C ARG A 59 -10.59 -7.48 -1.99
N LEU A 60 -9.85 -7.20 -3.07
CA LEU A 60 -9.08 -8.23 -3.78
C LEU A 60 -8.00 -8.85 -2.87
N TYR A 61 -7.60 -8.13 -1.84
CA TYR A 61 -6.56 -8.60 -0.91
C TYR A 61 -7.10 -8.85 0.50
N GLY A 62 -8.43 -8.89 0.63
CA GLY A 62 -9.07 -9.17 1.91
C GLY A 62 -9.05 -8.00 2.88
N TYR A 63 -8.99 -6.77 2.34
CA TYR A 63 -9.00 -5.56 3.17
C TYR A 63 -10.30 -4.77 2.98
N LYS A 64 -10.79 -4.14 4.05
CA LYS A 64 -12.05 -3.39 4.02
C LYS A 64 -11.94 -2.11 3.16
N LYS A 65 -10.85 -1.39 3.31
CA LYS A 65 -10.62 -0.14 2.56
C LYS A 65 -9.12 0.13 2.35
N LEU A 66 -8.81 1.01 1.38
CA LEU A 66 -7.42 1.32 1.04
C LEU A 66 -6.59 1.73 2.27
N SER A 67 -7.21 2.49 3.17
CA SER A 67 -6.58 2.92 4.42
C SER A 67 -6.01 1.74 5.21
N ASP A 68 -6.79 0.65 5.27
CA ASP A 68 -6.40 -0.55 6.02
C ASP A 68 -5.30 -1.33 5.28
N LEU A 69 -5.34 -1.28 3.94
CA LEU A 69 -4.36 -1.96 3.09
C LEU A 69 -2.95 -1.32 3.20
N VAL A 70 -2.88 -0.02 2.93
CA VAL A 70 -1.60 0.69 2.87
C VAL A 70 -0.78 0.56 4.17
N LYS A 71 -1.42 0.83 5.31
CA LYS A 71 -0.73 0.79 6.61
C LYS A 71 -0.20 -0.62 6.93
N ALA A 72 -0.78 -1.64 6.33
CA ALA A 72 -0.32 -3.01 6.50
C ALA A 72 0.92 -3.29 5.62
N ARG A 73 0.95 -2.70 4.44
CA ARG A 73 2.03 -2.94 3.47
C ARG A 73 3.20 -1.95 3.65
N THR A 74 3.64 -1.76 4.89
CA THR A 74 4.74 -0.85 5.23
C THR A 74 6.03 -1.18 4.44
N ASP A 75 6.17 -2.42 4.01
CA ASP A 75 7.30 -2.85 3.17
C ASP A 75 7.40 -2.00 1.89
N LEU A 76 6.25 -1.57 1.37
CA LEU A 76 6.18 -0.74 0.16
C LEU A 76 5.91 0.73 0.50
N PHE A 77 4.99 0.97 1.43
CA PHE A 77 4.51 2.33 1.73
C PHE A 77 4.83 2.76 3.17
N VAL A 78 5.45 3.93 3.33
CA VAL A 78 5.69 4.51 4.66
C VAL A 78 4.48 5.36 5.08
N THR A 79 3.90 5.04 6.24
CA THR A 79 2.66 5.71 6.69
C THR A 79 2.86 6.50 7.98
N GLU A 80 2.41 7.76 7.98
CA GLU A 80 2.36 8.57 9.21
C GLU A 80 1.13 9.48 9.22
N GLU A 81 0.32 9.39 10.28
CA GLU A 81 -0.85 10.26 10.45
C GLU A 81 -0.45 11.56 11.18
N ARG A 82 -0.62 12.68 10.50
CA ARG A 82 -0.18 13.99 11.03
C ARG A 82 -1.39 14.91 11.25
N GLN A 83 -1.28 15.82 12.22
CA GLN A 83 -2.35 16.77 12.53
C GLN A 83 -2.34 17.93 11.52
N VAL A 84 -3.50 18.23 10.95
CA VAL A 84 -3.61 19.27 9.92
C VAL A 84 -3.84 20.66 10.53
N PRO A 85 -2.92 21.63 10.28
CA PRO A 85 -3.04 23.01 10.81
C PRO A 85 -4.34 23.70 10.38
N GLY A 86 -5.06 24.25 11.36
CA GLY A 86 -6.34 24.90 11.08
C GLY A 86 -7.53 23.94 11.15
N SER A 87 -7.27 22.65 10.95
CA SER A 87 -8.32 21.62 11.02
C SER A 87 -8.22 20.80 12.32
N THR A 88 -9.34 20.23 12.76
CA THR A 88 -9.38 19.47 14.01
C THR A 88 -9.11 17.97 13.79
N GLN A 89 -8.93 17.57 12.53
CA GLN A 89 -8.67 16.17 12.19
C GLN A 89 -7.18 15.92 11.88
N LYS A 90 -6.77 14.66 11.99
CA LYS A 90 -5.43 14.23 11.59
C LYS A 90 -5.50 13.35 10.32
N ALA A 91 -4.63 13.60 9.35
CA ALA A 91 -4.70 12.91 8.06
C ALA A 91 -3.56 11.90 7.88
N LEU A 92 -3.86 10.80 7.21
CA LEU A 92 -2.86 9.77 6.93
C LEU A 92 -2.02 10.15 5.71
N TYR A 93 -0.76 10.51 5.94
CA TYR A 93 0.16 10.84 4.86
C TYR A 93 1.04 9.63 4.48
N LEU A 94 1.21 9.42 3.18
CA LEU A 94 1.89 8.25 2.65
C LEU A 94 3.08 8.65 1.76
N ARG A 95 4.19 7.94 1.86
CA ARG A 95 5.31 8.14 0.94
C ARG A 95 6.01 6.81 0.63
N ALA A 96 6.68 6.73 -0.51
CA ALA A 96 7.28 5.49 -0.98
C ALA A 96 8.53 5.10 -0.16
N LYS A 97 8.71 3.79 0.03
CA LYS A 97 9.92 3.27 0.67
C LYS A 97 11.10 3.28 -0.32
N LEU A 98 11.92 4.33 -0.23
CA LEU A 98 13.05 4.50 -1.14
C LEU A 98 14.39 4.20 -0.43
N GLU A 99 14.92 3.01 -0.66
CA GLU A 99 16.19 2.60 -0.05
C GLU A 99 17.10 1.92 -1.07
N HIS A 100 16.53 1.01 -1.87
CA HIS A 100 17.30 0.30 -2.90
C HIS A 100 17.74 1.23 -4.04
N HIS A 101 17.34 2.51 -3.95
CA HIS A 101 17.85 3.58 -4.83
C HIS A 101 18.00 4.88 -4.04
N HIS A 102 19.24 5.21 -3.68
CA HIS A 102 19.54 6.41 -2.89
C HIS A 102 20.72 7.17 -3.52
N HIS A 103 20.45 8.35 -4.07
CA HIS A 103 21.43 9.09 -4.88
C HIS A 103 22.63 9.59 -4.06
N HIS A 104 22.41 9.89 -2.78
CA HIS A 104 23.49 10.37 -1.90
C HIS A 104 23.19 10.04 -0.43
N HIS A 105 24.13 10.36 0.46
CA HIS A 105 23.96 10.14 1.91
C HIS A 105 22.78 10.95 2.49
#